data_7N3Y
#
_entry.id   7N3Y
#
_cell.length_a   69.408
_cell.length_b   101.473
_cell.length_c   144.973
_cell.angle_alpha   90.00
_cell.angle_beta   90.14
_cell.angle_gamma   90.00
#
_symmetry.space_group_name_H-M   'P 1 21 1'
#
loop_
_entity.id
_entity.type
_entity.pdbx_description
1 polymer 'DNA-(apurinic or apyrimidinic site) endonuclease 2'
2 polymer "DNA (5'-D(*TP*CP*CP*GP*AP*AP*AP*TP*(PST)P*(PST)P*(SC)P*(GS)P*(GS))-3')"
3 polymer "DNA (5'-D(*CP*CP*GP*AP*AP*AP*TP*TP*(PST)P*(SC)P*(GS)P*(GS)P*(AS))-3')"
4 non-polymer 'D(-)-TARTARIC ACID'
5 non-polymer 'CALCIUM ION'
6 non-polymer 'L(+)-TARTARIC ACID'
7 non-polymer 'CITRIC ACID'
8 non-polymer 1,2-ETHANEDIOL
9 water water
#
loop_
_entity_poly.entity_id
_entity_poly.type
_entity_poly.pdbx_seq_one_letter_code
_entity_poly.pdbx_strand_id
1 'polypeptide(L)'
;MSSSENTLLDGKSENTIRFLTFNVNGIRTFFHYQPFSQMNQSLRSVFDFFRADIITFQQLKTEKLSISKWGRVDGFYSFI
SIPQTRKGYSGVGCWIRIPEKNHPLYHALQVVKAEEGITGYLTIKNGKHSAISYRNDVNQGIGGYDSLDPDLDEKSALEL
DSEGRCVMVELACGIVIISVYCPANSNSSEEGEMFRLRFLKVLLRRVRNLDKIGKKIVLMGNVNVCRDLIDSADTLEQFS
IPITDPMGGTKLEAQYRDKAIQFIINPDTPHRRIFNQILADSLLPDASKRGILIDTTRLIQTRNRLKMYTVWNMLKNLRP
SNYGSRIDFILVSLKLERCIKAADILPDILGSDHCPVYSDLDILDDRIEPGTTQVPIPKFEARYKYNLRNHNVLEMFAKK
DTNKESNENLYFQ
;
A,B,C,D
2 'polydeoxyribonucleotide' (DT)(DC)(DC)(DG)(DA)(DA)(DA)(DT)(PST)(PST)(SC)(GS)(GS) E,F,G
3 'polydeoxyribonucleotide' (DC)(DC)(DG)(DA)(DA)(DA)(DT)(DT)(PST)(SC)(GS)(GS)(AS) H
#
# COMPACT_ATOMS: atom_id res chain seq x y z
N GLY A 11 -8.77 13.50 46.05
CA GLY A 11 -7.79 12.56 46.56
C GLY A 11 -8.22 12.00 47.88
N LYS A 12 -7.38 11.18 48.48
CA LYS A 12 -7.74 10.59 49.76
C LYS A 12 -6.94 11.23 50.89
N SER A 13 -7.53 11.22 52.08
CA SER A 13 -6.88 11.79 53.26
C SER A 13 -5.60 11.04 53.59
N GLU A 14 -4.83 11.60 54.53
CA GLU A 14 -3.48 11.12 54.78
C GLU A 14 -3.46 9.79 55.53
N ASN A 15 -4.35 9.62 56.50
CA ASN A 15 -4.31 8.44 57.36
C ASN A 15 -5.65 7.70 57.36
N THR A 16 -6.32 7.66 56.22
CA THR A 16 -7.53 6.87 56.07
C THR A 16 -7.25 5.63 55.23
N ILE A 17 -8.01 4.58 55.49
CA ILE A 17 -7.91 3.33 54.74
C ILE A 17 -8.93 3.39 53.61
N ARG A 18 -8.47 3.22 52.38
CA ARG A 18 -9.37 3.22 51.22
C ARG A 18 -9.75 1.79 50.87
N PHE A 19 -11.03 1.48 51.04
CA PHE A 19 -11.58 0.21 50.59
C PHE A 19 -12.06 0.36 49.16
N LEU A 20 -11.72 -0.62 48.33
CA LEU A 20 -12.07 -0.60 46.91
C LEU A 20 -12.63 -1.96 46.52
N THR A 21 -13.81 -1.96 45.89
CA THR A 21 -14.39 -3.18 45.34
C THR A 21 -14.59 -3.01 43.84
N PHE A 22 -14.43 -4.11 43.10
CA PHE A 22 -14.45 -4.05 41.65
C PHE A 22 -14.75 -5.43 41.11
N ASN A 23 -15.85 -5.57 40.37
CA ASN A 23 -16.15 -6.81 39.65
C ASN A 23 -15.48 -6.70 38.29
N VAL A 24 -14.24 -7.20 38.21
CA VAL A 24 -13.43 -7.02 37.01
C VAL A 24 -13.94 -7.84 35.84
N ASN A 25 -14.75 -8.85 36.10
CA ASN A 25 -15.26 -9.74 35.07
C ASN A 25 -14.13 -10.27 34.19
N GLY A 26 -13.22 -10.99 34.84
CA GLY A 26 -12.02 -11.48 34.17
C GLY A 26 -10.84 -10.56 34.43
N ILE A 27 -9.97 -10.94 35.37
CA ILE A 27 -8.86 -10.08 35.75
C ILE A 27 -7.86 -9.95 34.61
N ARG A 28 -7.70 -10.99 33.78
CA ARG A 28 -6.79 -10.91 32.65
C ARG A 28 -7.34 -9.97 31.58
N THR A 29 -8.66 -9.96 31.39
CA THR A 29 -9.25 -9.16 30.32
C THR A 29 -9.26 -7.68 30.68
N PHE A 30 -9.48 -7.36 31.95
CA PHE A 30 -9.53 -5.96 32.36
C PHE A 30 -8.19 -5.27 32.18
N PHE A 31 -7.07 -6.02 32.19
CA PHE A 31 -5.75 -5.47 31.91
C PHE A 31 -5.53 -5.16 30.43
N HIS A 32 -6.54 -5.30 29.57
CA HIS A 32 -6.42 -4.95 28.17
C HIS A 32 -6.96 -3.56 27.87
N TYR A 33 -7.44 -2.84 28.88
CA TYR A 33 -8.07 -1.54 28.70
C TYR A 33 -7.20 -0.43 29.29
N GLN A 34 -7.24 0.73 28.64
CA GLN A 34 -6.55 1.89 29.17
C GLN A 34 -7.19 2.30 30.50
N PRO A 35 -6.39 2.70 31.51
CA PRO A 35 -4.93 2.79 31.45
C PRO A 35 -4.21 1.52 31.93
N PHE A 36 -4.98 0.50 32.33
CA PHE A 36 -4.38 -0.68 32.92
C PHE A 36 -3.55 -1.48 31.93
N SER A 37 -3.80 -1.34 30.63
CA SER A 37 -2.98 -1.99 29.63
C SER A 37 -1.56 -1.44 29.59
N GLN A 38 -1.30 -0.30 30.24
CA GLN A 38 0.04 0.26 30.34
C GLN A 38 0.79 -0.21 31.57
N MET A 39 0.14 -0.94 32.47
CA MET A 39 0.69 -1.30 33.77
C MET A 39 1.29 -2.70 33.80
N ASN A 40 1.42 -3.36 32.64
CA ASN A 40 2.12 -4.64 32.53
C ASN A 40 1.56 -5.69 33.50
N GLN A 41 0.23 -5.73 33.61
CA GLN A 41 -0.46 -6.73 34.42
C GLN A 41 -0.02 -6.71 35.88
N SER A 42 0.31 -5.53 36.41
CA SER A 42 0.79 -5.37 37.77
C SER A 42 -0.35 -4.86 38.66
N LEU A 43 -0.83 -5.73 39.56
CA LEU A 43 -1.87 -5.31 40.49
C LEU A 43 -1.38 -4.18 41.39
N ARG A 44 -0.08 -4.14 41.69
CA ARG A 44 0.47 -3.07 42.52
C ARG A 44 0.32 -1.72 41.83
N SER A 45 0.52 -1.67 40.52
CA SER A 45 0.30 -0.43 39.79
C SER A 45 -1.18 -0.04 39.80
N VAL A 46 -2.07 -1.04 39.70
CA VAL A 46 -3.51 -0.75 39.77
C VAL A 46 -3.88 -0.19 41.14
N PHE A 47 -3.37 -0.81 42.21
CA PHE A 47 -3.73 -0.38 43.55
C PHE A 47 -3.19 1.01 43.85
N ASP A 48 -1.96 1.32 43.41
CA ASP A 48 -1.44 2.67 43.56
C ASP A 48 -2.20 3.67 42.70
N PHE A 49 -2.73 3.23 41.56
CA PHE A 49 -3.52 4.13 40.72
C PHE A 49 -4.78 4.57 41.42
N PHE A 50 -5.47 3.65 42.10
CA PHE A 50 -6.66 3.99 42.86
C PHE A 50 -6.32 4.47 44.27
N ARG A 51 -5.04 4.47 44.66
CA ARG A 51 -4.62 4.88 46.00
C ARG A 51 -5.36 4.08 47.06
N ALA A 52 -5.56 2.80 46.80
CA ALA A 52 -6.36 1.94 47.66
C ALA A 52 -5.47 1.07 48.54
N ASP A 53 -6.00 0.70 49.71
CA ASP A 53 -5.27 -0.09 50.70
C ASP A 53 -5.87 -1.47 50.93
N ILE A 54 -7.19 -1.60 50.82
CA ILE A 54 -7.88 -2.88 50.97
C ILE A 54 -8.78 -3.04 49.75
N ILE A 55 -8.43 -3.96 48.85
CA ILE A 55 -9.06 -4.08 47.55
C ILE A 55 -9.65 -5.47 47.43
N THR A 56 -10.84 -5.57 46.82
CA THR A 56 -11.43 -6.85 46.47
C THR A 56 -11.85 -6.84 45.01
N PHE A 57 -11.47 -7.89 44.28
CA PHE A 57 -11.86 -8.10 42.89
C PHE A 57 -12.73 -9.33 42.81
N GLN A 58 -13.92 -9.18 42.22
CA GLN A 58 -14.83 -10.30 42.05
C GLN A 58 -14.83 -10.75 40.59
N GLN A 59 -15.23 -12.01 40.38
CA GLN A 59 -15.31 -12.62 39.06
C GLN A 59 -13.96 -12.57 38.35
N LEU A 60 -12.97 -13.19 38.99
CA LEU A 60 -11.62 -13.20 38.43
C LEU A 60 -11.55 -13.98 37.13
N LYS A 61 -12.36 -15.05 37.00
CA LYS A 61 -12.32 -15.92 35.82
C LYS A 61 -10.91 -16.41 35.54
N THR A 62 -10.21 -16.80 36.60
CA THR A 62 -8.82 -17.20 36.49
C THR A 62 -8.67 -18.70 36.77
N GLU A 63 -7.42 -19.15 36.87
CA GLU A 63 -7.12 -20.55 37.16
C GLU A 63 -5.94 -20.59 38.13
N LYS A 64 -5.72 -21.80 38.68
CA LYS A 64 -4.68 -21.96 39.70
C LYS A 64 -3.30 -21.60 39.16
N LEU A 65 -3.05 -21.89 37.87
CA LEU A 65 -1.76 -21.58 37.28
C LEU A 65 -1.47 -20.08 37.27
N SER A 66 -2.50 -19.25 37.10
CA SER A 66 -2.30 -17.82 37.03
C SER A 66 -2.15 -17.16 38.39
N ILE A 67 -2.43 -17.87 39.49
CA ILE A 67 -2.30 -17.28 40.82
C ILE A 67 -0.86 -16.92 41.12
N SER A 68 0.10 -17.54 40.43
CA SER A 68 1.49 -17.14 40.56
C SER A 68 1.73 -15.69 40.14
N LYS A 69 0.74 -15.06 39.50
CA LYS A 69 0.83 -13.68 39.07
C LYS A 69 -0.08 -12.77 39.90
N TRP A 70 -1.33 -13.16 40.13
CA TRP A 70 -2.25 -12.35 40.92
C TRP A 70 -2.06 -12.54 42.42
N GLY A 71 -1.37 -13.59 42.84
CA GLY A 71 -1.17 -13.85 44.26
C GLY A 71 0.12 -13.34 44.86
N ARG A 72 1.01 -12.77 44.05
CA ARG A 72 2.27 -12.20 44.53
C ARG A 72 2.32 -10.74 44.08
N VAL A 73 1.88 -9.84 44.96
CA VAL A 73 1.87 -8.41 44.70
C VAL A 73 2.83 -7.76 45.68
N ASP A 74 3.79 -7.01 45.16
CA ASP A 74 4.81 -6.40 46.00
C ASP A 74 4.19 -5.37 46.93
N GLY A 75 4.39 -5.55 48.24
CA GLY A 75 3.85 -4.66 49.22
C GLY A 75 2.45 -4.99 49.70
N PHE A 76 1.88 -6.11 49.26
CA PHE A 76 0.52 -6.48 49.57
C PHE A 76 0.46 -7.93 50.03
N TYR A 77 -0.56 -8.25 50.81
CA TYR A 77 -0.96 -9.62 51.09
C TYR A 77 -2.07 -10.01 50.13
N SER A 78 -2.06 -11.27 49.68
CA SER A 78 -3.02 -11.75 48.71
C SER A 78 -3.83 -12.91 49.28
N PHE A 79 -5.16 -12.80 49.21
CA PHE A 79 -6.07 -13.87 49.59
C PHE A 79 -7.04 -14.08 48.44
N ILE A 80 -6.98 -15.26 47.82
CA ILE A 80 -7.70 -15.55 46.58
C ILE A 80 -8.48 -16.85 46.75
N SER A 81 -9.75 -16.84 46.36
CA SER A 81 -10.61 -18.02 46.40
C SER A 81 -11.13 -18.29 44.99
N ILE A 82 -10.86 -19.49 44.49
CA ILE A 82 -11.33 -19.88 43.16
C ILE A 82 -12.05 -21.22 43.28
N PRO A 83 -12.87 -21.57 42.28
CA PRO A 83 -13.47 -22.91 42.25
C PRO A 83 -12.40 -24.00 42.29
N GLN A 84 -12.78 -25.15 42.85
CA GLN A 84 -11.83 -26.24 43.02
C GLN A 84 -11.35 -26.76 41.67
N THR A 85 -12.28 -27.00 40.74
CA THR A 85 -11.94 -27.60 39.45
C THR A 85 -12.28 -26.73 38.26
N ARG A 86 -13.40 -26.02 38.29
CA ARG A 86 -13.84 -25.24 37.14
C ARG A 86 -12.93 -24.03 36.93
N LYS A 87 -12.43 -23.88 35.71
CA LYS A 87 -11.53 -22.79 35.34
C LYS A 87 -12.29 -21.66 34.65
N GLY A 88 -11.74 -20.46 34.74
CA GLY A 88 -12.32 -19.30 34.09
C GLY A 88 -13.72 -18.96 34.56
N TYR A 89 -14.03 -19.23 35.83
CA TYR A 89 -15.38 -19.03 36.35
C TYR A 89 -15.31 -18.48 37.77
N SER A 90 -16.09 -17.43 38.03
CA SER A 90 -16.25 -16.86 39.37
C SER A 90 -14.86 -16.47 39.91
N GLY A 91 -14.66 -16.60 41.22
CA GLY A 91 -13.38 -16.28 41.83
C GLY A 91 -13.36 -14.92 42.50
N VAL A 92 -12.80 -14.85 43.71
CA VAL A 92 -12.75 -13.62 44.50
C VAL A 92 -11.33 -13.45 45.04
N GLY A 93 -10.84 -12.22 44.98
CA GLY A 93 -9.53 -11.90 45.54
C GLY A 93 -9.62 -10.69 46.44
N CYS A 94 -8.80 -10.72 47.49
CA CYS A 94 -8.71 -9.60 48.43
C CYS A 94 -7.23 -9.31 48.70
N TRP A 95 -6.89 -8.03 48.70
CA TRP A 95 -5.49 -7.60 48.87
C TRP A 95 -5.43 -6.54 49.96
N ILE A 96 -4.52 -6.75 50.91
CA ILE A 96 -4.31 -5.84 52.04
C ILE A 96 -2.93 -5.22 51.88
N ARG A 97 -2.86 -3.90 51.83
CA ARG A 97 -1.59 -3.22 51.71
C ARG A 97 -0.76 -3.37 52.99
N ILE A 98 0.53 -3.63 52.81
CA ILE A 98 1.48 -3.70 53.92
C ILE A 98 2.11 -2.32 54.11
N PRO A 99 1.72 -1.57 55.12
CA PRO A 99 2.36 -0.27 55.36
C PRO A 99 3.73 -0.45 56.02
N GLU A 100 4.49 0.63 56.04
CA GLU A 100 5.81 0.62 56.64
C GLU A 100 5.71 0.71 58.16
N LYS A 101 6.80 0.35 58.83
CA LYS A 101 6.78 0.28 60.29
C LYS A 101 6.57 1.66 60.93
N ASN A 102 7.00 2.72 60.25
CA ASN A 102 6.86 4.07 60.75
C ASN A 102 5.51 4.70 60.41
N HIS A 103 4.55 3.91 59.95
CA HIS A 103 3.23 4.39 59.58
C HIS A 103 2.26 4.20 60.75
N PRO A 104 1.36 5.17 60.98
CA PRO A 104 0.42 5.03 62.11
C PRO A 104 -0.58 3.90 61.93
N LEU A 105 -0.83 3.44 60.70
CA LEU A 105 -1.73 2.33 60.43
C LEU A 105 -1.01 1.01 60.29
N TYR A 106 0.19 0.88 60.86
CA TYR A 106 0.97 -0.34 60.71
C TYR A 106 0.37 -1.47 61.54
N HIS A 107 0.14 -1.22 62.83
CA HIS A 107 -0.45 -2.24 63.69
C HIS A 107 -1.93 -2.48 63.37
N ALA A 108 -2.61 -1.50 62.78
CA ALA A 108 -4.02 -1.66 62.46
C ALA A 108 -4.23 -2.61 61.30
N LEU A 109 -3.44 -2.45 60.23
CA LEU A 109 -3.56 -3.27 59.03
C LEU A 109 -2.84 -4.62 59.14
N GLN A 110 -2.52 -5.07 60.35
CA GLN A 110 -1.93 -6.38 60.54
C GLN A 110 -3.00 -7.45 60.37
N VAL A 111 -2.77 -8.39 59.45
CA VAL A 111 -3.73 -9.46 59.18
C VAL A 111 -3.46 -10.59 60.17
N VAL A 112 -4.47 -10.89 61.01
CA VAL A 112 -4.32 -11.89 62.05
C VAL A 112 -5.01 -13.19 61.66
N LYS A 113 -6.04 -13.09 60.81
CA LYS A 113 -6.78 -14.27 60.37
C LYS A 113 -7.25 -14.06 58.94
N ALA A 114 -7.51 -15.18 58.26
CA ALA A 114 -8.01 -15.16 56.89
C ALA A 114 -8.72 -16.48 56.62
N GLU A 115 -9.86 -16.40 55.93
CA GLU A 115 -10.76 -17.54 55.79
C GLU A 115 -11.37 -17.53 54.39
N GLU A 116 -11.76 -18.72 53.93
CA GLU A 116 -12.35 -18.90 52.61
C GLU A 116 -13.77 -19.42 52.76
N GLY A 117 -14.73 -18.73 52.11
CA GLY A 117 -16.11 -19.15 52.12
C GLY A 117 -16.94 -18.49 53.21
N ILE A 118 -18.22 -18.84 53.21
CA ILE A 118 -19.16 -18.31 54.19
C ILE A 118 -19.54 -19.32 55.26
N THR A 119 -19.50 -20.62 54.96
CA THR A 119 -19.99 -21.64 55.88
C THR A 119 -18.97 -22.05 56.93
N GLY A 120 -17.69 -22.02 56.60
CA GLY A 120 -16.66 -22.51 57.50
C GLY A 120 -16.25 -23.94 57.28
N TYR A 121 -16.90 -24.66 56.35
CA TYR A 121 -16.61 -26.06 56.11
C TYR A 121 -15.42 -26.28 55.18
N LEU A 122 -14.96 -25.24 54.48
CA LEU A 122 -13.75 -25.37 53.67
C LEU A 122 -12.54 -25.62 54.57
N THR A 123 -11.59 -26.38 54.04
CA THR A 123 -10.45 -26.84 54.83
C THR A 123 -9.19 -26.06 54.47
N ILE A 124 -8.20 -26.19 55.35
CA ILE A 124 -6.86 -25.63 55.14
C ILE A 124 -5.85 -26.72 55.46
N LYS A 125 -4.71 -26.68 54.78
CA LYS A 125 -3.68 -27.68 54.98
C LYS A 125 -3.17 -27.66 56.42
N ASN A 126 -3.21 -28.82 57.08
CA ASN A 126 -2.81 -28.94 58.47
C ASN A 126 -1.56 -29.78 58.68
N GLY A 127 -1.29 -30.72 57.81
CA GLY A 127 -0.11 -31.57 57.93
C GLY A 127 0.21 -32.23 56.61
N LYS A 128 0.74 -33.45 56.69
CA LYS A 128 1.08 -34.21 55.50
C LYS A 128 -0.17 -34.57 54.71
N HIS A 129 -0.97 -35.48 55.25
CA HIS A 129 -2.23 -35.90 54.62
C HIS A 129 -3.45 -35.43 55.41
N SER A 130 -3.27 -34.55 56.39
CA SER A 130 -4.36 -34.09 57.23
C SER A 130 -4.94 -32.78 56.68
N ALA A 131 -6.20 -32.53 57.04
CA ALA A 131 -6.89 -31.31 56.63
C ALA A 131 -7.98 -31.01 57.64
N ILE A 132 -8.06 -29.74 58.03
CA ILE A 132 -9.00 -29.29 59.06
C ILE A 132 -9.76 -28.08 58.53
N SER A 133 -11.06 -28.03 58.80
CA SER A 133 -11.89 -26.93 58.34
C SER A 133 -11.81 -25.76 59.32
N TYR A 134 -12.30 -24.59 58.86
CA TYR A 134 -12.24 -23.39 59.67
C TYR A 134 -13.13 -23.46 60.91
N ARG A 135 -14.15 -24.31 60.91
CA ARG A 135 -15.02 -24.41 62.07
C ARG A 135 -14.34 -25.14 63.23
N ASN A 136 -13.37 -26.00 62.93
CA ASN A 136 -12.73 -26.82 63.95
C ASN A 136 -11.50 -26.16 64.57
N ASP A 137 -10.93 -25.15 63.90
CA ASP A 137 -9.73 -24.47 64.38
C ASP A 137 -10.11 -23.05 64.77
N VAL A 138 -10.11 -22.77 66.08
CA VAL A 138 -10.50 -21.45 66.55
C VAL A 138 -9.42 -20.40 66.32
N ASN A 139 -8.16 -20.81 66.23
CA ASN A 139 -7.07 -19.87 66.01
C ASN A 139 -6.94 -19.42 64.56
N GLN A 140 -7.50 -20.18 63.62
CA GLN A 140 -7.49 -19.81 62.22
C GLN A 140 -8.85 -19.41 61.68
N GLY A 141 -9.93 -19.99 62.21
CA GLY A 141 -11.26 -19.56 61.82
C GLY A 141 -11.66 -18.28 62.52
N ILE A 142 -12.38 -17.42 61.79
CA ILE A 142 -12.79 -16.14 62.35
C ILE A 142 -13.92 -16.33 63.37
N GLY A 143 -14.79 -17.31 63.14
CA GLY A 143 -15.85 -17.63 64.08
C GLY A 143 -17.21 -17.24 63.53
N GLY A 144 -18.21 -17.37 64.40
CA GLY A 144 -19.57 -17.00 64.04
C GLY A 144 -20.31 -18.02 63.22
N TYR A 145 -20.00 -19.31 63.39
CA TYR A 145 -20.66 -20.36 62.63
C TYR A 145 -21.94 -20.87 63.30
N ASP A 146 -22.43 -20.18 64.33
CA ASP A 146 -23.55 -20.68 65.12
C ASP A 146 -24.82 -20.63 64.29
N SER A 147 -25.23 -21.78 63.79
CA SER A 147 -26.46 -21.97 63.02
C SER A 147 -26.75 -21.06 61.85
N LEU A 148 -25.98 -21.22 60.80
CA LEU A 148 -26.16 -20.39 59.63
C LEU A 148 -27.38 -20.80 58.84
N ASP A 149 -27.76 -22.07 58.95
CA ASP A 149 -28.96 -22.56 58.29
C ASP A 149 -29.51 -23.77 59.02
N PRO A 150 -30.82 -23.95 58.98
CA PRO A 150 -31.53 -25.03 59.63
C PRO A 150 -31.18 -26.40 59.13
N ASP A 151 -31.00 -26.55 57.84
CA ASP A 151 -30.70 -27.85 57.32
C ASP A 151 -29.46 -27.73 56.50
N LEU A 152 -28.37 -27.51 57.19
CA LEU A 152 -27.11 -27.33 56.53
C LEU A 152 -26.13 -28.37 56.94
N ASP A 153 -25.97 -29.39 56.14
CA ASP A 153 -24.96 -30.38 56.46
C ASP A 153 -23.66 -30.03 55.74
N GLU A 154 -22.66 -30.91 55.86
CA GLU A 154 -21.38 -30.66 55.23
C GLU A 154 -21.47 -30.75 53.72
N LYS A 155 -22.29 -31.68 53.20
CA LYS A 155 -22.39 -31.87 51.76
C LYS A 155 -22.94 -30.63 51.07
N SER A 156 -24.00 -30.04 51.63
CA SER A 156 -24.57 -28.84 51.04
C SER A 156 -23.73 -27.60 51.31
N ALA A 157 -23.04 -27.56 52.45
CA ALA A 157 -22.22 -26.39 52.77
C ALA A 157 -20.99 -26.32 51.86
N LEU A 158 -20.37 -27.46 51.57
CA LEU A 158 -19.23 -27.47 50.66
C LEU A 158 -19.68 -27.13 49.24
N GLU A 159 -20.86 -27.60 48.85
CA GLU A 159 -21.41 -27.22 47.55
C GLU A 159 -21.74 -25.74 47.51
N LEU A 160 -22.22 -25.19 48.62
CA LEU A 160 -22.52 -23.77 48.70
C LEU A 160 -21.24 -22.93 48.63
N ASP A 161 -20.11 -23.50 49.04
CA ASP A 161 -18.82 -22.82 49.00
C ASP A 161 -17.92 -23.36 47.89
N SER A 162 -18.50 -24.00 46.87
CA SER A 162 -17.73 -24.66 45.84
C SER A 162 -17.39 -23.77 44.65
N GLU A 163 -17.80 -22.51 44.66
CA GLU A 163 -17.64 -21.64 43.50
C GLU A 163 -16.73 -20.46 43.75
N GLY A 164 -15.97 -20.46 44.85
CA GLY A 164 -15.03 -19.39 45.12
C GLY A 164 -15.66 -18.02 45.14
N ARG A 165 -16.60 -17.80 46.06
CA ARG A 165 -17.39 -16.58 46.07
C ARG A 165 -17.19 -15.72 47.30
N CYS A 166 -16.30 -16.12 48.22
CA CYS A 166 -16.13 -15.34 49.44
C CYS A 166 -14.72 -15.48 49.97
N VAL A 167 -14.19 -14.36 50.46
CA VAL A 167 -12.91 -14.30 51.15
C VAL A 167 -13.09 -13.44 52.40
N MET A 168 -12.58 -13.89 53.53
CA MET A 168 -12.69 -13.17 54.79
C MET A 168 -11.29 -12.87 55.34
N VAL A 169 -11.11 -11.64 55.81
CA VAL A 169 -9.84 -11.20 56.39
C VAL A 169 -10.15 -10.44 57.68
N GLU A 170 -9.45 -10.78 58.76
CA GLU A 170 -9.58 -10.09 60.03
C GLU A 170 -8.30 -9.33 60.34
N LEU A 171 -8.45 -8.06 60.67
CA LEU A 171 -7.31 -7.21 61.00
C LEU A 171 -7.06 -7.20 62.51
N ALA A 172 -5.91 -6.64 62.90
CA ALA A 172 -5.56 -6.60 64.30
C ALA A 172 -6.45 -5.64 65.08
N CYS A 173 -6.99 -4.62 64.41
CA CYS A 173 -7.87 -3.67 65.06
C CYS A 173 -9.31 -4.16 65.18
N GLY A 174 -9.55 -5.44 64.95
CA GLY A 174 -10.86 -6.03 65.14
C GLY A 174 -11.81 -5.94 63.96
N ILE A 175 -11.33 -5.49 62.80
CA ILE A 175 -12.18 -5.35 61.63
C ILE A 175 -12.10 -6.63 60.81
N VAL A 176 -13.26 -7.18 60.47
CA VAL A 176 -13.37 -8.34 59.59
C VAL A 176 -13.86 -7.84 58.23
N ILE A 177 -13.05 -8.04 57.20
CA ILE A 177 -13.42 -7.69 55.83
C ILE A 177 -13.97 -8.92 55.16
N ILE A 178 -15.19 -8.82 54.63
CA ILE A 178 -15.86 -9.92 53.96
C ILE A 178 -16.09 -9.49 52.51
N SER A 179 -15.43 -10.16 51.58
CA SER A 179 -15.56 -9.88 50.15
C SER A 179 -16.36 -10.99 49.50
N VAL A 180 -17.49 -10.64 48.88
CA VAL A 180 -18.39 -11.64 48.33
C VAL A 180 -18.67 -11.35 46.86
N TYR A 181 -18.93 -12.42 46.12
CA TYR A 181 -19.46 -12.37 44.75
C TYR A 181 -20.66 -13.31 44.76
N CYS A 182 -21.81 -12.78 45.16
CA CYS A 182 -22.99 -13.61 45.37
C CYS A 182 -23.53 -14.13 44.04
N PRO A 183 -24.21 -15.28 44.06
CA PRO A 183 -24.81 -15.80 42.81
C PRO A 183 -25.91 -14.88 42.30
N ALA A 184 -26.09 -14.89 40.98
CA ALA A 184 -27.05 -14.02 40.32
C ALA A 184 -28.28 -14.73 39.76
N ASN A 185 -28.18 -16.03 39.48
CA ASN A 185 -29.26 -16.78 38.85
C ASN A 185 -29.73 -16.11 37.56
N SER A 186 -28.79 -15.99 36.62
CA SER A 186 -29.04 -15.31 35.36
C SER A 186 -29.91 -16.10 34.39
N ASN A 187 -30.10 -17.40 34.63
CA ASN A 187 -30.90 -18.24 33.74
C ASN A 187 -32.34 -18.43 34.22
N SER A 188 -32.70 -17.84 35.37
CA SER A 188 -34.06 -17.88 35.89
C SER A 188 -34.55 -19.31 36.08
N SER A 189 -33.75 -20.11 36.77
CA SER A 189 -34.10 -21.48 37.10
C SER A 189 -34.46 -21.59 38.57
N GLU A 190 -35.24 -22.62 38.91
CA GLU A 190 -35.63 -22.83 40.30
C GLU A 190 -34.43 -23.27 41.14
N GLU A 191 -33.57 -24.13 40.59
CA GLU A 191 -32.38 -24.55 41.31
C GLU A 191 -31.43 -23.38 41.55
N GLY A 192 -31.32 -22.48 40.58
CA GLY A 192 -30.46 -21.32 40.74
C GLY A 192 -31.03 -20.29 41.70
N GLU A 193 -32.35 -20.19 41.78
CA GLU A 193 -32.95 -19.22 42.69
C GLU A 193 -32.86 -19.68 44.14
N MET A 194 -32.97 -20.99 44.38
CA MET A 194 -32.80 -21.48 45.75
C MET A 194 -31.35 -21.38 46.19
N PHE A 195 -30.41 -21.64 45.29
CA PHE A 195 -28.99 -21.46 45.59
C PHE A 195 -28.69 -20.00 45.93
N ARG A 196 -29.29 -19.07 45.19
CA ARG A 196 -29.08 -17.65 45.45
C ARG A 196 -29.61 -17.26 46.81
N LEU A 197 -30.83 -17.70 47.14
CA LEU A 197 -31.43 -17.33 48.41
C LEU A 197 -30.71 -17.97 49.59
N ARG A 198 -30.30 -19.24 49.44
CA ARG A 198 -29.58 -19.90 50.53
C ARG A 198 -28.23 -19.24 50.78
N PHE A 199 -27.54 -18.84 49.71
CA PHE A 199 -26.26 -18.17 49.86
C PHE A 199 -26.41 -16.85 50.59
N LEU A 200 -27.40 -16.04 50.20
CA LEU A 200 -27.62 -14.75 50.82
C LEU A 200 -28.01 -14.89 52.29
N LYS A 201 -28.88 -15.87 52.60
CA LYS A 201 -29.31 -16.05 53.99
C LYS A 201 -28.15 -16.49 54.87
N VAL A 202 -27.32 -17.41 54.38
CA VAL A 202 -26.17 -17.85 55.15
C VAL A 202 -25.16 -16.72 55.33
N LEU A 203 -24.97 -15.90 54.29
CA LEU A 203 -24.04 -14.80 54.38
C LEU A 203 -24.48 -13.78 55.42
N LEU A 204 -25.73 -13.32 55.33
CA LEU A 204 -26.22 -12.31 56.26
C LEU A 204 -26.30 -12.86 57.68
N ARG A 205 -26.63 -14.14 57.84
CA ARG A 205 -26.59 -14.75 59.16
C ARG A 205 -25.17 -14.78 59.71
N ARG A 206 -24.21 -15.14 58.86
CA ARG A 206 -22.81 -15.12 59.27
C ARG A 206 -22.38 -13.73 59.73
N VAL A 207 -22.86 -12.69 59.03
CA VAL A 207 -22.53 -11.33 59.41
C VAL A 207 -23.17 -10.98 60.75
N ARG A 208 -24.43 -11.36 60.95
CA ARG A 208 -25.10 -11.07 62.22
C ARG A 208 -24.41 -11.78 63.38
N ASN A 209 -23.90 -12.99 63.14
CA ASN A 209 -23.18 -13.70 64.20
C ASN A 209 -21.90 -12.97 64.58
N LEU A 210 -21.13 -12.53 63.59
CA LEU A 210 -19.89 -11.83 63.89
C LEU A 210 -20.16 -10.48 64.55
N ASP A 211 -21.31 -9.87 64.27
CA ASP A 211 -21.64 -8.60 64.90
C ASP A 211 -21.98 -8.78 66.38
N LYS A 212 -22.70 -9.85 66.72
CA LYS A 212 -22.99 -10.12 68.13
C LYS A 212 -21.74 -10.39 68.93
N ILE A 213 -20.75 -11.05 68.32
CA ILE A 213 -19.49 -11.33 69.01
C ILE A 213 -18.72 -10.04 69.28
N GLY A 214 -18.87 -9.03 68.43
CA GLY A 214 -18.24 -7.75 68.65
C GLY A 214 -17.27 -7.35 67.55
N LYS A 215 -17.43 -7.93 66.36
CA LYS A 215 -16.55 -7.64 65.24
C LYS A 215 -17.07 -6.46 64.46
N LYS A 216 -16.16 -5.56 64.09
CA LYS A 216 -16.49 -4.45 63.20
C LYS A 216 -16.40 -4.97 61.77
N ILE A 217 -17.52 -5.02 61.06
CA ILE A 217 -17.66 -5.76 59.82
C ILE A 217 -17.68 -4.79 58.64
N VAL A 218 -16.88 -5.10 57.63
CA VAL A 218 -16.90 -4.39 56.35
C VAL A 218 -17.26 -5.43 55.30
N LEU A 219 -18.50 -5.42 54.84
CA LEU A 219 -18.98 -6.32 53.81
C LEU A 219 -19.06 -5.58 52.48
N MET A 220 -18.26 -6.00 51.51
CA MET A 220 -18.18 -5.32 50.24
C MET A 220 -18.05 -6.34 49.11
N GLY A 221 -18.51 -5.95 47.93
CA GLY A 221 -18.42 -6.79 46.76
C GLY A 221 -19.69 -6.72 45.95
N ASN A 222 -19.82 -7.67 45.03
CA ASN A 222 -20.96 -7.78 44.12
C ASN A 222 -22.02 -8.65 44.79
N VAL A 223 -23.05 -8.01 45.35
CA VAL A 223 -24.12 -8.74 46.00
C VAL A 223 -25.15 -9.24 45.01
N ASN A 224 -25.20 -8.66 43.81
CA ASN A 224 -26.14 -9.07 42.76
C ASN A 224 -27.59 -8.86 43.20
N VAL A 225 -27.83 -7.82 43.99
CA VAL A 225 -29.16 -7.47 44.48
C VAL A 225 -29.31 -5.95 44.46
N CYS A 226 -30.39 -5.47 43.84
N CYS A 226 -30.42 -5.47 43.90
CA CYS A 226 -30.74 -4.06 43.90
CA CYS A 226 -30.75 -4.05 43.88
C CYS A 226 -31.57 -3.80 45.15
C CYS A 226 -31.62 -3.74 45.10
N ARG A 227 -31.18 -2.76 45.90
CA ARG A 227 -31.85 -2.50 47.17
C ARG A 227 -33.01 -1.52 47.07
N ASP A 228 -32.87 -0.46 46.27
CA ASP A 228 -33.89 0.56 46.15
C ASP A 228 -34.31 0.70 44.69
N LEU A 229 -35.52 1.24 44.50
CA LEU A 229 -36.03 1.43 43.14
C LEU A 229 -35.19 2.42 42.34
N ILE A 230 -34.63 3.44 43.00
CA ILE A 230 -33.88 4.46 42.29
C ILE A 230 -32.57 3.92 41.71
N ASP A 231 -32.13 2.74 42.16
CA ASP A 231 -30.90 2.13 41.65
C ASP A 231 -31.17 1.12 40.55
N SER A 232 -32.35 1.16 39.93
CA SER A 232 -32.72 0.22 38.88
C SER A 232 -33.22 1.02 37.68
N ALA A 233 -32.38 1.16 36.66
CA ALA A 233 -32.79 1.89 35.46
C ALA A 233 -33.90 1.14 34.72
N ASP A 234 -33.85 -0.18 34.73
CA ASP A 234 -34.85 -0.98 34.01
C ASP A 234 -36.22 -0.83 34.65
N THR A 235 -36.29 -0.90 35.99
CA THR A 235 -37.59 -0.81 36.65
C THR A 235 -38.16 0.60 36.58
N LEU A 236 -37.31 1.62 36.67
CA LEU A 236 -37.78 3.00 36.55
C LEU A 236 -38.40 3.25 35.18
N GLU A 237 -37.87 2.62 34.14
CA GLU A 237 -38.49 2.73 32.82
C GLU A 237 -39.77 1.90 32.73
N GLN A 238 -39.80 0.77 33.43
CA GLN A 238 -41.00 -0.07 33.45
C GLN A 238 -42.18 0.66 34.07
N PHE A 239 -41.94 1.46 35.10
CA PHE A 239 -42.97 2.24 35.77
C PHE A 239 -43.16 3.62 35.14
N SER A 240 -42.53 3.88 33.99
CA SER A 240 -42.64 5.17 33.29
C SER A 240 -42.26 6.35 34.18
N ILE A 241 -41.31 6.14 35.09
CA ILE A 241 -40.87 7.19 36.01
C ILE A 241 -39.70 7.91 35.35
N PRO A 242 -39.85 9.17 34.96
CA PRO A 242 -38.75 9.88 34.29
C PRO A 242 -37.73 10.41 35.30
N ILE A 243 -36.47 10.39 34.90
CA ILE A 243 -35.38 10.89 35.72
C ILE A 243 -34.98 12.24 35.12
N THR A 244 -35.64 13.30 35.59
CA THR A 244 -35.33 14.65 35.12
C THR A 244 -34.26 15.32 35.97
N ASP A 245 -34.35 15.19 37.29
CA ASP A 245 -33.39 15.81 38.19
C ASP A 245 -32.38 14.78 38.62
N PRO A 246 -31.10 14.93 38.29
CA PRO A 246 -30.09 13.96 38.75
C PRO A 246 -29.92 13.96 40.26
N MET A 247 -30.38 15.00 40.96
CA MET A 247 -30.32 15.05 42.42
C MET A 247 -31.73 15.08 43.02
N GLY A 248 -32.69 14.50 42.32
CA GLY A 248 -34.06 14.49 42.81
C GLY A 248 -34.50 13.15 43.34
N GLY A 249 -33.64 12.50 44.12
CA GLY A 249 -33.96 11.17 44.63
C GLY A 249 -34.95 11.19 45.79
N THR A 250 -34.79 12.13 46.72
CA THR A 250 -35.71 12.22 47.85
C THR A 250 -37.12 12.57 47.38
N LYS A 251 -37.23 13.52 46.44
CA LYS A 251 -38.54 13.88 45.91
C LYS A 251 -39.14 12.74 45.10
N LEU A 252 -38.31 11.96 44.42
CA LEU A 252 -38.83 10.82 43.66
C LEU A 252 -39.35 9.73 44.59
N GLU A 253 -38.65 9.49 45.71
CA GLU A 253 -39.11 8.52 46.68
C GLU A 253 -40.29 9.03 47.50
N ALA A 254 -40.55 10.34 47.50
CA ALA A 254 -41.74 10.85 48.15
C ALA A 254 -42.94 10.80 47.21
N GLN A 255 -42.74 11.16 45.93
CA GLN A 255 -43.82 11.11 44.97
C GLN A 255 -44.24 9.67 44.65
N TYR A 256 -43.28 8.74 44.65
CA TYR A 256 -43.58 7.34 44.38
C TYR A 256 -43.23 6.48 45.59
N ARG A 257 -43.72 6.89 46.77
CA ARG A 257 -43.44 6.15 48.00
C ARG A 257 -43.97 4.72 47.92
N ASP A 258 -45.14 4.54 47.32
CA ASP A 258 -45.76 3.21 47.28
C ASP A 258 -44.95 2.25 46.41
N LYS A 259 -44.55 2.70 45.22
CA LYS A 259 -43.78 1.83 44.34
C LYS A 259 -42.37 1.58 44.89
N ALA A 260 -41.82 2.54 45.63
CA ALA A 260 -40.49 2.34 46.20
C ALA A 260 -40.51 1.24 47.25
N ILE A 261 -41.57 1.16 48.05
CA ILE A 261 -41.69 0.10 49.04
C ILE A 261 -42.03 -1.24 48.37
N GLN A 262 -42.89 -1.21 47.35
CA GLN A 262 -43.24 -2.44 46.65
C GLN A 262 -42.02 -3.06 45.97
N PHE A 263 -41.04 -2.25 45.60
CA PHE A 263 -39.81 -2.80 45.01
C PHE A 263 -39.09 -3.69 46.01
N ILE A 264 -39.15 -3.36 47.30
CA ILE A 264 -38.38 -4.11 48.30
C ILE A 264 -39.14 -5.36 48.74
N ILE A 265 -40.45 -5.22 49.01
CA ILE A 265 -41.20 -6.28 49.66
C ILE A 265 -41.93 -7.15 48.63
N ASN A 266 -41.56 -7.01 47.37
CA ASN A 266 -42.16 -7.80 46.31
C ASN A 266 -41.90 -9.28 46.58
N PRO A 267 -42.93 -10.10 46.78
CA PRO A 267 -42.70 -11.53 47.07
C PRO A 267 -42.11 -12.29 45.90
N ASP A 268 -42.24 -11.79 44.66
CA ASP A 268 -41.57 -12.41 43.54
C ASP A 268 -40.06 -12.26 43.61
N THR A 269 -39.57 -11.30 44.39
CA THR A 269 -38.14 -11.04 44.53
C THR A 269 -37.79 -10.97 46.02
N PRO A 270 -37.81 -12.12 46.70
CA PRO A 270 -37.50 -12.11 48.14
C PRO A 270 -36.07 -11.70 48.46
N HIS A 271 -35.13 -11.84 47.52
CA HIS A 271 -33.75 -11.46 47.80
C HIS A 271 -33.61 -9.96 48.05
N ARG A 272 -34.47 -9.14 47.43
CA ARG A 272 -34.43 -7.71 47.69
C ARG A 272 -34.90 -7.40 49.11
N ARG A 273 -35.88 -8.16 49.61
CA ARG A 273 -36.35 -7.95 50.97
C ARG A 273 -35.31 -8.44 51.98
N ILE A 274 -34.71 -9.59 51.74
CA ILE A 274 -33.73 -10.16 52.66
C ILE A 274 -32.54 -9.22 52.80
N PHE A 275 -32.08 -8.64 51.69
CA PHE A 275 -30.93 -7.75 51.74
C PHE A 275 -31.26 -6.46 52.47
N ASN A 276 -32.44 -5.90 52.23
CA ASN A 276 -32.84 -4.68 52.93
C ASN A 276 -32.98 -4.90 54.43
N GLN A 277 -33.28 -6.13 54.86
CA GLN A 277 -33.53 -6.41 56.27
C GLN A 277 -32.27 -6.33 57.12
N ILE A 278 -31.09 -6.23 56.51
CA ILE A 278 -29.84 -6.06 57.27
C ILE A 278 -29.29 -4.65 57.15
N LEU A 279 -29.85 -3.81 56.28
CA LEU A 279 -29.38 -2.44 56.10
C LEU A 279 -30.09 -1.53 57.08
N ALA A 280 -29.31 -0.83 57.90
CA ALA A 280 -29.89 0.07 58.90
C ALA A 280 -30.50 1.30 58.25
N ASP A 281 -30.00 1.70 57.08
CA ASP A 281 -30.51 2.85 56.34
C ASP A 281 -31.47 2.44 55.23
N SER A 282 -32.18 1.32 55.41
CA SER A 282 -33.16 0.88 54.44
C SER A 282 -34.37 1.82 54.42
N LEU A 283 -35.11 1.75 53.30
CA LEU A 283 -36.32 2.57 53.18
C LEU A 283 -37.46 2.04 54.02
N LEU A 284 -37.38 0.79 54.47
CA LEU A 284 -38.41 0.25 55.34
C LEU A 284 -38.43 1.02 56.66
N PRO A 285 -39.61 1.25 57.23
CA PRO A 285 -39.68 2.09 58.45
C PRO A 285 -38.92 1.52 59.63
N ASP A 286 -38.95 0.19 59.82
CA ASP A 286 -38.27 -0.44 60.96
C ASP A 286 -36.83 -0.81 60.65
N ALA A 287 -36.17 -0.08 59.75
CA ALA A 287 -34.80 -0.43 59.39
C ALA A 287 -33.83 -0.19 60.53
N SER A 288 -34.02 0.91 61.27
CA SER A 288 -33.11 1.23 62.37
C SER A 288 -33.24 0.27 63.55
N LYS A 289 -34.30 -0.53 63.59
CA LYS A 289 -34.50 -1.50 64.66
C LYS A 289 -34.00 -2.90 64.30
N ARG A 290 -33.70 -3.16 63.03
CA ARG A 290 -33.27 -4.48 62.59
C ARG A 290 -31.99 -4.47 61.77
N GLY A 291 -31.64 -3.37 61.13
CA GLY A 291 -30.43 -3.33 60.33
C GLY A 291 -29.20 -3.05 61.17
N ILE A 292 -28.09 -3.65 60.76
CA ILE A 292 -26.81 -3.46 61.44
C ILE A 292 -25.73 -2.93 60.51
N LEU A 293 -25.94 -2.97 59.20
CA LEU A 293 -24.96 -2.48 58.23
C LEU A 293 -25.46 -1.18 57.59
N ILE A 294 -24.50 -0.39 57.12
CA ILE A 294 -24.78 0.91 56.54
C ILE A 294 -24.17 0.97 55.15
N ASP A 295 -24.96 1.42 54.18
CA ASP A 295 -24.51 1.62 52.80
C ASP A 295 -23.64 2.86 52.75
N THR A 296 -22.32 2.67 52.65
CA THR A 296 -21.41 3.80 52.71
C THR A 296 -21.60 4.75 51.53
N THR A 297 -21.92 4.20 50.36
CA THR A 297 -22.08 5.05 49.19
C THR A 297 -23.36 5.89 49.29
N ARG A 298 -24.47 5.29 49.70
CA ARG A 298 -25.69 6.05 49.92
C ARG A 298 -25.57 7.04 51.07
N LEU A 299 -24.66 6.79 52.02
CA LEU A 299 -24.50 7.70 53.13
C LEU A 299 -23.87 9.01 52.68
N ILE A 300 -22.78 8.94 51.91
CA ILE A 300 -22.07 10.14 51.50
C ILE A 300 -22.77 10.82 50.32
N GLN A 301 -23.19 10.05 49.33
CA GLN A 301 -23.85 10.61 48.16
C GLN A 301 -25.31 10.98 48.44
N THR A 302 -25.84 10.64 49.61
CA THR A 302 -27.23 10.85 49.99
C THR A 302 -28.19 10.09 49.09
N ARG A 303 -29.47 10.11 49.42
CA ARG A 303 -30.48 9.44 48.62
C ARG A 303 -31.00 10.30 47.48
N ASN A 304 -30.47 11.51 47.33
CA ASN A 304 -30.88 12.38 46.23
C ASN A 304 -30.24 11.99 44.91
N ARG A 305 -29.04 11.42 44.94
CA ARG A 305 -28.32 11.13 43.71
C ARG A 305 -28.99 9.99 42.96
N LEU A 306 -29.39 10.25 41.72
CA LEU A 306 -29.96 9.24 40.84
C LEU A 306 -28.93 8.80 39.81
N LYS A 307 -29.30 7.77 39.05
CA LYS A 307 -28.43 7.21 38.02
C LYS A 307 -27.07 6.82 38.59
N MET A 308 -27.05 6.40 39.85
CA MET A 308 -25.80 6.00 40.52
C MET A 308 -25.63 4.49 40.37
N TYR A 309 -25.32 4.10 39.14
CA TYR A 309 -25.23 2.70 38.75
C TYR A 309 -23.79 2.21 38.76
N THR A 310 -23.60 0.93 39.06
CA THR A 310 -22.29 0.32 39.09
C THR A 310 -22.14 -0.86 38.13
N VAL A 311 -23.21 -1.24 37.41
CA VAL A 311 -23.16 -2.33 36.45
C VAL A 311 -23.96 -1.94 35.21
N TRP A 312 -23.42 -2.26 34.04
CA TRP A 312 -24.10 -2.10 32.75
C TRP A 312 -23.89 -3.43 32.03
N ASN A 313 -24.83 -4.36 32.21
CA ASN A 313 -24.61 -5.77 31.88
C ASN A 313 -24.12 -5.94 30.46
N MET A 314 -22.99 -6.66 30.34
CA MET A 314 -22.35 -7.07 29.08
C MET A 314 -21.65 -5.94 28.35
N LEU A 315 -21.62 -4.73 28.89
CA LEU A 315 -21.03 -3.58 28.21
C LEU A 315 -19.80 -3.13 28.99
N LYS A 316 -18.61 -3.33 28.39
CA LYS A 316 -17.36 -2.96 29.03
C LYS A 316 -16.77 -1.66 28.52
N ASN A 317 -17.22 -1.17 27.36
CA ASN A 317 -16.59 -0.03 26.70
C ASN A 317 -17.43 1.25 26.76
N LEU A 318 -18.63 1.20 27.32
CA LEU A 318 -19.48 2.37 27.37
C LEU A 318 -20.45 2.24 28.53
N ARG A 319 -20.96 3.38 29.00
CA ARG A 319 -21.93 3.45 30.09
C ARG A 319 -23.16 4.18 29.56
N PRO A 320 -24.07 3.47 28.89
CA PRO A 320 -25.21 4.13 28.26
C PRO A 320 -26.20 4.69 29.28
N SER A 321 -26.97 5.66 28.82
CA SER A 321 -28.03 6.23 29.63
C SER A 321 -29.28 5.34 29.61
N ASN A 322 -30.12 5.50 30.63
CA ASN A 322 -31.35 4.73 30.78
C ASN A 322 -31.07 3.23 30.81
N TYR A 323 -29.98 2.85 31.46
CA TYR A 323 -29.52 1.47 31.48
C TYR A 323 -28.53 1.30 32.62
N GLY A 324 -28.65 0.21 33.35
CA GLY A 324 -27.72 -0.12 34.41
C GLY A 324 -28.41 -0.26 35.76
N SER A 325 -27.61 -0.71 36.73
CA SER A 325 -28.08 -0.91 38.09
C SER A 325 -26.93 -0.69 39.06
N ARG A 326 -27.25 -0.72 40.35
CA ARG A 326 -26.24 -0.67 41.41
C ARG A 326 -26.36 -1.96 42.21
N ILE A 327 -25.37 -2.85 42.06
CA ILE A 327 -25.38 -4.14 42.75
C ILE A 327 -24.04 -4.36 43.42
N ASP A 328 -23.25 -3.32 43.54
CA ASP A 328 -21.93 -3.37 44.19
C ASP A 328 -21.92 -2.41 45.35
N PHE A 329 -21.57 -2.90 46.54
CA PHE A 329 -21.73 -2.12 47.75
C PHE A 329 -20.47 -2.21 48.62
N ILE A 330 -20.35 -1.25 49.53
CA ILE A 330 -19.39 -1.29 50.62
C ILE A 330 -20.20 -1.02 51.89
N LEU A 331 -20.47 -2.08 52.66
CA LEU A 331 -21.34 -2.01 53.82
C LEU A 331 -20.51 -2.16 55.09
N VAL A 332 -20.73 -1.28 56.07
CA VAL A 332 -19.98 -1.27 57.31
C VAL A 332 -20.93 -1.36 58.49
N SER A 333 -20.40 -1.86 59.61
CA SER A 333 -21.16 -1.94 60.85
C SER A 333 -21.53 -0.55 61.35
N LEU A 334 -22.51 -0.50 62.24
CA LEU A 334 -22.94 0.77 62.83
C LEU A 334 -21.81 1.45 63.57
N LYS A 335 -20.95 0.67 64.23
CA LYS A 335 -19.84 1.23 64.98
C LYS A 335 -18.80 1.92 64.10
N LEU A 336 -18.86 1.71 62.78
CA LEU A 336 -17.92 2.33 61.86
C LEU A 336 -18.53 3.47 61.05
N GLU A 337 -19.77 3.86 61.34
CA GLU A 337 -20.40 4.94 60.60
C GLU A 337 -19.67 6.26 60.82
N ARG A 338 -19.20 6.51 62.04
CA ARG A 338 -18.49 7.75 62.34
C ARG A 338 -17.11 7.83 61.69
N CYS A 339 -16.65 6.77 61.02
CA CYS A 339 -15.34 6.75 60.39
C CYS A 339 -15.39 7.02 58.89
N ILE A 340 -16.57 7.06 58.30
CA ILE A 340 -16.68 7.22 56.85
C ILE A 340 -16.38 8.67 56.49
N LYS A 341 -15.30 8.88 55.73
CA LYS A 341 -14.90 10.21 55.29
C LYS A 341 -15.17 10.46 53.81
N ALA A 342 -15.30 9.41 53.00
CA ALA A 342 -15.57 9.56 51.58
C ALA A 342 -16.11 8.24 51.04
N ALA A 343 -17.00 8.34 50.05
CA ALA A 343 -17.58 7.16 49.41
C ALA A 343 -18.24 7.52 48.09
N ASP A 344 -17.75 6.98 46.98
CA ASP A 344 -18.28 7.30 45.67
C ASP A 344 -18.08 6.11 44.75
N ILE A 345 -18.46 6.28 43.48
CA ILE A 345 -18.23 5.29 42.44
C ILE A 345 -17.45 5.94 41.32
N LEU A 346 -16.91 5.11 40.43
CA LEU A 346 -16.07 5.56 39.32
C LEU A 346 -16.57 4.95 38.02
N PRO A 347 -17.72 5.41 37.52
CA PRO A 347 -18.27 4.81 36.29
C PRO A 347 -17.45 5.11 35.05
N ASP A 348 -16.56 6.10 35.07
CA ASP A 348 -15.75 6.37 33.89
C ASP A 348 -14.68 5.32 33.66
N ILE A 349 -14.38 4.48 34.65
CA ILE A 349 -13.39 3.42 34.46
C ILE A 349 -13.98 2.33 33.58
N LEU A 350 -13.24 1.98 32.51
CA LEU A 350 -13.64 0.94 31.59
C LEU A 350 -12.81 -0.32 31.81
N GLY A 351 -13.22 -1.40 31.15
CA GLY A 351 -12.57 -2.69 31.28
C GLY A 351 -13.45 -3.78 31.84
N SER A 352 -14.69 -3.46 32.20
CA SER A 352 -15.63 -4.43 32.78
C SER A 352 -17.02 -3.84 32.65
N ASP A 353 -18.02 -4.72 32.74
CA ASP A 353 -19.39 -4.22 32.79
C ASP A 353 -19.74 -3.65 34.16
N HIS A 354 -18.86 -3.77 35.13
CA HIS A 354 -18.98 -3.11 36.43
C HIS A 354 -17.92 -2.01 36.55
N CYS A 355 -18.14 -1.10 37.48
CA CYS A 355 -17.22 -0.02 37.77
C CYS A 355 -16.76 -0.10 39.22
N PRO A 356 -15.60 0.47 39.54
CA PRO A 356 -15.11 0.39 40.92
C PRO A 356 -15.93 1.25 41.88
N VAL A 357 -15.96 0.80 43.13
CA VAL A 357 -16.60 1.52 44.22
C VAL A 357 -15.58 1.63 45.35
N TYR A 358 -15.43 2.84 45.90
CA TYR A 358 -14.43 3.07 46.95
C TYR A 358 -15.04 3.83 48.11
N SER A 359 -14.47 3.60 49.29
CA SER A 359 -14.89 4.29 50.51
C SER A 359 -13.68 4.42 51.43
N ASP A 360 -13.48 5.62 51.98
CA ASP A 360 -12.35 5.92 52.85
C ASP A 360 -12.81 5.98 54.29
N LEU A 361 -12.14 5.23 55.16
CA LEU A 361 -12.48 5.17 56.58
C LEU A 361 -11.30 5.65 57.42
N ASP A 362 -11.60 6.48 58.43
CA ASP A 362 -10.59 6.98 59.36
C ASP A 362 -10.71 6.18 60.66
N ILE A 363 -9.78 5.26 60.88
CA ILE A 363 -9.81 4.42 62.07
C ILE A 363 -9.11 5.09 63.24
N LEU A 364 -7.97 5.74 63.00
CA LEU A 364 -7.23 6.42 64.05
C LEU A 364 -8.00 7.63 64.56
N THR A 373 2.01 -8.05 70.32
CA THR A 373 2.92 -9.06 69.80
C THR A 373 2.67 -9.29 68.30
N GLN A 374 3.57 -10.02 67.66
CA GLN A 374 3.46 -10.32 66.24
C GLN A 374 2.70 -11.62 66.03
N VAL A 375 1.95 -11.68 64.93
CA VAL A 375 1.17 -12.86 64.56
C VAL A 375 1.62 -13.31 63.19
N PRO A 376 1.82 -14.62 62.97
CA PRO A 376 2.25 -15.09 61.65
C PRO A 376 1.17 -14.88 60.59
N ILE A 377 1.61 -14.93 59.35
CA ILE A 377 0.70 -14.76 58.21
C ILE A 377 -0.27 -15.93 58.15
N PRO A 378 -1.57 -15.70 57.93
CA PRO A 378 -2.52 -16.81 57.90
C PRO A 378 -2.20 -17.80 56.79
N LYS A 379 -2.57 -19.06 57.02
CA LYS A 379 -2.27 -20.10 56.05
C LYS A 379 -3.04 -19.92 54.75
N PHE A 380 -4.08 -19.07 54.74
CA PHE A 380 -4.85 -18.87 53.52
C PHE A 380 -4.22 -17.85 52.57
N GLU A 381 -3.13 -17.19 52.98
CA GLU A 381 -2.43 -16.30 52.07
C GLU A 381 -2.01 -17.06 50.82
N ALA A 382 -2.12 -16.39 49.67
CA ALA A 382 -2.00 -17.08 48.39
C ALA A 382 -0.68 -17.83 48.24
N ARG A 383 0.40 -17.30 48.81
CA ARG A 383 1.70 -17.96 48.69
C ARG A 383 1.74 -19.30 49.43
N TYR A 384 0.90 -19.48 50.45
CA TYR A 384 0.80 -20.74 51.18
C TYR A 384 -0.35 -21.62 50.67
N LYS A 385 -1.54 -21.03 50.48
CA LYS A 385 -2.69 -21.80 50.04
C LYS A 385 -2.43 -22.44 48.69
N TYR A 386 -1.70 -21.76 47.80
CA TYR A 386 -1.46 -22.26 46.45
C TYR A 386 0.00 -22.65 46.22
N ASN A 387 0.84 -22.59 47.26
CA ASN A 387 2.22 -23.08 47.20
C ASN A 387 2.97 -22.47 46.02
N LEU A 388 3.00 -21.13 46.00
CA LEU A 388 3.50 -20.40 44.85
C LEU A 388 4.99 -20.58 44.62
N ARG A 389 5.72 -21.07 45.63
CA ARG A 389 7.15 -21.32 45.44
C ARG A 389 7.42 -22.51 44.52
N ASN A 390 6.40 -23.28 44.17
CA ASN A 390 6.57 -24.44 43.30
C ASN A 390 5.97 -24.25 41.91
N HIS A 391 5.46 -23.06 41.59
CA HIS A 391 4.95 -22.78 40.25
C HIS A 391 6.14 -22.46 39.35
N ASN A 392 6.75 -23.51 38.82
CA ASN A 392 7.98 -23.38 38.05
C ASN A 392 7.78 -23.77 36.59
N VAL A 393 8.76 -24.44 35.99
CA VAL A 393 8.74 -24.71 34.56
C VAL A 393 7.80 -25.86 34.23
N LEU A 394 7.94 -26.99 34.93
CA LEU A 394 7.05 -28.13 34.68
C LEU A 394 5.61 -27.80 35.02
N GLU A 395 5.39 -26.89 35.98
CA GLU A 395 4.04 -26.48 36.32
C GLU A 395 3.49 -25.46 35.33
N MET A 396 4.35 -24.58 34.83
CA MET A 396 3.93 -23.57 33.86
C MET A 396 4.56 -23.83 32.50
N GLY B 11 -47.74 -17.67 -7.96
CA GLY B 11 -47.43 -16.82 -9.09
C GLY B 11 -46.05 -16.21 -9.03
N LYS B 12 -45.32 -16.29 -10.13
CA LYS B 12 -43.96 -15.75 -10.22
C LYS B 12 -43.66 -15.40 -11.66
N SER B 13 -42.81 -14.39 -11.85
CA SER B 13 -42.50 -13.89 -13.18
C SER B 13 -41.55 -14.86 -13.90
N GLU B 14 -41.23 -14.52 -15.15
CA GLU B 14 -40.31 -15.35 -15.91
C GLU B 14 -38.87 -15.16 -15.45
N ASN B 15 -38.54 -13.98 -14.93
CA ASN B 15 -37.20 -13.70 -14.42
C ASN B 15 -37.08 -13.99 -12.93
N THR B 16 -38.04 -14.70 -12.33
CA THR B 16 -38.04 -14.99 -10.91
C THR B 16 -37.32 -16.31 -10.64
N ILE B 17 -36.41 -16.30 -9.68
CA ILE B 17 -35.72 -17.50 -9.21
C ILE B 17 -36.20 -17.79 -7.80
N ARG B 18 -36.68 -19.01 -7.58
CA ARG B 18 -37.20 -19.43 -6.29
C ARG B 18 -36.15 -20.25 -5.57
N PHE B 19 -35.59 -19.69 -4.50
CA PHE B 19 -34.68 -20.41 -3.62
C PHE B 19 -35.50 -21.13 -2.56
N LEU B 20 -35.09 -22.35 -2.23
CA LEU B 20 -35.81 -23.18 -1.27
C LEU B 20 -34.83 -23.94 -0.40
N THR B 21 -35.04 -23.89 0.91
CA THR B 21 -34.22 -24.65 1.86
C THR B 21 -35.12 -25.46 2.77
N PHE B 22 -34.70 -26.67 3.10
CA PHE B 22 -35.51 -27.59 3.88
C PHE B 22 -34.59 -28.57 4.59
N ASN B 23 -34.64 -28.56 5.93
CA ASN B 23 -33.90 -29.54 6.74
C ASN B 23 -34.79 -30.78 6.82
N VAL B 24 -34.61 -31.69 5.87
CA VAL B 24 -35.53 -32.82 5.73
C VAL B 24 -35.38 -33.83 6.85
N ASN B 25 -34.23 -33.88 7.51
CA ASN B 25 -33.98 -34.79 8.63
C ASN B 25 -34.25 -36.24 8.21
N GLY B 26 -33.57 -36.65 7.15
CA GLY B 26 -33.76 -37.97 6.57
C GLY B 26 -34.57 -37.89 5.29
N ILE B 27 -33.88 -37.84 4.15
CA ILE B 27 -34.56 -37.65 2.88
C ILE B 27 -35.43 -38.84 2.53
N ARG B 28 -35.09 -40.03 3.02
CA ARG B 28 -35.93 -41.20 2.80
C ARG B 28 -37.19 -41.12 3.66
N THR B 29 -37.06 -40.62 4.89
CA THR B 29 -38.21 -40.52 5.78
C THR B 29 -39.15 -39.40 5.39
N PHE B 30 -38.63 -38.34 4.76
CA PHE B 30 -39.47 -37.21 4.39
C PHE B 30 -40.45 -37.56 3.28
N PHE B 31 -40.16 -38.59 2.49
CA PHE B 31 -41.06 -39.06 1.44
C PHE B 31 -42.21 -39.92 1.98
N HIS B 32 -42.32 -40.07 3.30
CA HIS B 32 -43.40 -40.87 3.88
C HIS B 32 -44.68 -40.07 4.12
N TYR B 33 -44.65 -38.75 3.93
CA TYR B 33 -45.73 -37.88 4.35
C TYR B 33 -46.36 -37.18 3.15
N GLN B 34 -47.60 -36.73 3.35
CA GLN B 34 -48.33 -36.08 2.27
C GLN B 34 -47.74 -34.71 1.99
N PRO B 35 -47.67 -34.28 0.71
CA PRO B 35 -48.10 -35.06 -0.46
C PRO B 35 -46.94 -35.78 -1.17
N PHE B 36 -45.79 -35.87 -0.49
CA PHE B 36 -44.60 -36.41 -1.13
C PHE B 36 -44.64 -37.93 -1.25
N SER B 37 -45.52 -38.60 -0.49
CA SER B 37 -45.64 -40.05 -0.61
C SER B 37 -46.31 -40.49 -1.90
N GLN B 38 -46.85 -39.57 -2.67
CA GLN B 38 -47.45 -39.94 -3.93
C GLN B 38 -46.61 -39.49 -5.09
N MET B 39 -45.37 -39.18 -4.83
CA MET B 39 -44.44 -38.74 -5.86
C MET B 39 -43.39 -39.79 -6.21
N ASN B 40 -43.46 -40.97 -5.61
CA ASN B 40 -42.56 -42.08 -5.94
C ASN B 40 -41.09 -41.70 -5.71
N GLN B 41 -40.84 -40.95 -4.63
CA GLN B 41 -39.49 -40.56 -4.23
C GLN B 41 -38.74 -39.85 -5.35
N SER B 42 -39.44 -38.94 -6.03
CA SER B 42 -38.87 -38.17 -7.14
C SER B 42 -38.59 -36.75 -6.67
N LEU B 43 -37.32 -36.40 -6.52
CA LEU B 43 -36.97 -35.03 -6.20
C LEU B 43 -37.44 -34.06 -7.28
N ARG B 44 -37.57 -34.55 -8.51
CA ARG B 44 -38.10 -33.71 -9.58
C ARG B 44 -39.55 -33.33 -9.32
N SER B 45 -40.35 -34.27 -8.82
CA SER B 45 -41.73 -33.95 -8.50
C SER B 45 -41.82 -33.00 -7.31
N VAL B 46 -40.93 -33.17 -6.33
CA VAL B 46 -40.92 -32.27 -5.18
C VAL B 46 -40.56 -30.85 -5.60
N PHE B 47 -39.53 -30.71 -6.44
CA PHE B 47 -39.11 -29.39 -6.88
C PHE B 47 -40.19 -28.73 -7.72
N ASP B 48 -40.89 -29.52 -8.54
CA ASP B 48 -42.00 -28.96 -9.31
C ASP B 48 -43.18 -28.59 -8.41
N PHE B 49 -43.39 -29.35 -7.34
CA PHE B 49 -44.45 -29.03 -6.39
C PHE B 49 -44.24 -27.65 -5.78
N PHE B 50 -43.03 -27.39 -5.27
CA PHE B 50 -42.69 -26.06 -4.77
C PHE B 50 -42.42 -25.06 -5.88
N ARG B 51 -42.37 -25.51 -7.14
CA ARG B 51 -42.03 -24.64 -8.27
C ARG B 51 -40.69 -23.93 -8.02
N ALA B 52 -39.73 -24.68 -7.50
CA ALA B 52 -38.46 -24.12 -7.06
C ALA B 52 -37.39 -24.33 -8.13
N ASP B 53 -36.39 -23.45 -8.11
CA ASP B 53 -35.31 -23.47 -9.08
C ASP B 53 -33.94 -23.74 -8.47
N ILE B 54 -33.70 -23.30 -7.23
CA ILE B 54 -32.47 -23.61 -6.51
C ILE B 54 -32.86 -24.12 -5.13
N ILE B 55 -32.55 -25.38 -4.86
CA ILE B 55 -33.03 -26.09 -3.69
C ILE B 55 -31.86 -26.67 -2.92
N THR B 56 -31.91 -26.60 -1.59
CA THR B 56 -30.94 -27.25 -0.74
C THR B 56 -31.65 -28.01 0.37
N PHE B 57 -31.29 -29.28 0.54
CA PHE B 57 -31.79 -30.11 1.63
C PHE B 57 -30.65 -30.44 2.57
N GLN B 58 -30.88 -30.25 3.87
CA GLN B 58 -29.87 -30.53 4.88
C GLN B 58 -30.26 -31.75 5.70
N GLN B 59 -29.29 -32.36 6.33
CA GLN B 59 -29.46 -33.54 7.16
C GLN B 59 -30.11 -34.64 6.34
N LEU B 60 -29.41 -35.09 5.30
CA LEU B 60 -29.95 -36.11 4.40
C LEU B 60 -30.01 -37.48 5.08
N LYS B 61 -29.01 -37.80 5.91
CA LYS B 61 -28.92 -39.09 6.59
C LYS B 61 -28.96 -40.25 5.59
N THR B 62 -28.27 -40.07 4.48
CA THR B 62 -28.26 -41.07 3.42
C THR B 62 -26.92 -41.80 3.40
N GLU B 63 -26.62 -42.48 2.30
CA GLU B 63 -25.38 -43.21 2.13
C GLU B 63 -24.94 -43.11 0.67
N LYS B 64 -23.70 -43.53 0.42
CA LYS B 64 -23.16 -43.45 -0.93
C LYS B 64 -23.96 -44.30 -1.91
N LEU B 65 -24.52 -45.41 -1.44
CA LEU B 65 -25.27 -46.30 -2.34
C LEU B 65 -26.51 -45.62 -2.89
N SER B 66 -27.16 -44.78 -2.10
CA SER B 66 -28.41 -44.15 -2.49
C SER B 66 -28.22 -42.86 -3.29
N ILE B 67 -26.98 -42.41 -3.47
CA ILE B 67 -26.74 -41.18 -4.22
C ILE B 67 -27.14 -41.36 -5.69
N SER B 68 -27.12 -42.61 -6.19
CA SER B 68 -27.52 -42.86 -7.56
C SER B 68 -28.96 -42.45 -7.84
N LYS B 69 -29.76 -42.26 -6.79
CA LYS B 69 -31.13 -41.77 -6.94
C LYS B 69 -31.24 -40.27 -6.64
N TRP B 70 -30.75 -39.84 -5.48
CA TRP B 70 -30.84 -38.43 -5.11
C TRP B 70 -29.92 -37.55 -5.96
N GLY B 71 -28.86 -38.12 -6.52
CA GLY B 71 -27.93 -37.37 -7.34
C GLY B 71 -28.21 -37.40 -8.83
N ARG B 72 -29.35 -37.96 -9.26
CA ARG B 72 -29.74 -38.01 -10.67
C ARG B 72 -31.19 -37.54 -10.78
N VAL B 73 -31.39 -36.23 -10.85
CA VAL B 73 -32.71 -35.62 -10.94
C VAL B 73 -32.85 -35.02 -12.34
N ASP B 74 -33.94 -35.38 -13.02
CA ASP B 74 -34.14 -34.94 -14.39
C ASP B 74 -34.30 -33.43 -14.46
N GLY B 75 -33.53 -32.80 -15.34
CA GLY B 75 -33.58 -31.36 -15.50
C GLY B 75 -32.89 -30.57 -14.42
N PHE B 76 -32.10 -31.22 -13.56
CA PHE B 76 -31.42 -30.55 -12.46
C PHE B 76 -29.98 -31.01 -12.39
N TYR B 77 -29.09 -30.07 -12.05
CA TYR B 77 -27.76 -30.43 -11.61
C TYR B 77 -27.79 -30.79 -10.14
N SER B 78 -27.01 -31.79 -9.76
CA SER B 78 -27.02 -32.32 -8.40
C SER B 78 -25.63 -32.20 -7.77
N PHE B 79 -25.57 -31.56 -6.62
CA PHE B 79 -24.33 -31.40 -5.86
C PHE B 79 -24.61 -31.85 -4.43
N ILE B 80 -24.07 -33.01 -4.05
CA ILE B 80 -24.37 -33.64 -2.77
C ILE B 80 -23.07 -33.88 -2.03
N SER B 81 -23.04 -33.51 -0.75
CA SER B 81 -21.90 -33.76 0.12
C SER B 81 -22.36 -34.58 1.32
N ILE B 82 -21.67 -35.70 1.57
CA ILE B 82 -21.97 -36.58 2.68
C ILE B 82 -20.67 -36.97 3.36
N PRO B 83 -20.75 -37.43 4.62
CA PRO B 83 -19.54 -37.92 5.29
C PRO B 83 -18.86 -39.02 4.51
N GLN B 84 -17.55 -39.17 4.75
CA GLN B 84 -16.76 -40.15 4.00
C GLN B 84 -17.13 -41.58 4.37
N THR B 85 -17.29 -41.85 5.66
CA THR B 85 -17.55 -43.21 6.14
C THR B 85 -18.83 -43.36 6.93
N ARG B 86 -19.16 -42.38 7.77
CA ARG B 86 -20.33 -42.50 8.64
C ARG B 86 -21.61 -42.41 7.82
N LYS B 87 -22.44 -43.44 7.92
CA LYS B 87 -23.70 -43.50 7.20
C LYS B 87 -24.84 -42.95 8.05
N GLY B 88 -25.90 -42.50 7.37
CA GLY B 88 -27.07 -41.97 8.05
C GLY B 88 -26.78 -40.81 8.97
N TYR B 89 -25.87 -39.91 8.57
CA TYR B 89 -25.46 -38.81 9.42
C TYR B 89 -25.19 -37.57 8.58
N SER B 90 -25.82 -36.47 8.96
CA SER B 90 -25.58 -35.14 8.36
C SER B 90 -25.89 -35.23 6.86
N GLY B 91 -25.05 -34.67 6.00
CA GLY B 91 -25.31 -34.69 4.57
C GLY B 91 -26.03 -33.45 4.08
N VAL B 92 -25.53 -32.86 2.99
CA VAL B 92 -26.12 -31.68 2.38
C VAL B 92 -26.22 -31.89 0.88
N GLY B 93 -27.31 -31.42 0.29
CA GLY B 93 -27.49 -31.48 -1.14
C GLY B 93 -28.01 -30.18 -1.72
N CYS B 94 -27.50 -29.79 -2.90
CA CYS B 94 -27.99 -28.60 -3.59
C CYS B 94 -28.33 -28.96 -5.03
N TRP B 95 -29.47 -28.45 -5.50
CA TRP B 95 -29.97 -28.76 -6.83
C TRP B 95 -30.25 -27.48 -7.60
N ILE B 96 -29.73 -27.40 -8.82
CA ILE B 96 -29.92 -26.24 -9.69
C ILE B 96 -30.76 -26.67 -10.89
N ARG B 97 -31.87 -25.98 -11.12
CA ARG B 97 -32.71 -26.30 -12.26
C ARG B 97 -32.05 -25.89 -13.57
N ILE B 98 -32.12 -26.76 -14.56
CA ILE B 98 -31.57 -26.51 -15.88
C ILE B 98 -32.67 -25.89 -16.74
N PRO B 99 -32.61 -24.60 -17.05
CA PRO B 99 -33.66 -23.99 -17.88
C PRO B 99 -33.46 -24.30 -19.36
N GLU B 100 -34.54 -24.11 -20.11
CA GLU B 100 -34.50 -24.34 -21.54
C GLU B 100 -33.76 -23.20 -22.25
N LYS B 101 -33.34 -23.46 -23.49
CA LYS B 101 -32.60 -22.46 -24.25
C LYS B 101 -33.45 -21.24 -24.59
N ASN B 102 -34.77 -21.39 -24.64
CA ASN B 102 -35.67 -20.28 -24.91
C ASN B 102 -36.13 -19.57 -23.63
N HIS B 103 -35.29 -19.56 -22.60
CA HIS B 103 -35.61 -18.92 -21.33
C HIS B 103 -34.64 -17.77 -21.08
N PRO B 104 -35.13 -16.63 -20.56
CA PRO B 104 -34.24 -15.47 -20.37
C PRO B 104 -33.14 -15.70 -19.35
N LEU B 105 -33.31 -16.63 -18.42
CA LEU B 105 -32.32 -16.91 -17.39
C LEU B 105 -31.45 -18.12 -17.73
N TYR B 106 -31.38 -18.50 -19.01
CA TYR B 106 -30.59 -19.66 -19.39
C TYR B 106 -29.10 -19.41 -19.21
N HIS B 107 -28.62 -18.23 -19.63
CA HIS B 107 -27.21 -17.92 -19.48
C HIS B 107 -26.85 -17.54 -18.05
N ALA B 108 -27.85 -17.13 -17.24
CA ALA B 108 -27.58 -16.74 -15.87
C ALA B 108 -27.47 -17.93 -14.93
N LEU B 109 -28.24 -19.00 -15.19
CA LEU B 109 -28.26 -20.17 -14.34
C LEU B 109 -27.22 -21.21 -14.73
N GLN B 110 -26.23 -20.85 -15.54
CA GLN B 110 -25.18 -21.78 -15.91
C GLN B 110 -24.23 -21.99 -14.75
N VAL B 111 -24.03 -23.24 -14.36
CA VAL B 111 -23.13 -23.58 -13.26
C VAL B 111 -21.71 -23.63 -13.81
N VAL B 112 -20.86 -22.70 -13.36
CA VAL B 112 -19.49 -22.60 -13.85
C VAL B 112 -18.54 -23.28 -12.87
N LYS B 113 -18.91 -23.30 -11.59
CA LYS B 113 -18.07 -23.92 -10.57
C LYS B 113 -18.94 -24.57 -9.50
N ALA B 114 -18.33 -25.47 -8.75
CA ALA B 114 -18.98 -26.13 -7.62
C ALA B 114 -17.90 -26.65 -6.68
N GLU B 115 -18.16 -26.56 -5.38
CA GLU B 115 -17.16 -26.90 -4.39
C GLU B 115 -17.81 -27.59 -3.20
N GLU B 116 -17.04 -28.44 -2.54
CA GLU B 116 -17.47 -29.14 -1.34
C GLU B 116 -16.72 -28.59 -0.13
N GLY B 117 -17.46 -28.31 0.94
CA GLY B 117 -16.85 -27.85 2.17
C GLY B 117 -16.63 -26.35 2.19
N ILE B 118 -16.19 -25.87 3.35
CA ILE B 118 -15.97 -24.44 3.56
C ILE B 118 -14.49 -24.06 3.53
N THR B 119 -13.58 -25.01 3.75
CA THR B 119 -12.17 -24.70 3.84
C THR B 119 -11.43 -24.84 2.51
N GLY B 120 -11.97 -25.62 1.57
CA GLY B 120 -11.29 -25.86 0.31
C GLY B 120 -10.23 -26.93 0.34
N TYR B 121 -10.00 -27.56 1.49
CA TYR B 121 -8.99 -28.60 1.60
C TYR B 121 -9.45 -29.95 1.07
N LEU B 122 -10.75 -30.14 0.87
CA LEU B 122 -11.24 -31.37 0.27
C LEU B 122 -10.77 -31.47 -1.18
N THR B 123 -10.66 -32.70 -1.66
CA THR B 123 -10.08 -32.98 -2.97
C THR B 123 -11.16 -33.36 -3.98
N ILE B 124 -10.74 -33.45 -5.24
CA ILE B 124 -11.62 -33.85 -6.34
C ILE B 124 -10.85 -34.81 -7.24
N LYS B 125 -11.61 -35.64 -7.95
CA LYS B 125 -11.00 -36.65 -8.82
C LYS B 125 -10.25 -35.99 -9.96
N ASN B 126 -9.00 -36.41 -10.16
CA ASN B 126 -8.15 -35.84 -11.19
C ASN B 126 -7.58 -36.87 -12.16
N GLY B 127 -7.41 -38.12 -11.73
CA GLY B 127 -6.88 -39.15 -12.61
C GLY B 127 -6.79 -40.51 -11.95
N LYS B 128 -5.60 -41.10 -11.96
CA LYS B 128 -5.35 -42.40 -11.35
C LYS B 128 -4.37 -42.20 -10.20
N HIS B 129 -4.85 -42.40 -8.96
CA HIS B 129 -4.05 -42.22 -7.76
C HIS B 129 -3.45 -40.81 -7.69
N SER B 130 -4.26 -39.81 -8.05
CA SER B 130 -3.81 -38.42 -8.03
C SER B 130 -5.03 -37.53 -7.87
N ALA B 131 -5.08 -36.77 -6.78
CA ALA B 131 -6.18 -35.86 -6.50
C ALA B 131 -5.63 -34.50 -6.13
N ILE B 132 -6.45 -33.46 -6.34
CA ILE B 132 -6.07 -32.09 -6.08
C ILE B 132 -7.22 -31.41 -5.33
N SER B 133 -6.86 -30.56 -4.36
CA SER B 133 -7.85 -29.84 -3.57
C SER B 133 -8.32 -28.60 -4.31
N TYR B 134 -9.39 -28.00 -3.80
CA TYR B 134 -9.96 -26.80 -4.42
C TYR B 134 -9.05 -25.58 -4.24
N ARG B 135 -8.21 -25.55 -3.20
CA ARG B 135 -7.34 -24.41 -2.99
C ARG B 135 -6.23 -24.34 -4.04
N ASN B 136 -5.77 -25.50 -4.53
CA ASN B 136 -4.67 -25.55 -5.48
C ASN B 136 -5.11 -25.36 -6.93
N ASP B 137 -6.33 -25.79 -7.27
CA ASP B 137 -6.87 -25.62 -8.61
C ASP B 137 -7.74 -24.38 -8.64
N VAL B 138 -7.34 -23.38 -9.44
CA VAL B 138 -8.09 -22.13 -9.51
C VAL B 138 -9.28 -22.26 -10.45
N ASN B 139 -9.19 -23.13 -11.46
CA ASN B 139 -10.29 -23.31 -12.40
C ASN B 139 -11.43 -24.15 -11.84
N GLN B 140 -11.24 -24.76 -10.67
CA GLN B 140 -12.29 -25.52 -10.00
C GLN B 140 -12.72 -24.89 -8.68
N GLY B 141 -11.79 -24.35 -7.91
CA GLY B 141 -12.13 -23.71 -6.66
C GLY B 141 -12.73 -22.33 -6.86
N ILE B 142 -13.61 -21.95 -5.94
CA ILE B 142 -14.32 -20.68 -6.07
C ILE B 142 -13.47 -19.52 -5.57
N GLY B 143 -12.62 -19.74 -4.58
CA GLY B 143 -11.72 -18.72 -4.09
C GLY B 143 -12.08 -18.26 -2.70
N GLY B 144 -11.37 -17.25 -2.23
CA GLY B 144 -11.60 -16.68 -0.92
C GLY B 144 -11.04 -17.50 0.23
N TYR B 145 -9.98 -18.26 -0.01
CA TYR B 145 -9.37 -19.07 1.03
C TYR B 145 -8.35 -18.31 1.87
N ASP B 146 -8.17 -17.02 1.62
CA ASP B 146 -7.08 -16.27 2.25
C ASP B 146 -7.37 -16.08 3.73
N SER B 147 -6.68 -16.86 4.53
CA SER B 147 -6.75 -16.81 5.98
C SER B 147 -8.12 -16.91 6.59
N LEU B 148 -8.61 -18.02 6.60
CA LEU B 148 -9.95 -18.28 7.11
C LEU B 148 -9.89 -18.48 8.63
N ASP B 149 -8.70 -18.79 9.13
CA ASP B 149 -8.49 -19.01 10.55
C ASP B 149 -7.02 -18.81 10.90
N PRO B 150 -6.75 -18.34 12.14
CA PRO B 150 -5.39 -18.09 12.62
C PRO B 150 -4.49 -19.32 12.50
N ASP B 151 -4.76 -20.35 13.31
CA ASP B 151 -3.96 -21.57 13.28
C ASP B 151 -4.77 -22.71 12.65
N LEU B 152 -4.85 -22.71 11.32
CA LEU B 152 -5.60 -23.74 10.61
C LEU B 152 -4.70 -24.57 9.70
N ASP B 153 -4.39 -25.78 10.15
CA ASP B 153 -3.55 -26.68 9.37
C ASP B 153 -4.43 -27.55 8.47
N GLU B 154 -3.81 -28.47 7.74
CA GLU B 154 -4.58 -29.34 6.84
C GLU B 154 -5.41 -30.35 7.62
N LYS B 155 -4.91 -30.83 8.77
CA LYS B 155 -5.64 -31.85 9.52
C LYS B 155 -6.93 -31.30 10.12
N SER B 156 -6.83 -30.17 10.82
CA SER B 156 -8.02 -29.61 11.47
C SER B 156 -9.04 -29.10 10.46
N ALA B 157 -8.59 -28.70 9.26
CA ALA B 157 -9.51 -28.24 8.23
C ALA B 157 -10.27 -29.40 7.61
N LEU B 158 -9.58 -30.50 7.28
CA LEU B 158 -10.28 -31.68 6.79
C LEU B 158 -11.20 -32.27 7.85
N GLU B 159 -10.82 -32.14 9.13
CA GLU B 159 -11.70 -32.54 10.22
C GLU B 159 -12.92 -31.65 10.29
N LEU B 160 -12.77 -30.36 9.95
CA LEU B 160 -13.91 -29.45 9.94
C LEU B 160 -14.83 -29.73 8.76
N ASP B 161 -14.31 -30.30 7.67
CA ASP B 161 -15.08 -30.62 6.48
C ASP B 161 -15.29 -32.13 6.34
N SER B 162 -15.35 -32.85 7.47
CA SER B 162 -15.44 -34.30 7.45
C SER B 162 -16.85 -34.83 7.60
N GLU B 163 -17.84 -33.96 7.85
CA GLU B 163 -19.19 -34.41 8.14
C GLU B 163 -20.21 -34.00 7.08
N GLY B 164 -19.75 -33.58 5.90
CA GLY B 164 -20.67 -33.21 4.83
C GLY B 164 -21.69 -32.17 5.23
N ARG B 165 -21.23 -30.94 5.45
CA ARG B 165 -22.09 -29.88 5.98
C ARG B 165 -22.17 -28.66 5.08
N CYS B 166 -21.56 -28.69 3.89
CA CYS B 166 -21.55 -27.50 3.06
C CYS B 166 -21.39 -27.88 1.59
N VAL B 167 -22.12 -27.16 0.74
CA VAL B 167 -22.02 -27.29 -0.72
C VAL B 167 -22.06 -25.89 -1.32
N MET B 168 -21.08 -25.57 -2.16
CA MET B 168 -21.01 -24.28 -2.82
C MET B 168 -21.20 -24.45 -4.33
N VAL B 169 -21.98 -23.55 -4.91
CA VAL B 169 -22.25 -23.55 -6.35
C VAL B 169 -22.17 -22.12 -6.86
N GLU B 170 -21.38 -21.91 -7.91
CA GLU B 170 -21.22 -20.59 -8.52
C GLU B 170 -21.90 -20.58 -9.89
N LEU B 171 -22.75 -19.57 -10.10
CA LEU B 171 -23.44 -19.40 -11.37
C LEU B 171 -22.67 -18.43 -12.26
N ALA B 172 -22.98 -18.49 -13.57
CA ALA B 172 -22.27 -17.65 -14.53
C ALA B 172 -22.54 -16.17 -14.35
N CYS B 173 -23.64 -15.80 -13.70
CA CYS B 173 -23.98 -14.41 -13.48
C CYS B 173 -23.34 -13.83 -12.23
N GLY B 174 -22.46 -14.57 -11.57
CA GLY B 174 -21.73 -14.08 -10.42
C GLY B 174 -22.29 -14.45 -9.08
N ILE B 175 -23.39 -15.20 -9.02
CA ILE B 175 -24.00 -15.62 -7.77
C ILE B 175 -23.32 -16.88 -7.27
N VAL B 176 -22.95 -16.89 -6.00
CA VAL B 176 -22.38 -18.07 -5.35
C VAL B 176 -23.36 -18.51 -4.27
N ILE B 177 -23.92 -19.70 -4.43
CA ILE B 177 -24.92 -20.24 -3.50
C ILE B 177 -24.22 -21.16 -2.52
N ILE B 178 -24.25 -20.81 -1.24
CA ILE B 178 -23.63 -21.59 -0.18
C ILE B 178 -24.74 -22.25 0.63
N SER B 179 -24.77 -23.58 0.60
CA SER B 179 -25.78 -24.38 1.31
C SER B 179 -25.09 -25.09 2.46
N VAL B 180 -25.53 -24.80 3.69
CA VAL B 180 -24.83 -25.27 4.87
C VAL B 180 -25.77 -26.03 5.80
N TYR B 181 -25.18 -26.89 6.62
CA TYR B 181 -25.86 -27.56 7.74
C TYR B 181 -24.88 -27.50 8.92
N CYS B 182 -24.92 -26.38 9.64
CA CYS B 182 -23.90 -26.12 10.65
C CYS B 182 -24.08 -27.02 11.86
N PRO B 183 -22.99 -27.33 12.57
CA PRO B 183 -23.10 -28.20 13.76
C PRO B 183 -23.95 -27.55 14.84
N ALA B 184 -24.60 -28.39 15.64
CA ALA B 184 -25.51 -27.95 16.68
C ALA B 184 -25.00 -28.17 18.09
N ASN B 185 -24.10 -29.13 18.30
CA ASN B 185 -23.58 -29.50 19.62
C ASN B 185 -24.74 -29.90 20.54
N SER B 186 -25.37 -31.02 20.17
CA SER B 186 -26.54 -31.50 20.90
C SER B 186 -26.14 -32.03 22.28
N ASN B 187 -25.01 -32.74 22.37
CA ASN B 187 -24.57 -33.28 23.64
C ASN B 187 -24.02 -32.22 24.59
N SER B 188 -23.88 -30.98 24.12
CA SER B 188 -23.44 -29.84 24.96
C SER B 188 -22.07 -30.11 25.58
N SER B 189 -21.12 -30.50 24.75
CA SER B 189 -19.77 -30.81 25.20
C SER B 189 -18.83 -29.65 24.90
N GLU B 190 -17.67 -29.67 25.56
CA GLU B 190 -16.68 -28.61 25.35
C GLU B 190 -16.04 -28.74 23.98
N GLU B 191 -15.69 -29.96 23.56
CA GLU B 191 -15.09 -30.14 22.25
C GLU B 191 -16.08 -29.86 21.13
N GLY B 192 -17.37 -30.15 21.37
CA GLY B 192 -18.37 -29.87 20.35
C GLY B 192 -18.64 -28.39 20.18
N GLU B 193 -18.61 -27.64 21.28
CA GLU B 193 -18.81 -26.20 21.20
C GLU B 193 -17.67 -25.53 20.45
N MET B 194 -16.44 -26.02 20.62
CA MET B 194 -15.32 -25.46 19.86
C MET B 194 -15.45 -25.79 18.38
N PHE B 195 -15.89 -27.01 18.05
CA PHE B 195 -16.10 -27.37 16.65
C PHE B 195 -17.17 -26.51 16.01
N ARG B 196 -18.28 -26.30 16.72
CA ARG B 196 -19.35 -25.45 16.20
C ARG B 196 -18.86 -24.03 15.98
N LEU B 197 -18.13 -23.47 16.95
CA LEU B 197 -17.65 -22.10 16.83
C LEU B 197 -16.65 -21.94 15.70
N ARG B 198 -15.73 -22.91 15.56
CA ARG B 198 -14.73 -22.80 14.49
C ARG B 198 -15.39 -22.94 13.13
N PHE B 199 -16.39 -23.82 13.00
CA PHE B 199 -17.11 -23.96 11.74
C PHE B 199 -17.81 -22.66 11.37
N LEU B 200 -18.49 -22.04 12.33
CA LEU B 200 -19.24 -20.82 12.06
C LEU B 200 -18.30 -19.66 11.71
N LYS B 201 -17.13 -19.60 12.35
CA LYS B 201 -16.17 -18.54 12.04
C LYS B 201 -15.57 -18.72 10.65
N VAL B 202 -15.18 -19.95 10.31
CA VAL B 202 -14.58 -20.20 9.00
C VAL B 202 -15.59 -19.97 7.89
N LEU B 203 -16.85 -20.37 8.11
CA LEU B 203 -17.89 -20.15 7.11
C LEU B 203 -18.10 -18.67 6.86
N LEU B 204 -18.34 -17.90 7.92
CA LEU B 204 -18.64 -16.48 7.75
C LEU B 204 -17.45 -15.70 7.21
N ARG B 205 -16.22 -16.11 7.57
CA ARG B 205 -15.05 -15.46 6.99
C ARG B 205 -14.95 -15.77 5.50
N ARG B 206 -15.21 -17.02 5.11
CA ARG B 206 -15.25 -17.37 3.70
C ARG B 206 -16.29 -16.55 2.94
N VAL B 207 -17.38 -16.19 3.61
CA VAL B 207 -18.40 -15.36 2.97
C VAL B 207 -17.88 -13.94 2.76
N ARG B 208 -17.19 -13.37 3.75
CA ARG B 208 -16.67 -12.01 3.60
C ARG B 208 -15.58 -11.95 2.54
N ASN B 209 -14.75 -13.00 2.44
CA ASN B 209 -13.71 -13.01 1.42
C ASN B 209 -14.31 -13.04 0.01
N LEU B 210 -15.31 -13.91 -0.21
CA LEU B 210 -15.95 -13.96 -1.52
C LEU B 210 -16.71 -12.68 -1.81
N ASP B 211 -17.22 -12.02 -0.78
CA ASP B 211 -17.92 -10.75 -0.99
C ASP B 211 -16.95 -9.65 -1.39
N LYS B 212 -15.76 -9.60 -0.77
CA LYS B 212 -14.77 -8.61 -1.16
C LYS B 212 -14.27 -8.84 -2.57
N ILE B 213 -14.21 -10.10 -3.01
CA ILE B 213 -13.82 -10.39 -4.38
C ILE B 213 -14.87 -9.88 -5.37
N GLY B 214 -16.14 -9.90 -4.98
CA GLY B 214 -17.19 -9.35 -5.81
C GLY B 214 -18.31 -10.31 -6.13
N LYS B 215 -18.38 -11.43 -5.42
CA LYS B 215 -19.43 -12.41 -5.65
C LYS B 215 -20.72 -11.98 -4.97
N LYS B 216 -21.84 -12.32 -5.61
CA LYS B 216 -23.17 -12.08 -5.03
C LYS B 216 -23.57 -13.35 -4.30
N ILE B 217 -23.43 -13.34 -2.98
CA ILE B 217 -23.54 -14.54 -2.17
C ILE B 217 -24.97 -14.76 -1.71
N VAL B 218 -25.43 -16.00 -1.84
CA VAL B 218 -26.69 -16.45 -1.26
C VAL B 218 -26.36 -17.57 -0.28
N LEU B 219 -26.49 -17.30 1.01
CA LEU B 219 -26.21 -18.25 2.07
C LEU B 219 -27.53 -18.76 2.64
N MET B 220 -27.78 -20.06 2.51
CA MET B 220 -29.03 -20.62 2.97
C MET B 220 -28.79 -22.01 3.54
N GLY B 221 -29.63 -22.38 4.51
CA GLY B 221 -29.56 -23.70 5.11
C GLY B 221 -29.86 -23.63 6.59
N ASN B 222 -29.49 -24.70 7.29
CA ASN B 222 -29.68 -24.80 8.74
C ASN B 222 -28.43 -24.27 9.43
N VAL B 223 -28.51 -23.04 9.93
CA VAL B 223 -27.37 -22.45 10.65
C VAL B 223 -27.29 -22.94 12.08
N ASN B 224 -28.39 -23.46 12.64
CA ASN B 224 -28.44 -23.95 14.02
C ASN B 224 -28.10 -22.84 15.02
N VAL B 225 -28.42 -21.60 14.66
CA VAL B 225 -28.17 -20.45 15.51
C VAL B 225 -29.34 -19.49 15.40
N CYS B 226 -29.89 -19.08 16.54
N CYS B 226 -29.83 -19.02 16.55
CA CYS B 226 -30.92 -18.06 16.59
CA CYS B 226 -30.92 -18.07 16.61
C CYS B 226 -30.27 -16.68 16.60
C CYS B 226 -30.35 -16.65 16.68
N ARG B 227 -30.77 -15.79 15.75
CA ARG B 227 -30.19 -14.46 15.65
C ARG B 227 -30.82 -13.46 16.62
N ASP B 228 -32.13 -13.54 16.83
CA ASP B 228 -32.84 -12.57 17.65
C ASP B 228 -33.62 -13.28 18.75
N LEU B 229 -33.94 -12.52 19.80
CA LEU B 229 -34.74 -13.07 20.90
C LEU B 229 -36.12 -13.51 20.43
N ILE B 230 -36.71 -12.77 19.49
CA ILE B 230 -38.06 -13.08 19.04
C ILE B 230 -38.15 -14.38 18.25
N ASP B 231 -37.02 -14.98 17.91
CA ASP B 231 -36.99 -16.26 17.22
C ASP B 231 -36.75 -17.43 18.16
N SER B 232 -37.03 -17.27 19.46
CA SER B 232 -36.75 -18.31 20.45
C SER B 232 -37.90 -18.36 21.45
N ALA B 233 -38.81 -19.33 21.27
CA ALA B 233 -39.88 -19.51 22.24
C ALA B 233 -39.33 -19.91 23.59
N ASP B 234 -38.24 -20.66 23.61
CA ASP B 234 -37.62 -21.10 24.86
C ASP B 234 -37.12 -19.90 25.67
N THR B 235 -36.39 -18.99 25.01
CA THR B 235 -35.82 -17.85 25.73
C THR B 235 -36.89 -16.83 26.09
N LEU B 236 -37.91 -16.67 25.25
CA LEU B 236 -39.00 -15.76 25.58
C LEU B 236 -39.74 -16.22 26.83
N GLU B 237 -39.89 -17.54 27.01
CA GLU B 237 -40.56 -18.03 28.21
C GLU B 237 -39.64 -17.90 29.42
N GLN B 238 -38.33 -18.08 29.23
CA GLN B 238 -37.39 -17.93 30.33
C GLN B 238 -37.43 -16.53 30.92
N PHE B 239 -37.47 -15.51 30.05
CA PHE B 239 -37.58 -14.13 30.48
C PHE B 239 -39.01 -13.73 30.84
N SER B 240 -39.95 -14.68 30.78
CA SER B 240 -41.35 -14.42 31.13
C SER B 240 -41.94 -13.31 30.24
N ILE B 241 -41.72 -13.45 28.94
CA ILE B 241 -42.25 -12.50 27.97
C ILE B 241 -43.44 -13.14 27.26
N PRO B 242 -44.67 -12.76 27.60
CA PRO B 242 -45.83 -13.34 26.93
C PRO B 242 -46.03 -12.76 25.54
N ILE B 243 -46.65 -13.55 24.67
CA ILE B 243 -46.95 -13.16 23.31
C ILE B 243 -48.46 -13.14 23.16
N THR B 244 -49.03 -11.94 23.04
CA THR B 244 -50.47 -11.76 22.86
C THR B 244 -50.80 -11.38 21.42
N ASP B 245 -50.22 -10.30 20.91
CA ASP B 245 -50.41 -9.89 19.53
C ASP B 245 -49.39 -10.62 18.67
N PRO B 246 -49.81 -11.51 17.76
CA PRO B 246 -48.85 -12.22 16.90
C PRO B 246 -48.12 -11.31 15.93
N MET B 247 -48.51 -10.04 15.80
CA MET B 247 -47.82 -9.09 14.94
C MET B 247 -47.24 -7.92 15.74
N GLY B 248 -46.91 -8.17 17.01
CA GLY B 248 -46.41 -7.13 17.87
C GLY B 248 -44.93 -7.26 18.18
N GLY B 249 -44.13 -7.61 17.17
CA GLY B 249 -42.71 -7.80 17.39
C GLY B 249 -41.99 -6.51 17.70
N THR B 250 -42.36 -5.43 17.01
CA THR B 250 -41.74 -4.13 17.27
C THR B 250 -42.08 -3.63 18.66
N LYS B 251 -43.32 -3.85 19.12
CA LYS B 251 -43.68 -3.45 20.48
C LYS B 251 -42.97 -4.31 21.51
N LEU B 252 -42.79 -5.61 21.21
CA LEU B 252 -42.09 -6.49 22.14
C LEU B 252 -40.62 -6.11 22.24
N GLU B 253 -39.97 -5.91 21.08
CA GLU B 253 -38.56 -5.52 21.08
C GLU B 253 -38.34 -4.14 21.70
N ALA B 254 -39.37 -3.29 21.72
CA ALA B 254 -39.20 -1.97 22.30
C ALA B 254 -39.31 -2.02 23.83
N GLN B 255 -40.32 -2.73 24.34
CA GLN B 255 -40.47 -2.88 25.78
C GLN B 255 -39.33 -3.68 26.40
N TYR B 256 -38.83 -4.69 25.68
CA TYR B 256 -37.74 -5.53 26.15
C TYR B 256 -36.47 -5.30 25.33
N ARG B 257 -36.15 -4.03 25.09
CA ARG B 257 -34.96 -3.69 24.31
C ARG B 257 -33.69 -4.23 24.96
N ASP B 258 -33.64 -4.24 26.30
CA ASP B 258 -32.47 -4.72 26.99
C ASP B 258 -32.24 -6.20 26.71
N LYS B 259 -33.26 -7.03 26.89
CA LYS B 259 -33.12 -8.46 26.65
C LYS B 259 -32.85 -8.76 25.18
N ALA B 260 -33.37 -7.92 24.27
CA ALA B 260 -33.15 -8.15 22.85
C ALA B 260 -31.70 -7.90 22.45
N ILE B 261 -31.07 -6.89 23.05
CA ILE B 261 -29.67 -6.61 22.75
C ILE B 261 -28.75 -7.56 23.51
N GLN B 262 -29.03 -7.77 24.80
CA GLN B 262 -28.24 -8.74 25.57
C GLN B 262 -28.29 -10.13 24.95
N PHE B 263 -29.38 -10.44 24.23
CA PHE B 263 -29.47 -11.71 23.52
C PHE B 263 -28.40 -11.83 22.45
N ILE B 264 -28.05 -10.73 21.81
CA ILE B 264 -27.12 -10.77 20.68
C ILE B 264 -25.68 -10.82 21.16
N ILE B 265 -25.34 -9.98 22.15
CA ILE B 265 -23.95 -9.78 22.54
C ILE B 265 -23.56 -10.65 23.73
N ASN B 266 -24.44 -11.55 24.16
CA ASN B 266 -24.17 -12.39 25.33
C ASN B 266 -22.89 -13.19 25.14
N PRO B 267 -21.85 -12.96 25.96
CA PRO B 267 -20.61 -13.73 25.80
C PRO B 267 -20.76 -15.21 26.12
N ASP B 268 -21.81 -15.61 26.83
CA ASP B 268 -22.03 -17.03 27.11
C ASP B 268 -22.58 -17.78 25.90
N THR B 269 -23.08 -17.07 24.90
CA THR B 269 -23.60 -17.67 23.67
C THR B 269 -22.95 -17.00 22.47
N PRO B 270 -21.62 -17.14 22.33
CA PRO B 270 -20.91 -16.35 21.30
C PRO B 270 -21.29 -16.68 19.88
N HIS B 271 -21.90 -17.84 19.63
CA HIS B 271 -22.33 -18.16 18.28
C HIS B 271 -23.43 -17.22 17.81
N ARG B 272 -24.22 -16.69 18.75
CA ARG B 272 -25.25 -15.72 18.39
C ARG B 272 -24.65 -14.37 18.04
N ARG B 273 -23.52 -14.01 18.67
CA ARG B 273 -22.83 -12.77 18.32
C ARG B 273 -22.18 -12.88 16.95
N ILE B 274 -21.48 -13.99 16.70
CA ILE B 274 -20.77 -14.17 15.44
C ILE B 274 -21.74 -14.20 14.27
N PHE B 275 -22.90 -14.84 14.45
CA PHE B 275 -23.87 -14.88 13.36
C PHE B 275 -24.41 -13.49 13.07
N ASN B 276 -24.58 -12.66 14.10
CA ASN B 276 -25.17 -11.33 13.92
C ASN B 276 -24.23 -10.37 13.21
N GLN B 277 -22.91 -10.51 13.38
CA GLN B 277 -21.95 -9.58 12.80
CA GLN B 277 -22.01 -9.52 12.81
C GLN B 277 -22.06 -9.52 11.29
N ILE B 278 -22.42 -10.64 10.65
CA ILE B 278 -22.52 -10.69 9.20
C ILE B 278 -23.88 -10.26 8.70
N LEU B 279 -24.86 -10.10 9.57
CA LEU B 279 -26.19 -9.68 9.17
C LEU B 279 -26.22 -8.16 9.06
N ALA B 280 -26.49 -7.65 7.85
CA ALA B 280 -26.60 -6.21 7.67
C ALA B 280 -27.83 -5.64 8.35
N ASP B 281 -28.84 -6.48 8.63
CA ASP B 281 -30.06 -6.07 9.31
C ASP B 281 -30.07 -6.48 10.78
N SER B 282 -28.90 -6.59 11.39
CA SER B 282 -28.80 -6.89 12.81
C SER B 282 -29.31 -5.70 13.64
N LEU B 283 -29.77 -6.02 14.85
CA LEU B 283 -30.33 -5.00 15.74
C LEU B 283 -29.29 -4.02 16.26
N LEU B 284 -28.00 -4.32 16.08
CA LEU B 284 -26.97 -3.45 16.62
C LEU B 284 -26.84 -2.17 15.80
N PRO B 285 -26.40 -1.07 16.42
CA PRO B 285 -26.42 0.22 15.73
C PRO B 285 -25.53 0.31 14.51
N ASP B 286 -24.50 -0.52 14.39
CA ASP B 286 -23.54 -0.42 13.30
C ASP B 286 -23.75 -1.49 12.23
N ALA B 287 -24.93 -2.11 12.19
CA ALA B 287 -25.12 -3.24 11.28
C ALA B 287 -25.05 -2.81 9.82
N SER B 288 -25.45 -1.57 9.51
CA SER B 288 -25.47 -1.10 8.13
C SER B 288 -24.06 -1.07 7.54
N LYS B 289 -23.07 -0.68 8.33
CA LYS B 289 -21.69 -0.59 7.88
C LYS B 289 -20.90 -1.88 8.09
N ARG B 290 -21.40 -2.78 8.92
CA ARG B 290 -20.63 -3.95 9.35
C ARG B 290 -21.07 -5.24 8.67
N GLY B 291 -22.37 -5.45 8.48
CA GLY B 291 -22.85 -6.67 7.88
C GLY B 291 -22.97 -6.60 6.37
N ILE B 292 -22.99 -7.78 5.74
CA ILE B 292 -23.07 -7.90 4.29
C ILE B 292 -24.21 -8.78 3.81
N LEU B 293 -24.97 -9.41 4.72
CA LEU B 293 -26.07 -10.28 4.33
C LEU B 293 -27.38 -9.76 4.87
N ILE B 294 -28.47 -10.12 4.18
CA ILE B 294 -29.83 -9.68 4.52
C ILE B 294 -30.69 -10.90 4.76
N ASP B 295 -31.44 -10.88 5.86
CA ASP B 295 -32.39 -11.93 6.21
C ASP B 295 -33.64 -11.72 5.35
N THR B 296 -33.78 -12.49 4.28
CA THR B 296 -34.88 -12.28 3.35
C THR B 296 -36.23 -12.49 4.03
N THR B 297 -36.33 -13.53 4.87
CA THR B 297 -37.59 -13.79 5.57
C THR B 297 -37.95 -12.64 6.50
N ARG B 298 -36.98 -12.16 7.28
CA ARG B 298 -37.25 -11.02 8.15
C ARG B 298 -37.55 -9.76 7.35
N LEU B 299 -36.95 -9.61 6.17
CA LEU B 299 -37.18 -8.41 5.38
C LEU B 299 -38.62 -8.33 4.89
N ILE B 300 -39.15 -9.44 4.39
CA ILE B 300 -40.49 -9.44 3.82
C ILE B 300 -41.55 -9.55 4.91
N GLN B 301 -41.36 -10.48 5.84
CA GLN B 301 -42.32 -10.66 6.93
C GLN B 301 -42.23 -9.57 7.99
N THR B 302 -41.21 -8.69 7.91
CA THR B 302 -40.95 -7.61 8.87
C THR B 302 -40.65 -8.16 10.26
N ARG B 303 -40.21 -7.29 11.16
CA ARG B 303 -39.89 -7.70 12.53
C ARG B 303 -41.12 -7.72 13.43
N ASN B 304 -42.32 -7.52 12.87
CA ASN B 304 -43.54 -7.58 13.67
C ASN B 304 -44.03 -9.00 13.84
N ARG B 305 -43.76 -9.88 12.88
CA ARG B 305 -44.29 -11.24 12.93
C ARG B 305 -43.56 -12.04 13.99
N LEU B 306 -44.28 -12.42 15.04
CA LEU B 306 -43.74 -13.26 16.09
C LEU B 306 -44.05 -14.73 15.80
N LYS B 307 -43.37 -15.62 16.53
CA LYS B 307 -43.57 -17.06 16.42
C LYS B 307 -43.32 -17.57 15.00
N MET B 308 -42.40 -16.94 14.29
CA MET B 308 -42.03 -17.37 12.94
C MET B 308 -40.96 -18.45 13.00
N TYR B 309 -41.33 -19.56 13.63
CA TYR B 309 -40.40 -20.64 13.91
C TYR B 309 -40.31 -21.62 12.75
N THR B 310 -39.14 -22.24 12.59
CA THR B 310 -38.92 -23.22 11.53
C THR B 310 -38.49 -24.57 12.08
N VAL B 311 -38.50 -24.76 13.39
CA VAL B 311 -38.12 -26.04 14.00
C VAL B 311 -38.87 -26.16 15.32
N TRP B 312 -39.30 -27.39 15.64
CA TRP B 312 -40.01 -27.68 16.87
C TRP B 312 -39.55 -29.02 17.41
N ASN B 313 -39.52 -29.13 18.73
CA ASN B 313 -39.14 -30.39 19.37
C ASN B 313 -40.26 -31.40 19.20
N MET B 314 -40.01 -32.42 18.37
CA MET B 314 -41.07 -33.39 18.06
C MET B 314 -41.36 -34.29 19.26
N LEU B 315 -40.31 -34.66 20.01
CA LEU B 315 -40.51 -35.54 21.16
C LEU B 315 -41.39 -34.92 22.23
N LYS B 316 -41.34 -33.59 22.38
CA LYS B 316 -42.17 -32.88 23.35
C LYS B 316 -43.48 -32.40 22.76
N ASN B 317 -43.72 -32.64 21.47
CA ASN B 317 -44.98 -32.29 20.80
C ASN B 317 -45.25 -30.79 20.88
N LEU B 318 -44.27 -29.99 20.45
CA LEU B 318 -44.36 -28.54 20.53
C LEU B 318 -44.67 -27.89 19.19
N ARG B 319 -44.87 -28.67 18.13
CA ARG B 319 -45.23 -28.12 16.83
C ARG B 319 -46.69 -27.69 16.76
N PRO B 320 -47.65 -28.45 17.32
CA PRO B 320 -49.04 -27.97 17.29
C PRO B 320 -49.23 -26.60 17.93
N SER B 321 -48.57 -26.33 19.06
CA SER B 321 -48.69 -25.03 19.71
C SER B 321 -47.74 -24.00 19.13
N ASN B 322 -46.98 -24.35 18.10
CA ASN B 322 -46.01 -23.45 17.46
C ASN B 322 -45.03 -22.88 18.48
N TYR B 323 -44.37 -23.79 19.20
CA TYR B 323 -43.38 -23.45 20.20
C TYR B 323 -42.04 -24.01 19.72
N GLY B 324 -41.19 -23.13 19.19
CA GLY B 324 -39.92 -23.54 18.65
C GLY B 324 -38.99 -22.39 18.35
N SER B 325 -38.15 -22.55 17.33
CA SER B 325 -37.13 -21.56 17.00
C SER B 325 -37.06 -21.40 15.48
N ARG B 326 -36.32 -20.38 15.04
CA ARG B 326 -36.03 -20.15 13.63
C ARG B 326 -34.52 -20.27 13.44
N ILE B 327 -34.07 -21.43 12.97
CA ILE B 327 -32.66 -21.67 12.68
C ILE B 327 -32.39 -21.87 11.20
N ASP B 328 -33.40 -21.71 10.35
CA ASP B 328 -33.27 -21.92 8.91
C ASP B 328 -33.45 -20.59 8.20
N PHE B 329 -32.49 -20.25 7.33
CA PHE B 329 -32.40 -18.91 6.76
C PHE B 329 -32.15 -18.97 5.26
N ILE B 330 -32.45 -17.86 4.61
CA ILE B 330 -32.05 -17.58 3.23
C ILE B 330 -31.48 -16.17 3.23
N LEU B 331 -30.16 -16.06 3.27
CA LEU B 331 -29.46 -14.78 3.38
C LEU B 331 -28.83 -14.42 2.05
N VAL B 332 -28.98 -13.15 1.65
CA VAL B 332 -28.48 -12.68 0.37
C VAL B 332 -27.61 -11.45 0.58
N SER B 333 -26.70 -11.23 -0.38
CA SER B 333 -25.79 -10.09 -0.34
C SER B 333 -26.55 -8.78 -0.49
N LEU B 334 -25.88 -7.69 -0.13
CA LEU B 334 -26.44 -6.36 -0.34
C LEU B 334 -26.58 -6.05 -1.83
N LYS B 335 -25.77 -6.69 -2.67
CA LYS B 335 -25.88 -6.51 -4.11
C LYS B 335 -27.14 -7.13 -4.68
N LEU B 336 -27.77 -8.05 -3.96
CA LEU B 336 -29.02 -8.66 -4.38
C LEU B 336 -30.23 -8.13 -3.61
N GLU B 337 -30.07 -7.01 -2.90
CA GLU B 337 -31.17 -6.53 -2.05
C GLU B 337 -32.39 -6.14 -2.87
N ARG B 338 -32.18 -5.40 -3.96
CA ARG B 338 -33.31 -4.97 -4.77
C ARG B 338 -33.93 -6.09 -5.61
N CYS B 339 -33.52 -7.35 -5.43
CA CYS B 339 -34.12 -8.46 -6.14
C CYS B 339 -35.18 -9.21 -5.34
N ILE B 340 -35.21 -9.02 -4.02
CA ILE B 340 -36.08 -9.81 -3.15
C ILE B 340 -37.53 -9.41 -3.41
N LYS B 341 -38.29 -10.30 -4.05
CA LYS B 341 -39.69 -10.07 -4.33
C LYS B 341 -40.63 -10.76 -3.33
N ALA B 342 -40.23 -11.90 -2.78
CA ALA B 342 -41.05 -12.60 -1.81
C ALA B 342 -40.17 -13.48 -0.94
N ALA B 343 -40.63 -13.71 0.29
CA ALA B 343 -39.92 -14.57 1.23
C ALA B 343 -40.83 -14.94 2.39
N ASP B 344 -40.95 -16.23 2.70
CA ASP B 344 -41.79 -16.67 3.80
C ASP B 344 -41.34 -18.05 4.24
N ILE B 345 -41.91 -18.51 5.36
CA ILE B 345 -41.75 -19.87 5.82
C ILE B 345 -43.02 -20.64 5.48
N LEU B 346 -42.89 -21.97 5.42
CA LEU B 346 -43.99 -22.85 5.07
C LEU B 346 -44.21 -23.86 6.19
N PRO B 347 -44.77 -23.42 7.33
CA PRO B 347 -44.89 -24.33 8.49
C PRO B 347 -45.91 -25.43 8.30
N ASP B 348 -46.75 -25.37 7.27
CA ASP B 348 -47.76 -26.40 7.04
C ASP B 348 -47.21 -27.64 6.34
N ILE B 349 -45.99 -27.59 5.84
CA ILE B 349 -45.40 -28.72 5.13
C ILE B 349 -44.85 -29.71 6.17
N LEU B 350 -45.25 -30.96 6.03
CA LEU B 350 -44.82 -32.02 6.93
C LEU B 350 -43.66 -32.79 6.31
N GLY B 351 -43.15 -33.77 7.05
CA GLY B 351 -42.04 -34.60 6.61
C GLY B 351 -40.80 -34.50 7.47
N SER B 352 -40.74 -33.54 8.40
CA SER B 352 -39.55 -33.33 9.21
C SER B 352 -39.96 -32.61 10.49
N ASP B 353 -39.00 -32.43 11.38
CA ASP B 353 -39.21 -31.56 12.53
C ASP B 353 -38.90 -30.10 12.22
N HIS B 354 -38.37 -29.82 11.03
CA HIS B 354 -38.24 -28.48 10.49
C HIS B 354 -39.35 -28.23 9.47
N CYS B 355 -39.44 -26.98 9.02
CA CYS B 355 -40.31 -26.64 7.90
C CYS B 355 -39.52 -25.88 6.84
N PRO B 356 -39.97 -25.94 5.58
CA PRO B 356 -39.20 -25.29 4.51
C PRO B 356 -39.25 -23.77 4.59
N VAL B 357 -38.30 -23.15 3.90
CA VAL B 357 -38.19 -21.71 3.77
C VAL B 357 -37.90 -21.39 2.30
N TYR B 358 -38.56 -20.36 1.78
CA TYR B 358 -38.38 -19.99 0.38
C TYR B 358 -38.24 -18.47 0.25
N SER B 359 -37.61 -18.06 -0.84
CA SER B 359 -37.47 -16.65 -1.18
C SER B 359 -37.36 -16.52 -2.69
N ASP B 360 -38.04 -15.51 -3.25
CA ASP B 360 -38.05 -15.26 -4.68
C ASP B 360 -37.20 -14.03 -5.00
N LEU B 361 -36.24 -14.20 -5.92
CA LEU B 361 -35.36 -13.13 -6.35
C LEU B 361 -35.50 -12.95 -7.86
N ASP B 362 -35.73 -11.71 -8.29
CA ASP B 362 -35.78 -11.37 -9.71
C ASP B 362 -34.38 -10.95 -10.17
N ILE B 363 -33.80 -11.81 -10.97
CA ILE B 363 -32.48 -11.61 -11.45
C ILE B 363 -32.42 -10.47 -12.41
N LEU B 364 -33.34 -10.41 -13.35
CA LEU B 364 -33.42 -9.32 -14.33
C LEU B 364 -32.10 -8.91 -14.97
N ASP B 365 -31.33 -9.89 -15.41
CA ASP B 365 -30.04 -9.64 -16.03
C ASP B 365 -29.58 -10.85 -16.83
N GLN B 374 -21.52 -24.31 -24.88
CA GLN B 374 -21.86 -24.61 -23.49
C GLN B 374 -20.65 -24.51 -22.56
N VAL B 375 -20.84 -24.93 -21.31
CA VAL B 375 -19.77 -24.87 -20.32
C VAL B 375 -19.61 -26.20 -19.67
N PRO B 376 -18.37 -26.60 -19.42
CA PRO B 376 -18.09 -27.88 -18.78
C PRO B 376 -18.65 -27.92 -17.37
N ILE B 377 -19.35 -29.00 -17.07
CA ILE B 377 -19.93 -29.18 -15.77
C ILE B 377 -18.83 -29.45 -14.81
N PRO B 378 -18.92 -28.89 -13.60
CA PRO B 378 -17.87 -29.09 -12.60
C PRO B 378 -17.79 -30.55 -12.15
N LYS B 379 -16.60 -30.97 -11.74
CA LYS B 379 -16.36 -32.35 -11.38
C LYS B 379 -17.01 -32.75 -10.06
N PHE B 380 -17.46 -31.79 -9.25
CA PHE B 380 -18.16 -32.11 -8.02
C PHE B 380 -19.62 -32.49 -8.24
N GLU B 381 -20.15 -32.30 -9.44
CA GLU B 381 -21.51 -32.75 -9.74
C GLU B 381 -21.64 -34.23 -9.42
N ALA B 382 -22.86 -34.64 -9.07
CA ALA B 382 -23.10 -35.98 -8.54
C ALA B 382 -22.73 -37.07 -9.54
N ARG B 383 -22.95 -36.83 -10.83
CA ARG B 383 -22.66 -37.87 -11.83
C ARG B 383 -21.16 -38.13 -11.94
N TYR B 384 -20.33 -37.12 -11.66
CA TYR B 384 -18.88 -37.25 -11.71
C TYR B 384 -18.26 -37.55 -10.36
N LYS B 385 -18.80 -36.97 -9.28
CA LYS B 385 -18.21 -37.13 -7.96
C LYS B 385 -18.39 -38.55 -7.42
N TYR B 386 -19.58 -39.11 -7.60
CA TYR B 386 -19.90 -40.44 -7.07
C TYR B 386 -19.93 -41.50 -8.16
N ASN B 387 -19.42 -41.19 -9.35
CA ASN B 387 -19.25 -42.15 -10.44
C ASN B 387 -20.44 -42.88 -11.04
N LEU B 388 -21.38 -42.15 -11.58
CA LEU B 388 -22.64 -42.72 -11.92
C LEU B 388 -22.64 -43.17 -13.35
N ARG B 389 -23.42 -44.20 -13.64
CA ARG B 389 -23.50 -44.72 -14.99
C ARG B 389 -24.48 -43.89 -15.81
N GLY C 11 3.14 -14.36 -34.81
CA GLY C 11 2.04 -13.55 -35.32
C GLY C 11 1.01 -13.36 -34.24
N LYS C 12 0.08 -12.42 -34.43
CA LYS C 12 -0.90 -12.20 -33.38
C LYS C 12 -2.14 -13.06 -33.63
N SER C 13 -2.80 -13.45 -32.53
CA SER C 13 -3.99 -14.27 -32.63
C SER C 13 -5.13 -13.48 -33.29
N GLU C 14 -6.23 -14.19 -33.55
CA GLU C 14 -7.31 -13.60 -34.32
C GLU C 14 -8.07 -12.54 -33.52
N ASN C 15 -8.39 -12.85 -32.25
CA ASN C 15 -9.17 -11.92 -31.44
C ASN C 15 -8.42 -11.51 -30.18
N THR C 16 -7.18 -11.08 -30.34
CA THR C 16 -6.39 -10.53 -29.25
C THR C 16 -6.00 -9.09 -29.56
N ILE C 17 -6.02 -8.25 -28.55
CA ILE C 17 -5.67 -6.84 -28.69
C ILE C 17 -4.16 -6.70 -28.48
N ARG C 18 -3.46 -6.26 -29.52
CA ARG C 18 -2.01 -6.10 -29.46
C ARG C 18 -1.69 -4.69 -28.99
N PHE C 19 -1.13 -4.58 -27.79
CA PHE C 19 -0.62 -3.32 -27.26
C PHE C 19 0.81 -3.11 -27.73
N LEU C 20 1.16 -1.86 -28.03
CA LEU C 20 2.49 -1.54 -28.54
C LEU C 20 2.97 -0.25 -27.92
N THR C 21 4.15 -0.30 -27.29
CA THR C 21 4.82 0.89 -26.78
C THR C 21 6.14 1.07 -27.50
N PHE C 22 6.55 2.32 -27.67
CA PHE C 22 7.73 2.63 -28.47
C PHE C 22 8.19 4.04 -28.15
N ASN C 23 9.41 4.18 -27.63
CA ASN C 23 10.02 5.49 -27.43
C ASN C 23 10.70 5.87 -28.74
N VAL C 24 9.96 6.59 -29.60
CA VAL C 24 10.44 6.89 -30.94
C VAL C 24 11.61 7.88 -30.93
N ASN C 25 11.73 8.70 -29.88
CA ASN C 25 12.77 9.72 -29.77
C ASN C 25 12.76 10.63 -31.00
N GLY C 26 11.57 11.13 -31.32
CA GLY C 26 11.38 11.92 -32.52
C GLY C 26 10.52 11.20 -33.54
N ILE C 27 9.26 11.61 -33.67
CA ILE C 27 8.36 10.92 -34.60
C ILE C 27 8.72 11.24 -36.04
N ARG C 28 9.25 12.44 -36.29
CA ARG C 28 9.70 12.78 -37.63
C ARG C 28 11.02 12.10 -37.97
N THR C 29 11.95 12.05 -37.01
CA THR C 29 13.23 11.41 -37.25
C THR C 29 13.09 9.90 -37.43
N PHE C 30 12.08 9.30 -36.79
CA PHE C 30 11.92 7.85 -36.86
C PHE C 30 11.48 7.39 -38.23
N PHE C 31 10.80 8.25 -38.99
CA PHE C 31 10.36 7.92 -40.34
C PHE C 31 11.48 8.00 -41.37
N HIS C 32 12.73 8.11 -40.95
CA HIS C 32 13.87 8.14 -41.86
C HIS C 32 14.63 6.82 -41.87
N TYR C 33 14.11 5.79 -41.23
CA TYR C 33 14.78 4.51 -41.13
C TYR C 33 13.95 3.42 -41.79
N GLN C 34 14.64 2.36 -42.24
CA GLN C 34 13.96 1.26 -42.89
C GLN C 34 13.19 0.43 -41.87
N PRO C 35 11.99 -0.06 -42.21
CA PRO C 35 11.33 0.16 -43.50
C PRO C 35 10.37 1.35 -43.46
N PHE C 36 10.44 2.13 -42.38
CA PHE C 36 9.49 3.22 -42.18
C PHE C 36 9.70 4.36 -43.15
N SER C 37 10.87 4.45 -43.79
CA SER C 37 11.12 5.50 -44.78
C SER C 37 10.38 5.27 -46.08
N GLN C 38 9.64 4.17 -46.20
CA GLN C 38 8.88 3.86 -47.41
C GLN C 38 7.37 4.05 -47.25
N MET C 39 6.91 4.37 -46.04
CA MET C 39 5.48 4.45 -45.76
C MET C 39 4.94 5.87 -45.86
N ASN C 40 5.76 6.82 -46.31
CA ASN C 40 5.32 8.19 -46.58
C ASN C 40 4.75 8.86 -45.34
N GLN C 41 5.40 8.65 -44.20
CA GLN C 41 5.03 9.29 -42.94
C GLN C 41 3.58 9.01 -42.56
N SER C 42 3.15 7.77 -42.78
CA SER C 42 1.78 7.35 -42.46
C SER C 42 1.83 6.47 -41.22
N LEU C 43 1.29 6.97 -40.11
CA LEU C 43 1.23 6.17 -38.90
C LEU C 43 0.31 4.96 -39.09
N ARG C 44 -0.67 5.07 -39.98
CA ARG C 44 -1.55 3.94 -40.27
C ARG C 44 -0.75 2.77 -40.85
N SER C 45 0.17 3.05 -41.77
CA SER C 45 1.00 2.00 -42.34
C SER C 45 1.91 1.38 -41.29
N VAL C 46 2.40 2.18 -40.34
CA VAL C 46 3.27 1.65 -39.30
C VAL C 46 2.48 0.74 -38.35
N PHE C 47 1.27 1.16 -37.97
CA PHE C 47 0.46 0.36 -37.06
C PHE C 47 0.06 -0.97 -37.70
N ASP C 48 -0.20 -0.96 -39.02
CA ASP C 48 -0.50 -2.21 -39.70
C ASP C 48 0.74 -3.07 -39.86
N PHE C 49 1.92 -2.45 -39.98
CA PHE C 49 3.15 -3.23 -40.08
C PHE C 49 3.42 -4.01 -38.80
N PHE C 50 3.16 -3.41 -37.64
CA PHE C 50 3.29 -4.11 -36.37
C PHE C 50 2.06 -4.95 -36.04
N ARG C 51 0.96 -4.81 -36.80
CA ARG C 51 -0.29 -5.52 -36.54
C ARG C 51 -0.82 -5.20 -35.14
N ALA C 52 -0.68 -3.94 -34.74
CA ALA C 52 -1.06 -3.50 -33.41
C ALA C 52 -2.40 -2.76 -33.43
N ASP C 53 -3.06 -2.77 -32.29
CA ASP C 53 -4.37 -2.14 -32.12
C ASP C 53 -4.35 -0.93 -31.18
N ILE C 54 -3.59 -1.00 -30.10
CA ILE C 54 -3.44 0.09 -29.15
C ILE C 54 -1.95 0.41 -29.05
N ILE C 55 -1.55 1.57 -29.56
CA ILE C 55 -0.15 1.94 -29.69
C ILE C 55 0.10 3.23 -28.94
N THR C 56 1.27 3.35 -28.32
CA THR C 56 1.72 4.58 -27.68
C THR C 56 3.15 4.87 -28.12
N PHE C 57 3.40 6.12 -28.51
CA PHE C 57 4.73 6.59 -28.90
C PHE C 57 5.20 7.63 -27.91
N GLN C 58 6.37 7.40 -27.32
CA GLN C 58 6.94 8.32 -26.34
C GLN C 58 8.02 9.18 -26.98
N GLN C 59 8.18 10.39 -26.45
CA GLN C 59 9.19 11.36 -26.89
C GLN C 59 9.00 11.67 -28.38
N LEU C 60 7.88 12.34 -28.67
CA LEU C 60 7.55 12.67 -30.05
C LEU C 60 8.46 13.76 -30.59
N LYS C 61 8.83 14.74 -29.76
CA LYS C 61 9.63 15.88 -30.18
C LYS C 61 9.01 16.60 -31.37
N THR C 62 7.69 16.79 -31.32
CA THR C 62 6.95 17.42 -32.40
C THR C 62 6.52 18.83 -31.98
N GLU C 63 5.55 19.39 -32.70
CA GLU C 63 5.02 20.72 -32.40
C GLU C 63 3.54 20.74 -32.76
N LYS C 64 2.89 21.84 -32.47
CA LYS C 64 1.48 21.95 -32.73
C LYS C 64 1.18 21.83 -34.21
N LEU C 65 1.98 22.49 -35.02
CA LEU C 65 1.70 22.52 -36.46
C LEU C 65 1.71 21.12 -37.05
N SER C 66 2.61 20.26 -36.57
CA SER C 66 2.72 18.90 -37.10
C SER C 66 1.60 17.98 -36.62
N ILE C 67 0.84 18.38 -35.60
CA ILE C 67 -0.28 17.57 -35.12
C ILE C 67 -1.33 17.36 -36.20
N SER C 68 -1.41 18.27 -37.17
CA SER C 68 -2.34 18.10 -38.29
C SER C 68 -2.06 16.84 -39.08
N LYS C 69 -0.85 16.30 -39.00
CA LYS C 69 -0.48 15.06 -39.69
C LYS C 69 -0.44 13.86 -38.76
N TRP C 70 0.05 14.02 -37.53
CA TRP C 70 0.09 12.92 -36.58
C TRP C 70 -1.22 12.73 -35.82
N GLY C 71 -2.13 13.70 -35.89
CA GLY C 71 -3.41 13.62 -35.22
C GLY C 71 -4.55 13.12 -36.08
N ARG C 72 -4.30 12.95 -37.37
CA ARG C 72 -5.33 12.54 -38.29
C ARG C 72 -5.00 11.22 -38.95
N VAL C 73 -5.25 10.11 -38.28
CA VAL C 73 -4.99 8.82 -38.88
C VAL C 73 -6.28 8.16 -39.35
N ASP C 74 -6.20 7.39 -40.43
CA ASP C 74 -7.37 6.72 -40.99
C ASP C 74 -7.69 5.44 -40.24
N GLY C 75 -8.86 5.40 -39.62
CA GLY C 75 -9.24 4.22 -38.85
C GLY C 75 -8.64 4.15 -37.47
N PHE C 76 -8.23 5.29 -36.91
CA PHE C 76 -7.58 5.32 -35.61
C PHE C 76 -7.98 6.59 -34.87
N TYR C 77 -8.19 6.45 -33.56
CA TYR C 77 -8.34 7.61 -32.69
C TYR C 77 -6.95 8.10 -32.28
N SER C 78 -6.80 9.42 -32.20
CA SER C 78 -5.52 10.05 -31.91
C SER C 78 -5.63 10.88 -30.65
N PHE C 79 -4.80 10.56 -29.66
CA PHE C 79 -4.74 11.31 -28.40
C PHE C 79 -3.28 11.66 -28.15
N ILE C 80 -2.94 12.93 -28.30
CA ILE C 80 -1.56 13.40 -28.23
C ILE C 80 -1.45 14.46 -27.13
N SER C 81 -0.39 14.38 -26.33
CA SER C 81 -0.09 15.35 -25.29
C SER C 81 1.31 15.90 -25.55
N ILE C 82 1.40 17.23 -25.71
CA ILE C 82 2.67 17.89 -25.99
C ILE C 82 2.82 19.04 -25.00
N PRO C 83 4.07 19.50 -24.78
CA PRO C 83 4.27 20.67 -23.92
C PRO C 83 3.53 21.89 -24.45
N GLN C 84 3.28 22.84 -23.55
CA GLN C 84 2.50 24.02 -23.90
C GLN C 84 3.27 24.93 -24.85
N THR C 85 4.51 25.26 -24.52
CA THR C 85 5.32 26.18 -25.32
C THR C 85 6.60 25.58 -25.86
N ARG C 86 7.25 24.69 -25.09
CA ARG C 86 8.53 24.14 -25.48
C ARG C 86 8.35 23.20 -26.68
N LYS C 87 8.90 23.59 -27.82
CA LYS C 87 8.81 22.79 -29.04
C LYS C 87 9.95 21.79 -29.11
N GLY C 88 9.68 20.64 -29.74
CA GLY C 88 10.70 19.63 -29.91
C GLY C 88 11.20 19.02 -28.62
N TYR C 89 10.33 18.87 -27.63
CA TYR C 89 10.70 18.30 -26.34
C TYR C 89 9.60 17.36 -25.87
N SER C 90 10.00 16.16 -25.45
CA SER C 90 9.08 15.17 -24.91
C SER C 90 7.93 14.91 -25.86
N GLY C 91 6.73 14.68 -25.33
CA GLY C 91 5.56 14.44 -26.15
C GLY C 91 5.13 12.99 -26.13
N VAL C 92 3.86 12.74 -25.77
CA VAL C 92 3.31 11.40 -25.69
C VAL C 92 2.06 11.34 -26.58
N GLY C 93 1.96 10.26 -27.37
CA GLY C 93 0.79 10.04 -28.19
C GLY C 93 0.24 8.63 -28.08
N CYS C 94 -1.08 8.50 -27.97
CA CYS C 94 -1.74 7.20 -27.87
C CYS C 94 -2.76 7.07 -28.99
N TRP C 95 -2.75 5.92 -29.66
CA TRP C 95 -3.64 5.67 -30.78
C TRP C 95 -4.43 4.39 -30.55
N ILE C 96 -5.73 4.45 -30.82
CA ILE C 96 -6.64 3.32 -30.63
C ILE C 96 -7.22 2.95 -31.99
N ARG C 97 -7.15 1.66 -32.33
CA ARG C 97 -7.68 1.20 -33.60
C ARG C 97 -9.21 1.18 -33.57
N ILE C 98 -9.81 1.65 -34.65
CA ILE C 98 -11.28 1.67 -34.76
C ILE C 98 -11.72 0.43 -35.54
N PRO C 99 -12.27 -0.58 -34.88
CA PRO C 99 -12.72 -1.78 -35.58
C PRO C 99 -14.07 -1.55 -36.28
N GLU C 100 -14.39 -2.47 -37.17
CA GLU C 100 -15.66 -2.43 -37.88
C GLU C 100 -16.79 -2.90 -36.98
N LYS C 101 -18.02 -2.64 -37.40
CA LYS C 101 -19.19 -3.08 -36.64
C LYS C 101 -19.34 -4.59 -36.62
N ASN C 102 -18.74 -5.29 -37.58
CA ASN C 102 -18.79 -6.74 -37.66
C ASN C 102 -17.61 -7.41 -36.95
N HIS C 103 -16.98 -6.72 -35.99
CA HIS C 103 -15.85 -7.25 -35.25
C HIS C 103 -16.27 -7.56 -33.82
N PRO C 104 -15.82 -8.69 -33.25
CA PRO C 104 -16.23 -9.03 -31.88
C PRO C 104 -15.66 -8.10 -30.82
N LEU C 105 -14.71 -7.24 -31.16
CA LEU C 105 -14.12 -6.28 -30.23
C LEU C 105 -14.57 -4.86 -30.50
N TYR C 106 -15.74 -4.68 -31.12
CA TYR C 106 -16.21 -3.34 -31.46
C TYR C 106 -16.69 -2.60 -30.22
N HIS C 107 -17.58 -3.23 -29.44
CA HIS C 107 -18.09 -2.60 -28.23
C HIS C 107 -17.02 -2.46 -27.15
N ALA C 108 -15.96 -3.28 -27.20
CA ALA C 108 -14.93 -3.21 -26.17
C ALA C 108 -13.93 -2.10 -26.45
N LEU C 109 -13.58 -1.87 -27.70
CA LEU C 109 -12.61 -0.85 -28.01
C LEU C 109 -13.19 0.55 -28.17
N GLN C 110 -14.42 0.74 -27.72
CA GLN C 110 -15.00 2.08 -27.74
C GLN C 110 -14.33 2.96 -26.71
N VAL C 111 -13.93 4.17 -27.11
CA VAL C 111 -13.29 5.12 -26.22
C VAL C 111 -14.36 5.99 -25.58
N VAL C 112 -14.44 5.96 -24.26
CA VAL C 112 -15.47 6.68 -23.53
C VAL C 112 -14.88 7.93 -22.87
N LYS C 113 -13.60 7.85 -22.50
CA LYS C 113 -12.94 8.96 -21.83
C LYS C 113 -11.50 9.07 -22.33
N ALA C 114 -10.91 10.24 -22.08
CA ALA C 114 -9.52 10.50 -22.45
C ALA C 114 -9.02 11.66 -21.61
N GLU C 115 -8.00 11.41 -20.79
CA GLU C 115 -7.47 12.40 -19.87
C GLU C 115 -6.00 12.67 -20.17
N GLU C 116 -5.56 13.90 -19.88
CA GLU C 116 -4.19 14.33 -20.10
C GLU C 116 -3.52 14.59 -18.77
N GLY C 117 -2.38 13.94 -18.54
CA GLY C 117 -1.61 14.14 -17.33
C GLY C 117 -1.94 13.12 -16.25
N ILE C 118 -1.14 13.17 -15.18
CA ILE C 118 -1.31 12.24 -14.06
C ILE C 118 -2.07 12.85 -12.90
N THR C 119 -2.09 14.18 -12.78
CA THR C 119 -2.75 14.84 -11.66
C THR C 119 -4.22 15.16 -11.95
N GLY C 120 -4.53 15.54 -13.18
CA GLY C 120 -5.90 15.88 -13.55
C GLY C 120 -6.23 17.35 -13.49
N TYR C 121 -5.28 18.20 -13.11
CA TYR C 121 -5.52 19.64 -13.05
C TYR C 121 -5.54 20.30 -14.43
N LEU C 122 -5.13 19.60 -15.48
CA LEU C 122 -5.16 20.16 -16.82
C LEU C 122 -6.60 20.34 -17.28
N THR C 123 -6.82 21.37 -18.11
CA THR C 123 -8.16 21.76 -18.51
C THR C 123 -8.46 21.31 -19.93
N ILE C 124 -9.74 21.39 -20.29
CA ILE C 124 -10.23 21.04 -21.62
C ILE C 124 -11.24 22.09 -22.05
N LYS C 125 -11.30 22.33 -23.36
CA LYS C 125 -12.22 23.32 -23.91
C LYS C 125 -13.66 22.90 -23.74
N HIS C 129 -15.92 28.88 -25.35
CA HIS C 129 -14.78 29.54 -24.73
C HIS C 129 -14.69 29.16 -23.25
N SER C 130 -15.22 28.00 -22.91
CA SER C 130 -15.21 27.52 -21.53
C SER C 130 -13.99 26.63 -21.28
N ALA C 131 -13.62 26.52 -20.01
CA ALA C 131 -12.47 25.70 -19.63
C ALA C 131 -12.71 25.14 -18.23
N ILE C 132 -12.62 23.82 -18.11
CA ILE C 132 -12.81 23.13 -16.84
C ILE C 132 -11.84 21.96 -16.77
N SER C 133 -11.22 21.77 -15.60
CA SER C 133 -10.24 20.71 -15.43
C SER C 133 -10.94 19.35 -15.36
N TYR C 134 -10.13 18.29 -15.42
CA TYR C 134 -10.68 16.93 -15.37
C TYR C 134 -11.16 16.56 -13.97
N ARG C 135 -10.63 17.21 -12.92
CA ARG C 135 -11.07 16.90 -11.57
C ARG C 135 -12.46 17.47 -11.30
N ASN C 136 -12.76 18.63 -11.86
CA ASN C 136 -14.07 19.26 -11.65
C ASN C 136 -15.16 18.67 -12.53
N ASP C 137 -14.79 17.97 -13.60
CA ASP C 137 -15.75 17.34 -14.51
C ASP C 137 -15.53 15.83 -14.44
N VAL C 138 -16.41 15.14 -13.72
CA VAL C 138 -16.28 13.70 -13.55
C VAL C 138 -16.72 12.93 -14.80
N ASN C 139 -17.55 13.53 -15.64
CA ASN C 139 -18.02 12.82 -16.84
C ASN C 139 -16.91 12.64 -17.86
N GLN C 140 -15.90 13.51 -17.85
CA GLN C 140 -14.75 13.36 -18.73
C GLN C 140 -13.50 12.89 -18.04
N GLY C 141 -13.34 13.18 -16.74
CA GLY C 141 -12.21 12.66 -16.00
C GLY C 141 -12.42 11.21 -15.61
N ILE C 142 -11.30 10.48 -15.55
CA ILE C 142 -11.38 9.05 -15.23
C ILE C 142 -11.65 8.85 -13.74
N GLY C 143 -10.98 9.60 -12.90
CA GLY C 143 -11.15 9.52 -11.46
C GLY C 143 -9.84 9.16 -10.77
N GLY C 144 -9.96 8.84 -9.49
CA GLY C 144 -8.80 8.47 -8.70
C GLY C 144 -7.92 9.61 -8.26
N TYR C 145 -8.46 10.82 -8.15
CA TYR C 145 -7.70 11.98 -7.72
C TYR C 145 -7.59 12.09 -6.20
N ASP C 146 -8.05 11.08 -5.46
CA ASP C 146 -8.08 11.15 -4.00
C ASP C 146 -6.68 11.02 -3.44
N SER C 147 -6.16 12.15 -2.98
CA SER C 147 -4.84 12.25 -2.35
C SER C 147 -3.64 11.76 -3.16
N LEU C 148 -3.20 12.35 -4.12
CA LEU C 148 -2.05 11.93 -4.92
C LEU C 148 -0.73 12.40 -4.34
N ASP C 149 -0.76 13.51 -3.59
CA ASP C 149 0.45 14.07 -2.99
C ASP C 149 0.08 14.99 -1.83
N PRO C 150 0.73 14.77 -0.68
CA PRO C 150 0.52 15.52 0.56
C PRO C 150 0.74 17.03 0.45
N ASP C 151 1.81 17.45 -0.20
CA ASP C 151 2.08 18.87 -0.32
C ASP C 151 1.94 19.11 -1.78
N LEU C 152 0.70 19.22 -2.23
CA LEU C 152 0.47 19.36 -3.66
C LEU C 152 -0.64 20.35 -3.89
N ASP C 153 -0.35 21.60 -4.57
CA ASP C 153 -1.34 22.60 -4.92
C ASP C 153 -1.55 22.61 -6.43
N GLU C 154 -2.42 23.50 -6.91
CA GLU C 154 -2.68 23.58 -8.35
C GLU C 154 -1.45 24.04 -9.12
N LYS C 155 -0.64 24.91 -8.51
CA LYS C 155 0.55 25.42 -9.20
C LYS C 155 1.57 24.32 -9.46
N SER C 156 1.91 23.55 -8.41
CA SER C 156 2.89 22.48 -8.57
C SER C 156 2.35 21.32 -9.38
N ALA C 157 1.03 21.13 -9.42
CA ALA C 157 0.46 20.05 -10.21
C ALA C 157 0.49 20.36 -11.70
N LEU C 158 0.12 21.59 -12.08
CA LEU C 158 0.25 22.00 -13.47
C LEU C 158 1.71 22.05 -13.91
N GLU C 159 2.61 22.36 -12.97
CA GLU C 159 4.04 22.30 -13.26
C GLU C 159 4.50 20.87 -13.47
N LEU C 160 3.91 19.91 -12.76
CA LEU C 160 4.27 18.51 -12.93
C LEU C 160 3.82 17.97 -14.28
N ASP C 161 2.68 18.44 -14.79
CA ASP C 161 2.18 18.04 -16.10
C ASP C 161 2.42 19.12 -17.16
N SER C 162 3.48 19.90 -17.00
CA SER C 162 3.80 20.97 -17.94
C SER C 162 4.69 20.52 -19.08
N GLU C 163 5.06 19.23 -19.13
CA GLU C 163 5.95 18.72 -20.16
C GLU C 163 5.28 17.70 -21.05
N GLY C 164 3.98 17.47 -20.90
CA GLY C 164 3.25 16.53 -21.73
C GLY C 164 3.83 15.13 -21.71
N ARG C 165 3.72 14.45 -20.57
CA ARG C 165 4.38 13.16 -20.37
C ARG C 165 3.40 12.03 -20.08
N CYS C 166 2.10 12.24 -20.24
CA CYS C 166 1.14 11.18 -19.91
C CYS C 166 -0.14 11.36 -20.73
N VAL C 167 -0.64 10.23 -21.23
CA VAL C 167 -1.92 10.17 -21.93
C VAL C 167 -2.70 8.98 -21.38
N MET C 168 -3.96 9.22 -20.98
CA MET C 168 -4.82 8.19 -20.43
C MET C 168 -6.01 7.98 -21.34
N VAL C 169 -6.33 6.71 -21.59
CA VAL C 169 -7.46 6.33 -22.45
C VAL C 169 -8.22 5.22 -21.76
N GLU C 170 -9.49 5.47 -21.43
CA GLU C 170 -10.35 4.48 -20.81
C GLU C 170 -11.30 3.90 -21.85
N LEU C 171 -11.46 2.58 -21.83
CA LEU C 171 -12.29 1.87 -22.78
C LEU C 171 -13.65 1.53 -22.17
N ALA C 172 -14.53 0.96 -23.00
CA ALA C 172 -15.87 0.63 -22.57
C ALA C 172 -15.92 -0.66 -21.75
N CYS C 173 -14.90 -1.51 -21.85
CA CYS C 173 -14.84 -2.75 -21.10
C CYS C 173 -14.13 -2.60 -19.77
N GLY C 174 -14.03 -1.38 -19.24
CA GLY C 174 -13.42 -1.16 -17.95
C GLY C 174 -11.91 -1.14 -17.93
N ILE C 175 -11.26 -1.16 -19.08
CA ILE C 175 -9.80 -1.18 -19.19
C ILE C 175 -9.30 0.24 -19.39
N VAL C 176 -8.32 0.65 -18.59
CA VAL C 176 -7.75 1.99 -18.63
C VAL C 176 -6.30 1.88 -19.06
N ILE C 177 -5.97 2.51 -20.19
CA ILE C 177 -4.61 2.54 -20.71
C ILE C 177 -3.94 3.83 -20.24
N ILE C 178 -2.77 3.69 -19.62
CA ILE C 178 -2.00 4.83 -19.14
C ILE C 178 -0.66 4.81 -19.88
N SER C 179 -0.47 5.77 -20.79
CA SER C 179 0.76 5.90 -21.56
C SER C 179 1.59 7.04 -20.97
N VAL C 180 2.79 6.71 -20.49
CA VAL C 180 3.61 7.67 -19.77
C VAL C 180 5.00 7.76 -20.40
N TYR C 181 5.66 8.90 -20.17
CA TYR C 181 7.06 9.14 -20.53
C TYR C 181 7.67 9.89 -19.35
N CYS C 182 8.04 9.14 -18.32
CA CYS C 182 8.47 9.73 -17.06
C CYS C 182 9.81 10.42 -17.21
N PRO C 183 10.07 11.45 -16.40
CA PRO C 183 11.37 12.13 -16.47
C PRO C 183 12.51 11.21 -16.05
N ALA C 184 13.70 11.50 -16.56
CA ALA C 184 14.87 10.68 -16.30
C ALA C 184 15.95 11.38 -15.48
N ASN C 185 15.93 12.71 -15.41
CA ASN C 185 16.98 13.48 -14.75
C ASN C 185 18.36 13.13 -15.32
N SER C 186 18.51 13.40 -16.61
CA SER C 186 19.73 13.03 -17.32
C SER C 186 20.92 13.89 -16.89
N ASN C 187 20.69 15.07 -16.34
CA ASN C 187 21.77 15.95 -15.92
C ASN C 187 22.20 15.74 -14.47
N SER C 188 21.58 14.79 -13.76
CA SER C 188 21.94 14.47 -12.38
C SER C 188 21.88 15.70 -11.48
N SER C 189 20.77 16.43 -11.56
CA SER C 189 20.55 17.62 -10.75
C SER C 189 19.62 17.32 -9.59
N GLU C 190 19.73 18.13 -8.54
CA GLU C 190 18.88 17.95 -7.37
C GLU C 190 17.43 18.31 -7.67
N GLU C 191 17.21 19.38 -8.43
CA GLU C 191 15.85 19.76 -8.81
C GLU C 191 15.26 18.77 -9.80
N GLY C 192 16.08 18.17 -10.66
CA GLY C 192 15.59 17.21 -11.61
C GLY C 192 15.27 15.87 -10.99
N GLU C 193 15.92 15.54 -9.88
CA GLU C 193 15.64 14.27 -9.20
C GLU C 193 14.34 14.34 -8.42
N MET C 194 14.06 15.49 -7.79
CA MET C 194 12.79 15.62 -7.07
C MET C 194 11.62 15.64 -8.05
N PHE C 195 11.77 16.31 -9.19
CA PHE C 195 10.72 16.29 -10.20
C PHE C 195 10.54 14.90 -10.78
N ARG C 196 11.59 14.07 -10.73
CA ARG C 196 11.49 12.69 -11.18
C ARG C 196 10.81 11.82 -10.13
N LEU C 197 11.16 12.00 -8.86
CA LEU C 197 10.58 11.19 -7.81
C LEU C 197 9.12 11.57 -7.54
N ARG C 198 8.81 12.87 -7.61
CA ARG C 198 7.43 13.30 -7.41
C ARG C 198 6.54 12.83 -8.56
N PHE C 199 7.04 12.86 -9.79
CA PHE C 199 6.25 12.39 -10.92
C PHE C 199 5.93 10.91 -10.79
N LEU C 200 6.89 10.11 -10.35
CA LEU C 200 6.68 8.67 -10.22
C LEU C 200 5.70 8.36 -9.08
N LYS C 201 5.82 9.06 -7.95
CA LYS C 201 4.93 8.81 -6.82
C LYS C 201 3.49 9.17 -7.18
N VAL C 202 3.28 10.33 -7.80
CA VAL C 202 1.93 10.71 -8.22
C VAL C 202 1.40 9.76 -9.29
N LEU C 203 2.28 9.25 -10.15
CA LEU C 203 1.84 8.30 -11.17
C LEU C 203 1.39 6.99 -10.53
N LEU C 204 2.20 6.43 -9.63
CA LEU C 204 1.84 5.17 -8.99
C LEU C 204 0.67 5.35 -8.02
N ARG C 205 0.57 6.52 -7.38
CA ARG C 205 -0.58 6.79 -6.53
C ARG C 205 -1.86 6.89 -7.33
N ARG C 206 -1.77 7.42 -8.56
CA ARG C 206 -2.93 7.46 -9.44
C ARG C 206 -3.32 6.06 -9.90
N VAL C 207 -2.34 5.16 -10.05
CA VAL C 207 -2.64 3.79 -10.45
C VAL C 207 -3.36 3.05 -9.33
N ARG C 208 -2.88 3.20 -8.09
CA ARG C 208 -3.49 2.50 -6.97
C ARG C 208 -4.90 3.01 -6.69
N ASN C 209 -5.15 4.29 -6.90
CA ASN C 209 -6.49 4.83 -6.68
C ASN C 209 -7.48 4.29 -7.71
N LEU C 210 -7.06 4.18 -8.97
CA LEU C 210 -7.96 3.65 -9.99
C LEU C 210 -8.16 2.15 -9.85
N ASP C 211 -7.17 1.44 -9.29
CA ASP C 211 -7.33 0.01 -9.08
C ASP C 211 -8.32 -0.29 -7.97
N LYS C 212 -8.38 0.57 -6.94
CA LYS C 212 -9.36 0.38 -5.88
C LYS C 212 -10.77 0.66 -6.37
N ILE C 213 -10.92 1.52 -7.39
CA ILE C 213 -12.24 1.77 -7.95
C ILE C 213 -12.73 0.56 -8.72
N GLY C 214 -11.83 -0.18 -9.36
CA GLY C 214 -12.20 -1.37 -10.10
C GLY C 214 -11.81 -1.30 -11.56
N LYS C 215 -10.80 -0.49 -11.87
CA LYS C 215 -10.37 -0.28 -13.24
C LYS C 215 -9.27 -1.27 -13.61
N LYS C 216 -9.40 -1.89 -14.78
CA LYS C 216 -8.34 -2.72 -15.34
C LYS C 216 -7.32 -1.79 -15.99
N ILE C 217 -6.13 -1.73 -15.40
CA ILE C 217 -5.13 -0.73 -15.78
C ILE C 217 -4.08 -1.38 -16.66
N VAL C 218 -3.76 -0.72 -17.78
CA VAL C 218 -2.66 -1.11 -18.66
C VAL C 218 -1.68 0.06 -18.65
N LEU C 219 -0.61 -0.07 -17.88
CA LEU C 219 0.41 0.97 -17.74
C LEU C 219 1.59 0.59 -18.62
N MET C 220 1.72 1.26 -19.77
CA MET C 220 2.82 1.02 -20.69
C MET C 220 3.44 2.34 -21.09
N GLY C 221 4.73 2.27 -21.43
CA GLY C 221 5.46 3.44 -21.86
C GLY C 221 6.86 3.42 -21.35
N ASN C 222 7.52 4.56 -21.46
CA ASN C 222 8.89 4.71 -20.98
C ASN C 222 8.86 5.20 -19.53
N VAL C 223 9.26 4.32 -18.60
CA VAL C 223 9.30 4.68 -17.20
C VAL C 223 10.62 5.34 -16.81
N ASN C 224 11.70 5.08 -17.56
CA ASN C 224 13.05 5.58 -17.26
C ASN C 224 13.59 4.99 -15.95
N VAL C 225 13.19 3.77 -15.63
CA VAL C 225 13.58 3.11 -14.37
C VAL C 225 13.85 1.65 -14.66
N CYS C 226 14.95 1.14 -14.10
N CYS C 226 14.93 1.12 -14.07
CA CYS C 226 15.30 -0.27 -14.22
CA CYS C 226 15.32 -0.27 -14.21
C CYS C 226 14.86 -1.00 -12.94
C CYS C 226 14.91 -1.03 -12.96
N ARG C 227 14.13 -2.10 -13.13
CA ARG C 227 13.56 -2.82 -11.99
C ARG C 227 14.48 -3.89 -11.41
N ASP C 228 15.18 -4.64 -12.26
CA ASP C 228 16.04 -5.73 -11.77
C ASP C 228 17.47 -5.49 -12.22
N LEU C 229 18.41 -6.18 -11.56
CA LEU C 229 19.82 -6.08 -11.93
C LEU C 229 20.08 -6.67 -13.30
N ILE C 230 19.35 -7.72 -13.67
CA ILE C 230 19.57 -8.38 -14.96
C ILE C 230 19.17 -7.50 -16.14
N ASP C 231 18.46 -6.41 -15.90
CA ASP C 231 18.03 -5.50 -16.96
C ASP C 231 18.94 -4.30 -17.12
N SER C 232 20.19 -4.39 -16.67
CA SER C 232 21.13 -3.28 -16.74
C SER C 232 22.51 -3.83 -17.08
N ALA C 233 22.97 -3.58 -18.31
CA ALA C 233 24.31 -4.01 -18.69
C ALA C 233 25.38 -3.15 -18.03
N ASP C 234 25.06 -1.92 -17.67
CA ASP C 234 26.04 -1.05 -17.02
C ASP C 234 26.39 -1.55 -15.64
N THR C 235 25.39 -1.94 -14.84
CA THR C 235 25.65 -2.38 -13.48
C THR C 235 26.14 -3.83 -13.44
N LEU C 236 25.67 -4.68 -14.36
CA LEU C 236 26.18 -6.05 -14.42
C LEU C 236 27.67 -6.08 -14.69
N GLU C 237 28.19 -5.12 -15.45
CA GLU C 237 29.62 -5.01 -15.66
C GLU C 237 30.31 -4.34 -14.48
N GLN C 238 29.60 -3.48 -13.75
CA GLN C 238 30.18 -2.83 -12.59
C GLN C 238 30.45 -3.83 -11.48
N PHE C 239 29.53 -4.76 -11.28
CA PHE C 239 29.68 -5.78 -10.25
C PHE C 239 30.42 -7.00 -10.72
N SER C 240 31.08 -6.89 -11.85
CA SER C 240 31.90 -7.97 -12.41
C SER C 240 31.09 -9.27 -12.50
N ILE C 241 29.83 -9.16 -12.92
CA ILE C 241 28.96 -10.32 -13.07
C ILE C 241 28.89 -10.67 -14.56
N PRO C 242 29.59 -11.71 -15.00
CA PRO C 242 29.60 -12.03 -16.43
C PRO C 242 28.29 -12.68 -16.88
N ILE C 243 28.03 -12.55 -18.18
CA ILE C 243 26.85 -13.14 -18.79
C ILE C 243 27.31 -14.23 -19.75
N THR C 244 27.34 -15.47 -19.27
CA THR C 244 27.75 -16.61 -20.09
C THR C 244 26.56 -17.33 -20.72
N ASP C 245 25.60 -17.76 -19.90
CA ASP C 245 24.41 -18.42 -20.42
C ASP C 245 23.35 -17.38 -20.72
N PRO C 246 22.95 -17.21 -21.98
CA PRO C 246 21.88 -16.23 -22.28
C PRO C 246 20.54 -16.59 -21.69
N MET C 247 20.35 -17.85 -21.27
CA MET C 247 19.12 -18.29 -20.62
C MET C 247 19.34 -18.70 -19.18
N GLY C 248 20.39 -18.19 -18.54
CA GLY C 248 20.68 -18.52 -17.16
C GLY C 248 20.39 -17.39 -16.21
N GLY C 249 19.20 -16.82 -16.30
CA GLY C 249 18.82 -15.71 -15.44
C GLY C 249 18.47 -16.15 -14.03
N THR C 250 17.77 -17.27 -13.89
CA THR C 250 17.45 -17.79 -12.58
C THR C 250 18.71 -18.25 -11.85
N LYS C 251 19.64 -18.89 -12.56
CA LYS C 251 20.90 -19.30 -11.96
C LYS C 251 21.76 -18.09 -11.60
N LEU C 252 21.65 -17.00 -12.36
CA LEU C 252 22.41 -15.80 -12.05
C LEU C 252 21.79 -15.04 -10.88
N GLU C 253 20.46 -15.03 -10.79
CA GLU C 253 19.80 -14.40 -9.65
C GLU C 253 19.95 -15.22 -8.38
N ALA C 254 20.00 -16.55 -8.50
CA ALA C 254 20.21 -17.38 -7.33
C ALA C 254 21.65 -17.30 -6.84
N GLN C 255 22.61 -17.23 -7.78
CA GLN C 255 24.01 -17.09 -7.39
C GLN C 255 24.30 -15.72 -6.81
N TYR C 256 23.62 -14.67 -7.31
CA TYR C 256 23.83 -13.32 -6.82
C TYR C 256 22.54 -12.77 -6.21
N ARG C 257 21.95 -13.52 -5.28
CA ARG C 257 20.73 -13.06 -4.61
C ARG C 257 20.99 -11.81 -3.78
N ASP C 258 22.19 -11.69 -3.20
CA ASP C 258 22.50 -10.53 -2.37
C ASP C 258 22.57 -9.26 -3.21
N LYS C 259 23.37 -9.28 -4.29
CA LYS C 259 23.52 -8.10 -5.12
C LYS C 259 22.25 -7.76 -5.89
N ALA C 260 21.37 -8.74 -6.12
CA ALA C 260 20.13 -8.47 -6.85
C ALA C 260 19.10 -7.76 -5.99
N ILE C 261 19.14 -7.97 -4.66
CA ILE C 261 18.18 -7.31 -3.78
C ILE C 261 18.68 -5.91 -3.42
N GLN C 262 19.99 -5.77 -3.14
CA GLN C 262 20.55 -4.45 -2.88
C GLN C 262 20.32 -3.51 -4.05
N PHE C 263 20.20 -4.05 -5.26
CA PHE C 263 19.97 -3.25 -6.45
C PHE C 263 18.61 -2.56 -6.44
N ILE C 264 17.64 -3.11 -5.71
CA ILE C 264 16.30 -2.54 -5.66
C ILE C 264 16.16 -1.58 -4.48
N ILE C 265 16.72 -1.93 -3.33
CA ILE C 265 16.52 -1.18 -2.09
C ILE C 265 17.69 -0.23 -1.84
N ASN C 266 18.33 0.23 -2.91
CA ASN C 266 19.45 1.15 -2.77
C ASN C 266 18.92 2.53 -2.38
N PRO C 267 19.35 3.10 -1.25
CA PRO C 267 18.88 4.45 -0.89
C PRO C 267 19.40 5.53 -1.82
N ASP C 268 20.47 5.27 -2.57
CA ASP C 268 20.97 6.27 -3.51
C ASP C 268 20.08 6.39 -4.73
N THR C 269 19.38 5.31 -5.09
CA THR C 269 18.44 5.29 -6.22
C THR C 269 17.07 4.90 -5.68
N PRO C 270 16.35 5.84 -5.07
CA PRO C 270 15.03 5.50 -4.50
C PRO C 270 13.98 5.20 -5.55
N HIS C 271 14.16 5.66 -6.79
CA HIS C 271 13.16 5.40 -7.83
C HIS C 271 13.07 3.91 -8.17
N ARG C 272 14.16 3.17 -7.98
CA ARG C 272 14.13 1.73 -8.24
C ARG C 272 13.38 0.97 -7.15
N ARG C 273 13.28 1.52 -5.95
CA ARG C 273 12.49 0.90 -4.90
C ARG C 273 11.00 1.22 -5.05
N ILE C 274 10.69 2.46 -5.42
CA ILE C 274 9.28 2.86 -5.58
C ILE C 274 8.62 2.07 -6.70
N PHE C 275 9.38 1.75 -7.75
CA PHE C 275 8.80 1.04 -8.89
C PHE C 275 8.52 -0.42 -8.56
N ASN C 276 9.39 -1.05 -7.76
CA ASN C 276 9.19 -2.44 -7.40
C ASN C 276 8.07 -2.62 -6.37
N GLN C 277 7.74 -1.57 -5.61
CA GLN C 277 6.69 -1.66 -4.62
C GLN C 277 5.29 -1.81 -5.23
N ILE C 278 5.16 -1.59 -6.53
CA ILE C 278 3.88 -1.75 -7.21
C ILE C 278 3.84 -2.94 -8.14
N LEU C 279 4.96 -3.60 -8.38
CA LEU C 279 5.02 -4.78 -9.24
C LEU C 279 4.74 -6.03 -8.40
N ALA C 280 3.71 -6.78 -8.80
CA ALA C 280 3.38 -8.00 -8.06
C ALA C 280 4.43 -9.08 -8.28
N ASP C 281 5.04 -9.13 -9.46
CA ASP C 281 6.08 -10.09 -9.77
C ASP C 281 7.48 -9.57 -9.49
N SER C 282 7.61 -8.64 -8.54
CA SER C 282 8.91 -8.07 -8.22
C SER C 282 9.77 -9.09 -7.48
N LEU C 283 11.08 -8.81 -7.46
CA LEU C 283 12.02 -9.69 -6.77
C LEU C 283 11.88 -9.60 -5.26
N LEU C 284 11.21 -8.56 -4.76
CA LEU C 284 11.01 -8.43 -3.33
C LEU C 284 10.10 -9.53 -2.81
N PRO C 285 10.32 -10.03 -1.60
CA PRO C 285 9.50 -11.14 -1.10
C PRO C 285 8.03 -10.78 -0.92
N ASP C 286 7.74 -9.62 -0.32
CA ASP C 286 6.38 -9.20 -0.05
C ASP C 286 5.69 -8.57 -1.26
N ALA C 287 6.21 -8.78 -2.47
CA ALA C 287 5.61 -8.16 -3.65
C ALA C 287 4.22 -8.72 -3.94
N SER C 288 3.99 -10.00 -3.62
CA SER C 288 2.68 -10.59 -3.87
C SER C 288 1.58 -9.97 -3.01
N LYS C 289 1.95 -9.36 -1.89
CA LYS C 289 0.96 -8.74 -1.01
C LYS C 289 0.80 -7.24 -1.24
N ARG C 290 1.80 -6.59 -1.82
CA ARG C 290 1.77 -5.14 -2.03
C ARG C 290 1.75 -4.73 -3.50
N GLY C 291 2.13 -5.62 -4.41
CA GLY C 291 2.15 -5.29 -5.82
C GLY C 291 0.79 -5.55 -6.46
N ILE C 292 0.44 -4.70 -7.42
CA ILE C 292 -0.80 -4.83 -8.16
C ILE C 292 -0.61 -4.90 -9.67
N LEU C 293 0.59 -4.63 -10.18
CA LEU C 293 0.88 -4.66 -11.60
C LEU C 293 1.85 -5.79 -11.92
N ILE C 294 1.74 -6.31 -13.15
CA ILE C 294 2.55 -7.44 -13.60
C ILE C 294 3.25 -7.04 -14.89
N ASP C 295 4.56 -7.27 -14.94
CA ASP C 295 5.34 -7.01 -16.15
C ASP C 295 4.99 -8.07 -17.18
N THR C 296 4.28 -7.67 -18.24
CA THR C 296 3.86 -8.63 -19.26
C THR C 296 5.05 -9.22 -19.99
N THR C 297 6.05 -8.39 -20.30
CA THR C 297 7.23 -8.88 -21.01
C THR C 297 8.02 -9.86 -20.16
N ARG C 298 8.23 -9.54 -18.88
CA ARG C 298 8.93 -10.46 -17.98
C ARG C 298 8.14 -11.72 -17.70
N LEU C 299 6.81 -11.67 -17.85
CA LEU C 299 5.99 -12.86 -17.59
C LEU C 299 6.19 -13.90 -18.68
N ILE C 300 6.06 -13.50 -19.94
CA ILE C 300 6.15 -14.45 -21.04
C ILE C 300 7.59 -14.89 -21.27
N GLN C 301 8.53 -13.96 -21.21
CA GLN C 301 9.94 -14.29 -21.41
C GLN C 301 10.61 -14.82 -20.15
N THR C 302 9.85 -15.02 -19.07
CA THR C 302 10.37 -15.50 -17.79
C THR C 302 11.49 -14.62 -17.26
N ARG C 303 12.23 -15.11 -16.27
CA ARG C 303 13.36 -14.39 -15.70
C ARG C 303 14.69 -15.05 -16.04
N ASN C 304 14.70 -16.02 -16.95
CA ASN C 304 15.92 -16.66 -17.41
C ASN C 304 16.60 -15.89 -18.54
N ARG C 305 15.81 -15.17 -19.35
CA ARG C 305 16.38 -14.46 -20.49
C ARG C 305 17.15 -13.23 -20.02
N LEU C 306 18.45 -13.21 -20.29
CA LEU C 306 19.30 -12.08 -20.00
C LEU C 306 19.47 -11.21 -21.24
N LYS C 307 20.09 -10.03 -21.04
CA LYS C 307 20.34 -9.08 -22.12
C LYS C 307 19.05 -8.66 -22.82
N MET C 308 17.94 -8.64 -22.09
CA MET C 308 16.65 -8.24 -22.65
C MET C 308 16.48 -6.72 -22.48
N TYR C 309 17.33 -5.99 -23.21
CA TYR C 309 17.37 -4.54 -23.11
C TYR C 309 16.45 -3.90 -24.14
N THR C 310 15.91 -2.74 -23.78
CA THR C 310 15.02 -1.99 -24.67
C THR C 310 15.52 -0.60 -25.02
N VAL C 311 16.62 -0.15 -24.43
CA VAL C 311 17.19 1.16 -24.72
C VAL C 311 18.70 1.04 -24.88
N TRP C 312 19.23 1.71 -25.91
CA TRP C 312 20.67 1.82 -26.13
C TRP C 312 20.92 3.31 -26.33
N ASN C 313 21.24 3.99 -25.24
CA ASN C 313 21.22 5.45 -25.21
C ASN C 313 22.08 6.05 -26.31
N MET C 314 21.47 6.94 -27.10
CA MET C 314 22.09 7.69 -28.19
C MET C 314 22.52 6.83 -29.36
N LEU C 315 22.06 5.59 -29.45
CA LEU C 315 22.43 4.68 -30.53
C LEU C 315 21.14 4.24 -31.25
N LYS C 316 20.88 4.84 -32.41
CA LYS C 316 19.71 4.54 -33.21
C LYS C 316 19.97 3.51 -34.30
N ASN C 317 21.24 3.21 -34.60
CA ASN C 317 21.59 2.40 -35.75
C ASN C 317 22.09 1.01 -35.41
N LEU C 318 22.32 0.70 -34.14
CA LEU C 318 22.83 -0.61 -33.77
C LEU C 318 22.50 -0.89 -32.31
N ARG C 319 22.44 -2.17 -31.98
CA ARG C 319 22.13 -2.64 -30.63
C ARG C 319 23.34 -3.41 -30.11
N PRO C 320 24.32 -2.73 -29.51
CA PRO C 320 25.53 -3.42 -29.05
C PRO C 320 25.26 -4.32 -27.85
N SER C 321 26.20 -5.23 -27.63
CA SER C 321 26.21 -6.07 -26.44
C SER C 321 26.98 -5.39 -25.33
N ASN C 322 26.79 -5.88 -24.10
CA ASN C 322 27.40 -5.30 -22.90
C ASN C 322 27.04 -3.82 -22.76
N TYR C 323 25.86 -3.44 -23.22
CA TYR C 323 25.45 -2.04 -23.22
C TYR C 323 23.94 -1.97 -23.38
N GLY C 324 23.29 -1.16 -22.57
CA GLY C 324 21.86 -0.96 -22.65
C GLY C 324 21.13 -1.42 -21.41
N SER C 325 19.85 -1.06 -21.35
CA SER C 325 19.00 -1.41 -20.22
C SER C 325 17.58 -1.60 -20.74
N ARG C 326 16.67 -1.92 -19.81
CA ARG C 326 15.26 -2.13 -20.13
C ARG C 326 14.45 -1.15 -19.28
N ILE C 327 14.11 0.00 -19.85
CA ILE C 327 13.30 1.00 -19.18
C ILE C 327 11.89 1.10 -19.73
N ASP C 328 11.58 0.35 -20.80
CA ASP C 328 10.24 0.32 -21.37
C ASP C 328 9.50 -0.92 -20.88
N PHE C 329 8.28 -0.72 -20.38
CA PHE C 329 7.51 -1.80 -19.79
C PHE C 329 6.07 -1.73 -20.27
N ILE C 330 5.39 -2.87 -20.18
CA ILE C 330 3.95 -2.97 -20.38
C ILE C 330 3.39 -3.68 -19.15
N LEU C 331 2.70 -2.92 -18.30
CA LEU C 331 2.20 -3.42 -17.03
C LEU C 331 0.68 -3.51 -17.06
N VAL C 332 0.15 -4.62 -16.54
CA VAL C 332 -1.29 -4.84 -16.47
C VAL C 332 -1.67 -5.19 -15.05
N SER C 333 -2.96 -5.09 -14.76
CA SER C 333 -3.47 -5.36 -13.42
C SER C 333 -3.49 -6.87 -13.16
N LEU C 334 -3.85 -7.24 -11.93
CA LEU C 334 -3.91 -8.64 -11.57
C LEU C 334 -5.07 -9.36 -12.24
N LYS C 335 -6.18 -8.65 -12.49
CA LYS C 335 -7.33 -9.25 -13.14
C LYS C 335 -7.11 -9.50 -14.63
N LEU C 336 -6.06 -8.93 -15.22
CA LEU C 336 -5.75 -9.12 -16.63
C LEU C 336 -4.63 -10.13 -16.85
N GLU C 337 -4.15 -10.78 -15.79
CA GLU C 337 -3.07 -11.75 -15.95
C GLU C 337 -3.51 -12.96 -16.75
N ARG C 338 -4.76 -13.38 -16.60
CA ARG C 338 -5.29 -14.52 -17.35
C ARG C 338 -5.58 -14.19 -18.81
N CYS C 339 -5.27 -12.97 -19.26
CA CYS C 339 -5.54 -12.56 -20.63
C CYS C 339 -4.29 -12.45 -21.49
N ILE C 340 -3.10 -12.42 -20.88
CA ILE C 340 -1.87 -12.24 -21.63
C ILE C 340 -1.59 -13.49 -22.46
N LYS C 341 -1.39 -13.30 -23.77
CA LYS C 341 -1.10 -14.40 -24.68
C LYS C 341 0.31 -14.37 -25.24
N ALA C 342 0.90 -13.19 -25.41
CA ALA C 342 2.26 -13.06 -25.91
C ALA C 342 2.79 -11.68 -25.52
N ALA C 343 4.09 -11.61 -25.30
CA ALA C 343 4.75 -10.35 -24.94
C ALA C 343 6.24 -10.50 -25.17
N ASP C 344 6.80 -9.61 -25.98
CA ASP C 344 8.23 -9.64 -26.28
C ASP C 344 8.66 -8.26 -26.76
N ILE C 345 9.96 -8.10 -26.97
CA ILE C 345 10.53 -6.86 -27.48
C ILE C 345 11.00 -7.08 -28.91
N LEU C 346 11.30 -5.98 -29.60
CA LEU C 346 11.72 -6.01 -31.00
C LEU C 346 13.02 -5.23 -31.15
N PRO C 347 14.15 -5.80 -30.70
CA PRO C 347 15.42 -5.07 -30.77
C PRO C 347 15.94 -4.89 -32.19
N ASP C 348 15.46 -5.67 -33.16
CA ASP C 348 15.95 -5.54 -34.52
C ASP C 348 15.40 -4.29 -35.21
N ILE C 349 14.36 -3.68 -34.67
CA ILE C 349 13.78 -2.48 -35.27
C ILE C 349 14.68 -1.28 -34.96
N LEU C 350 15.07 -0.56 -36.01
CA LEU C 350 15.90 0.62 -35.87
C LEU C 350 15.06 1.88 -36.08
N GLY C 351 15.67 3.03 -35.82
CA GLY C 351 15.01 4.31 -35.92
C GLY C 351 14.97 5.10 -34.62
N SER C 352 15.41 4.51 -33.51
CA SER C 352 15.42 5.18 -32.22
C SER C 352 16.46 4.50 -31.34
N ASP C 353 16.85 5.19 -30.27
CA ASP C 353 17.73 4.58 -29.28
C ASP C 353 16.99 3.56 -28.42
N HIS C 354 15.68 3.40 -28.61
CA HIS C 354 14.89 2.37 -27.98
C HIS C 354 14.44 1.35 -29.02
N CYS C 355 13.65 0.37 -28.56
CA CYS C 355 13.06 -0.62 -29.44
C CYS C 355 11.62 -0.87 -28.99
N PRO C 356 10.72 -1.15 -29.94
CA PRO C 356 9.31 -1.33 -29.57
C PRO C 356 9.10 -2.57 -28.73
N VAL C 357 8.11 -2.49 -27.83
CA VAL C 357 7.70 -3.59 -26.98
C VAL C 357 6.21 -3.81 -27.19
N TYR C 358 5.81 -5.07 -27.37
CA TYR C 358 4.42 -5.41 -27.67
C TYR C 358 3.92 -6.49 -26.73
N SER C 359 2.60 -6.53 -26.56
CA SER C 359 1.94 -7.53 -25.72
C SER C 359 0.53 -7.76 -26.24
N ASP C 360 0.15 -9.03 -26.38
CA ASP C 360 -1.16 -9.41 -26.89
C ASP C 360 -2.01 -9.94 -25.74
N LEU C 361 -3.20 -9.39 -25.59
CA LEU C 361 -4.14 -9.79 -24.55
C LEU C 361 -5.47 -10.20 -25.15
N ASP C 362 -6.06 -11.26 -24.61
CA ASP C 362 -7.36 -11.78 -25.06
C ASP C 362 -8.41 -11.38 -24.03
N ILE C 363 -9.32 -10.49 -24.44
CA ILE C 363 -10.37 -10.03 -23.53
C ILE C 363 -11.58 -10.95 -23.58
N LEU C 364 -12.01 -11.36 -24.78
CA LEU C 364 -13.16 -12.23 -24.92
C LEU C 364 -12.88 -13.62 -24.35
N VAL C 375 -21.81 6.65 -26.88
CA VAL C 375 -20.90 7.60 -26.26
C VAL C 375 -20.06 8.30 -27.33
N PRO C 376 -20.09 9.64 -27.32
CA PRO C 376 -19.34 10.44 -28.28
C PRO C 376 -17.84 10.43 -27.99
N ILE C 377 -17.06 10.87 -28.96
CA ILE C 377 -15.60 10.88 -28.79
C ILE C 377 -15.24 11.87 -27.69
N PRO C 378 -14.24 11.57 -26.85
CA PRO C 378 -13.87 12.49 -25.78
C PRO C 378 -13.32 13.80 -26.35
N LYS C 379 -13.43 14.86 -25.56
CA LYS C 379 -12.97 16.17 -25.99
C LYS C 379 -11.46 16.27 -26.09
N PHE C 380 -10.72 15.27 -25.61
CA PHE C 380 -9.27 15.25 -25.69
C PHE C 380 -8.76 14.67 -27.00
N GLU C 381 -9.65 14.19 -27.87
CA GLU C 381 -9.24 13.65 -29.17
C GLU C 381 -8.50 14.73 -29.96
N ALA C 382 -7.57 14.29 -30.80
CA ALA C 382 -6.70 15.22 -31.53
C ALA C 382 -7.51 16.14 -32.43
N ARG C 383 -8.67 15.70 -32.86
CA ARG C 383 -9.52 16.52 -33.70
C ARG C 383 -9.95 17.78 -32.97
N TYR C 384 -10.72 17.60 -31.91
CA TYR C 384 -11.21 18.72 -31.13
C TYR C 384 -10.07 19.24 -30.27
N LYS C 385 -9.24 18.33 -29.79
CA LYS C 385 -8.13 18.67 -28.91
C LYS C 385 -7.20 19.76 -29.46
N TYR C 386 -7.01 19.78 -30.77
CA TYR C 386 -6.15 20.77 -31.39
C TYR C 386 -6.81 21.56 -32.51
N ASN C 387 -8.14 21.60 -32.51
CA ASN C 387 -8.91 22.32 -33.52
C ASN C 387 -8.46 22.00 -34.94
N LEU C 388 -8.23 20.72 -35.22
CA LEU C 388 -7.79 20.29 -36.55
C LEU C 388 -8.99 19.98 -37.44
N ARG C 389 -9.49 20.99 -38.13
CA ARG C 389 -10.64 20.82 -39.03
C ARG C 389 -10.35 19.79 -40.11
N ASN C 390 -11.08 18.68 -40.08
CA ASN C 390 -10.91 17.62 -41.06
C ASN C 390 -11.40 18.04 -42.45
N HIS C 391 -12.54 18.73 -42.48
CA HIS C 391 -13.12 19.19 -43.74
C HIS C 391 -12.23 20.24 -44.40
N ASN C 392 -12.23 20.26 -45.73
CA ASN C 392 -11.43 21.22 -46.47
C ASN C 392 -11.98 21.44 -47.89
N VAL C 393 -11.86 22.67 -48.38
CA VAL C 393 -12.34 23.05 -49.71
C VAL C 393 -12.00 22.06 -50.82
N LEU C 394 -10.77 21.54 -50.80
CA LEU C 394 -10.35 20.60 -51.82
C LEU C 394 -11.30 19.41 -51.99
N GLU C 395 -11.67 18.77 -50.88
CA GLU C 395 -12.58 17.64 -50.92
C GLU C 395 -13.86 17.96 -51.67
N MET C 396 -14.02 19.25 -52.02
CA MET C 396 -15.20 19.69 -52.75
C MET C 396 -15.25 19.10 -54.15
N PHE C 397 -14.14 19.19 -54.87
CA PHE C 397 -14.05 18.67 -56.22
C PHE C 397 -13.00 17.56 -56.33
N GLY D 11 64.90 23.98 -24.28
CA GLY D 11 65.88 23.42 -25.22
C GLY D 11 65.19 23.02 -26.51
N LYS D 12 65.80 23.44 -27.62
CA LYS D 12 65.25 23.15 -28.94
C LYS D 12 66.35 23.28 -29.98
N SER D 13 66.29 22.44 -31.00
CA SER D 13 67.30 22.42 -32.05
C SER D 13 67.09 23.59 -33.01
N GLU D 14 67.96 23.67 -34.03
CA GLU D 14 67.86 24.74 -35.01
C GLU D 14 66.71 24.54 -35.98
N ASN D 15 66.25 23.31 -36.17
CA ASN D 15 65.14 23.01 -37.06
C ASN D 15 63.81 22.88 -36.31
N THR D 16 63.72 23.44 -35.11
CA THR D 16 62.53 23.32 -34.27
C THR D 16 61.71 24.60 -34.36
N ILE D 17 60.43 24.45 -34.71
CA ILE D 17 59.48 25.55 -34.77
C ILE D 17 58.54 25.41 -33.59
N ARG D 18 58.47 26.44 -32.75
CA ARG D 18 57.65 26.42 -31.54
C ARG D 18 56.37 27.20 -31.80
N PHE D 19 55.27 26.48 -31.95
CA PHE D 19 53.96 27.10 -32.08
C PHE D 19 53.44 27.49 -30.70
N LEU D 20 52.69 28.59 -30.66
CA LEU D 20 52.18 29.12 -29.39
C LEU D 20 50.81 29.72 -29.59
N THR D 21 49.85 29.32 -28.76
CA THR D 21 48.51 29.88 -28.77
C THR D 21 48.14 30.32 -27.36
N PHE D 22 47.35 31.38 -27.28
CA PHE D 22 46.99 31.97 -25.99
C PHE D 22 45.77 32.87 -26.18
N ASN D 23 44.72 32.60 -25.42
CA ASN D 23 43.56 33.50 -25.35
C ASN D 23 43.84 34.52 -24.27
N VAL D 24 44.45 35.65 -24.67
CA VAL D 24 44.89 36.65 -23.71
C VAL D 24 43.71 37.38 -23.05
N ASN D 25 42.54 37.37 -23.67
CA ASN D 25 41.35 38.02 -23.15
C ASN D 25 41.63 39.49 -22.83
N GLY D 26 42.00 40.23 -23.87
CA GLY D 26 42.43 41.61 -23.71
C GLY D 26 43.94 41.73 -23.75
N ILE D 27 44.48 42.01 -24.93
CA ILE D 27 45.93 42.05 -25.10
C ILE D 27 46.54 43.22 -24.33
N ARG D 28 45.79 44.31 -24.16
CA ARG D 28 46.28 45.43 -23.36
C ARG D 28 46.26 45.11 -21.87
N THR D 29 45.34 44.24 -21.45
CA THR D 29 45.20 43.91 -20.03
C THR D 29 46.20 42.86 -19.58
N PHE D 30 46.58 41.93 -20.46
CA PHE D 30 47.45 40.83 -20.06
C PHE D 30 48.88 41.30 -19.78
N PHE D 31 49.25 42.51 -20.21
CA PHE D 31 50.58 43.06 -19.95
C PHE D 31 50.72 43.61 -18.54
N HIS D 32 49.70 43.52 -17.70
CA HIS D 32 49.76 44.02 -16.33
C HIS D 32 50.34 43.02 -15.35
N TYR D 33 50.65 41.80 -15.78
CA TYR D 33 51.02 40.73 -14.88
C TYR D 33 52.46 40.28 -15.14
N GLN D 34 53.03 39.63 -14.15
CA GLN D 34 54.40 39.17 -14.25
C GLN D 34 54.48 37.97 -15.19
N PRO D 35 55.57 37.85 -15.97
CA PRO D 35 56.65 38.83 -16.07
C PRO D 35 56.51 39.77 -17.26
N PHE D 36 55.27 39.98 -17.72
CA PHE D 36 55.03 40.78 -18.90
C PHE D 36 54.98 42.28 -18.63
N SER D 37 54.88 42.69 -17.37
CA SER D 37 54.85 44.11 -17.02
C SER D 37 56.22 44.78 -17.13
N GLN D 38 57.29 43.99 -17.21
CA GLN D 38 58.65 44.53 -17.28
C GLN D 38 59.16 44.65 -18.70
N MET D 39 58.36 44.29 -19.70
CA MET D 39 58.79 44.28 -21.09
C MET D 39 58.31 45.51 -21.86
N ASN D 40 57.70 46.48 -21.17
CA ASN D 40 57.29 47.75 -21.78
C ASN D 40 56.32 47.52 -22.94
N GLN D 41 55.40 46.57 -22.75
CA GLN D 41 54.34 46.28 -23.71
C GLN D 41 54.91 45.96 -25.10
N SER D 42 55.93 45.11 -25.13
CA SER D 42 56.59 44.71 -26.37
C SER D 42 56.27 43.24 -26.65
N LEU D 43 55.57 43.00 -27.75
CA LEU D 43 55.26 41.63 -28.15
C LEU D 43 56.51 40.84 -28.54
N ARG D 44 57.56 41.54 -28.98
CA ARG D 44 58.81 40.86 -29.30
C ARG D 44 59.43 40.22 -28.06
N SER D 45 59.42 40.94 -26.93
CA SER D 45 59.93 40.36 -25.69
C SER D 45 59.06 39.21 -25.21
N VAL D 46 57.77 39.24 -25.50
CA VAL D 46 56.90 38.13 -25.12
C VAL D 46 57.21 36.91 -25.97
N PHE D 47 57.39 37.10 -27.28
CA PHE D 47 57.72 35.98 -28.15
C PHE D 47 59.10 35.41 -27.83
N ASP D 48 60.03 36.26 -27.38
CA ASP D 48 61.34 35.77 -26.97
C ASP D 48 61.30 35.10 -25.61
N PHE D 49 60.35 35.48 -24.76
CA PHE D 49 60.20 34.83 -23.45
C PHE D 49 59.84 33.36 -23.62
N PHE D 50 58.82 33.07 -24.42
CA PHE D 50 58.47 31.69 -24.73
C PHE D 50 59.40 31.05 -25.74
N ARG D 51 60.29 31.84 -26.37
CA ARG D 51 61.17 31.36 -27.43
C ARG D 51 60.38 30.73 -28.58
N ALA D 52 59.19 31.28 -28.85
CA ALA D 52 58.32 30.75 -29.89
C ALA D 52 58.63 31.40 -31.24
N ASP D 53 58.09 30.79 -32.29
CA ASP D 53 58.30 31.25 -33.66
C ASP D 53 57.00 31.60 -34.38
N ILE D 54 55.95 30.81 -34.17
CA ILE D 54 54.64 31.05 -34.77
C ILE D 54 53.63 31.16 -33.64
N ILE D 55 53.16 32.38 -33.38
CA ILE D 55 52.30 32.66 -32.24
C ILE D 55 50.95 33.17 -32.73
N THR D 56 49.90 32.82 -31.99
CA THR D 56 48.55 33.32 -32.27
C THR D 56 47.91 33.74 -30.95
N PHE D 57 47.32 34.93 -30.94
CA PHE D 57 46.61 35.45 -29.78
C PHE D 57 45.15 35.63 -30.14
N GLN D 58 44.26 35.17 -29.26
CA GLN D 58 42.83 35.26 -29.47
C GLN D 58 42.21 36.21 -28.45
N GLN D 59 41.07 36.76 -28.82
CA GLN D 59 40.32 37.70 -28.00
C GLN D 59 41.21 38.85 -27.60
N LEU D 60 41.60 39.63 -28.58
CA LEU D 60 42.49 40.76 -28.35
C LEU D 60 41.78 41.90 -27.65
N LYS D 61 40.49 42.11 -27.95
CA LYS D 61 39.70 43.20 -27.37
C LYS D 61 40.39 44.54 -27.59
N THR D 62 40.77 44.80 -28.84
CA THR D 62 41.47 46.03 -29.19
C THR D 62 40.66 46.85 -30.18
N GLU D 63 41.33 47.79 -30.86
CA GLU D 63 40.67 48.66 -31.83
C GLU D 63 41.63 48.95 -32.97
N LYS D 64 41.13 49.66 -33.97
CA LYS D 64 41.97 50.00 -35.12
C LYS D 64 43.09 50.96 -34.74
N LEU D 65 42.86 51.81 -33.74
CA LEU D 65 43.88 52.78 -33.35
C LEU D 65 45.10 52.10 -32.74
N SER D 66 44.92 50.95 -32.09
CA SER D 66 46.00 50.26 -31.42
C SER D 66 46.75 49.30 -32.35
N ILE D 67 46.32 49.16 -33.60
CA ILE D 67 46.99 48.25 -34.52
C ILE D 67 48.40 48.73 -34.85
N SER D 68 48.62 50.04 -34.78
CA SER D 68 49.95 50.59 -35.05
C SER D 68 51.00 50.10 -34.06
N LYS D 69 50.58 49.59 -32.91
CA LYS D 69 51.49 49.06 -31.90
C LYS D 69 51.62 47.54 -31.97
N TRP D 70 50.50 46.82 -31.99
CA TRP D 70 50.54 45.37 -32.04
C TRP D 70 50.87 44.84 -33.43
N GLY D 71 50.64 45.62 -34.48
CA GLY D 71 50.95 45.23 -35.83
C GLY D 71 52.34 45.58 -36.31
N ARG D 72 53.19 46.10 -35.43
CA ARG D 72 54.56 46.49 -35.77
C ARG D 72 55.49 45.80 -34.78
N VAL D 73 55.87 44.57 -35.07
CA VAL D 73 56.77 43.79 -34.22
C VAL D 73 58.08 43.59 -34.97
N ASP D 74 59.20 43.80 -34.27
CA ASP D 74 60.51 43.69 -34.89
C ASP D 74 60.83 42.22 -35.16
N GLY D 75 61.08 41.90 -36.43
CA GLY D 75 61.41 40.54 -36.81
C GLY D 75 60.24 39.59 -36.88
N PHE D 76 59.02 40.10 -36.94
CA PHE D 76 57.82 39.28 -37.00
C PHE D 76 56.83 39.86 -37.99
N TYR D 77 56.21 38.99 -38.78
CA TYR D 77 55.11 39.38 -39.64
C TYR D 77 53.81 39.43 -38.83
N SER D 78 53.03 40.49 -39.02
CA SER D 78 51.83 40.74 -38.25
C SER D 78 50.60 40.56 -39.12
N PHE D 79 49.73 39.64 -38.72
CA PHE D 79 48.45 39.40 -39.39
C PHE D 79 47.37 39.45 -38.32
N ILE D 80 46.66 40.57 -38.23
CA ILE D 80 45.67 40.78 -37.17
C ILE D 80 44.31 41.01 -37.82
N SER D 81 43.29 40.42 -37.23
CA SER D 81 41.90 40.57 -37.68
C SER D 81 41.05 41.07 -36.52
N ILE D 82 40.27 42.11 -36.78
CA ILE D 82 39.40 42.70 -35.77
C ILE D 82 38.02 42.91 -36.38
N PRO D 83 37.00 43.07 -35.55
CA PRO D 83 35.66 43.38 -36.08
C PRO D 83 35.67 44.66 -36.89
N GLN D 84 34.63 44.80 -37.74
CA GLN D 84 34.57 45.93 -38.65
C GLN D 84 34.31 47.23 -37.91
N THR D 85 33.46 47.20 -36.88
CA THR D 85 33.07 48.42 -36.18
C THR D 85 33.16 48.27 -34.66
N ARG D 86 32.83 47.09 -34.15
CA ARG D 86 32.77 46.89 -32.70
C ARG D 86 34.18 46.86 -32.11
N LYS D 87 34.44 47.76 -31.17
CA LYS D 87 35.73 47.86 -30.50
C LYS D 87 35.74 47.05 -29.22
N GLY D 88 36.92 46.59 -28.83
CA GLY D 88 37.06 45.84 -27.58
C GLY D 88 36.28 44.55 -27.54
N TYR D 89 36.17 43.85 -28.67
CA TYR D 89 35.42 42.61 -28.74
C TYR D 89 36.12 41.67 -29.72
N SER D 90 36.36 40.44 -29.26
CA SER D 90 36.99 39.39 -30.07
C SER D 90 38.36 39.89 -30.54
N GLY D 91 38.78 39.48 -31.74
CA GLY D 91 40.07 39.87 -32.26
C GLY D 91 41.08 38.75 -32.24
N VAL D 92 41.66 38.44 -33.39
CA VAL D 92 42.65 37.37 -33.53
C VAL D 92 43.86 37.92 -34.25
N GLY D 93 45.04 37.49 -33.82
CA GLY D 93 46.28 37.88 -34.48
C GLY D 93 47.23 36.70 -34.55
N CYS D 94 48.03 36.67 -35.61
CA CYS D 94 49.02 35.63 -35.83
C CYS D 94 50.34 36.28 -36.19
N TRP D 95 51.41 35.83 -35.54
CA TRP D 95 52.75 36.36 -35.75
C TRP D 95 53.68 35.25 -36.19
N ILE D 96 54.48 35.52 -37.22
CA ILE D 96 55.44 34.58 -37.77
C ILE D 96 56.83 35.16 -37.61
N ARG D 97 57.74 34.39 -37.00
CA ARG D 97 59.11 34.86 -36.81
C ARG D 97 59.84 34.90 -38.14
N ILE D 98 60.69 35.92 -38.30
CA ILE D 98 61.49 36.06 -39.51
C ILE D 98 62.92 35.63 -39.22
N PRO D 99 63.32 34.42 -39.60
CA PRO D 99 64.70 33.98 -39.33
C PRO D 99 65.69 34.64 -40.28
N GLU D 100 66.96 34.57 -39.91
CA GLU D 100 68.01 35.16 -40.71
C GLU D 100 68.29 34.30 -41.94
N LYS D 101 69.07 34.86 -42.87
CA LYS D 101 69.43 34.12 -44.08
C LYS D 101 70.33 32.94 -43.78
N ASN D 102 71.08 32.97 -42.67
CA ASN D 102 71.96 31.87 -42.27
C ASN D 102 71.25 30.87 -41.36
N HIS D 103 69.94 30.73 -41.48
CA HIS D 103 69.17 29.82 -40.66
C HIS D 103 68.57 28.71 -41.52
N PRO D 104 68.61 27.45 -41.07
CA PRO D 104 68.09 26.34 -41.89
C PRO D 104 66.57 26.38 -42.10
N LEU D 105 65.86 27.32 -41.48
CA LEU D 105 64.41 27.45 -41.66
C LEU D 105 64.04 28.77 -42.32
N TYR D 106 64.95 29.37 -43.07
CA TYR D 106 64.66 30.66 -43.72
C TYR D 106 63.68 30.47 -44.87
N HIS D 107 63.92 29.49 -45.71
CA HIS D 107 63.05 29.28 -46.84
C HIS D 107 61.74 28.60 -46.39
N ALA D 108 61.73 27.96 -45.22
CA ALA D 108 60.54 27.27 -44.74
C ALA D 108 59.54 28.20 -44.07
N LEU D 109 60.00 29.33 -43.53
CA LEU D 109 59.13 30.28 -42.85
C LEU D 109 58.76 31.47 -43.72
N GLN D 110 58.79 31.31 -45.04
CA GLN D 110 58.43 32.38 -45.95
C GLN D 110 56.92 32.43 -46.13
N VAL D 111 56.31 33.56 -45.77
CA VAL D 111 54.87 33.73 -45.91
C VAL D 111 54.55 34.01 -47.37
N VAL D 112 53.80 33.10 -48.00
CA VAL D 112 53.47 33.22 -49.42
C VAL D 112 52.07 33.80 -49.58
N LYS D 113 51.17 33.47 -48.66
CA LYS D 113 49.79 33.93 -48.74
C LYS D 113 49.26 34.19 -47.35
N ALA D 114 48.34 35.14 -47.25
CA ALA D 114 47.67 35.46 -45.99
C ALA D 114 46.22 35.79 -46.27
N GLU D 115 45.31 35.18 -45.53
CA GLU D 115 43.88 35.32 -45.75
C GLU D 115 43.19 35.60 -44.42
N GLU D 116 42.09 36.37 -44.50
CA GLU D 116 41.30 36.75 -43.34
C GLU D 116 39.95 36.03 -43.40
N GLY D 117 39.58 35.39 -42.30
CA GLY D 117 38.30 34.71 -42.22
C GLY D 117 38.36 33.28 -42.73
N ILE D 118 37.18 32.66 -42.77
CA ILE D 118 37.05 31.30 -43.23
C ILE D 118 36.26 31.19 -44.52
N THR D 119 35.29 32.08 -44.77
CA THR D 119 34.47 31.99 -45.97
C THR D 119 35.16 32.55 -47.21
N GLY D 120 36.14 33.44 -47.04
CA GLY D 120 36.84 34.03 -48.15
C GLY D 120 36.13 35.19 -48.82
N TYR D 121 34.92 35.55 -48.37
CA TYR D 121 34.18 36.66 -48.95
C TYR D 121 34.72 38.02 -48.52
N LEU D 122 35.61 38.07 -47.54
CA LEU D 122 36.18 39.33 -47.10
C LEU D 122 37.10 39.91 -48.18
N THR D 123 37.14 41.23 -48.24
CA THR D 123 37.85 41.95 -49.29
C THR D 123 39.22 42.41 -48.81
N ILE D 124 40.02 42.87 -49.78
CA ILE D 124 41.37 43.36 -49.53
C ILE D 124 41.59 44.62 -50.36
N SER D 133 37.71 40.04 -53.27
CA SER D 133 37.71 39.02 -52.22
C SER D 133 38.78 37.97 -52.49
N TYR D 134 39.08 37.20 -51.44
CA TYR D 134 40.10 36.15 -51.57
C TYR D 134 39.64 35.00 -52.44
N ARG D 135 38.33 34.83 -52.63
CA ARG D 135 37.83 33.75 -53.47
C ARG D 135 38.09 34.02 -54.95
N ASN D 136 38.01 35.29 -55.36
CA ASN D 136 38.21 35.64 -56.76
C ASN D 136 39.68 35.68 -57.16
N ASP D 137 40.55 36.08 -56.23
CA ASP D 137 41.98 36.19 -56.50
C ASP D 137 42.67 34.94 -55.97
N VAL D 138 43.12 34.08 -56.90
CA VAL D 138 43.78 32.85 -56.49
C VAL D 138 45.19 33.12 -56.00
N ASN D 139 45.81 34.22 -56.46
CA ASN D 139 47.16 34.56 -56.03
C ASN D 139 47.18 35.11 -54.60
N GLN D 140 46.05 35.58 -54.10
CA GLN D 140 45.95 36.08 -52.73
C GLN D 140 45.31 35.08 -51.78
N GLY D 141 44.25 34.41 -52.21
CA GLY D 141 43.60 33.43 -51.35
C GLY D 141 44.31 32.10 -51.31
N ILE D 142 44.00 31.32 -50.29
CA ILE D 142 44.64 30.02 -50.10
C ILE D 142 43.92 28.92 -50.88
N GLY D 143 42.59 28.95 -50.90
CA GLY D 143 41.80 27.99 -51.64
C GLY D 143 40.88 27.20 -50.73
N GLY D 144 40.24 26.20 -51.32
CA GLY D 144 39.35 25.34 -50.56
C GLY D 144 37.98 25.92 -50.28
N TYR D 145 37.49 26.83 -51.12
CA TYR D 145 36.19 27.44 -50.92
C TYR D 145 35.05 26.62 -51.49
N ASP D 146 35.33 25.43 -52.02
CA ASP D 146 34.33 24.64 -52.72
C ASP D 146 33.36 24.02 -51.71
N SER D 147 32.13 24.53 -51.73
CA SER D 147 30.99 24.03 -50.95
C SER D 147 31.03 23.89 -49.43
N LEU D 148 31.28 24.91 -48.82
CA LEU D 148 31.42 24.96 -47.37
C LEU D 148 30.09 24.93 -46.64
N ASP D 149 29.06 25.41 -47.34
CA ASP D 149 27.70 25.47 -46.81
C ASP D 149 26.63 25.52 -47.92
N PRO D 150 25.62 24.68 -47.78
CA PRO D 150 24.47 24.58 -48.65
C PRO D 150 23.79 25.90 -49.02
N ASP D 151 23.23 26.63 -48.07
CA ASP D 151 22.46 27.82 -48.41
C ASP D 151 23.14 28.99 -47.72
N LEU D 152 24.33 29.28 -48.21
CA LEU D 152 25.22 30.31 -47.69
C LEU D 152 25.48 31.27 -48.82
N ASP D 153 24.93 32.34 -48.80
CA ASP D 153 25.01 33.46 -49.74
C ASP D 153 26.15 34.39 -49.32
N GLU D 154 26.20 35.59 -49.91
CA GLU D 154 27.25 36.53 -49.59
C GLU D 154 26.96 37.28 -48.29
N LYS D 155 25.68 37.52 -47.98
CA LYS D 155 25.34 38.25 -46.76
C LYS D 155 25.64 37.41 -45.52
N SER D 156 25.18 36.15 -45.51
CA SER D 156 25.42 35.29 -44.35
C SER D 156 26.89 34.95 -44.19
N ALA D 157 27.64 34.91 -45.30
CA ALA D 157 29.07 34.63 -45.21
C ALA D 157 29.83 35.82 -44.64
N LEU D 158 29.50 37.03 -45.09
CA LEU D 158 30.12 38.22 -44.53
C LEU D 158 29.68 38.44 -43.08
N GLU D 159 28.44 38.08 -42.76
CA GLU D 159 27.99 38.15 -41.37
C GLU D 159 28.63 37.09 -40.50
N LEU D 160 29.10 36.00 -41.10
CA LEU D 160 29.79 34.97 -40.33
C LEU D 160 31.21 35.36 -39.98
N ASP D 161 31.84 36.21 -40.80
CA ASP D 161 33.20 36.71 -40.55
C ASP D 161 33.19 38.19 -40.14
N SER D 162 32.07 38.66 -39.58
CA SER D 162 31.94 40.04 -39.15
C SER D 162 32.43 40.28 -37.73
N GLU D 163 33.04 39.27 -37.11
CA GLU D 163 33.54 39.40 -35.75
C GLU D 163 35.05 39.22 -35.64
N GLY D 164 35.73 38.91 -36.75
CA GLY D 164 37.18 38.72 -36.74
C GLY D 164 37.62 37.60 -35.83
N ARG D 165 37.42 36.35 -36.27
CA ARG D 165 37.71 35.19 -35.44
C ARG D 165 38.64 34.19 -36.12
N CYS D 166 39.31 34.56 -37.20
CA CYS D 166 40.20 33.63 -37.88
C CYS D 166 41.25 34.40 -38.67
N VAL D 167 42.48 33.86 -38.68
CA VAL D 167 43.59 34.41 -39.44
C VAL D 167 44.37 33.25 -40.05
N MET D 168 44.47 33.24 -41.38
CA MET D 168 45.12 32.16 -42.12
C MET D 168 46.44 32.65 -42.68
N VAL D 169 47.51 31.88 -42.42
CA VAL D 169 48.85 32.19 -42.90
C VAL D 169 49.41 30.93 -43.56
N GLU D 170 49.77 31.04 -44.84
CA GLU D 170 50.34 29.93 -45.60
C GLU D 170 51.83 30.14 -45.78
N LEU D 171 52.61 29.11 -45.50
CA LEU D 171 54.06 29.16 -45.60
C LEU D 171 54.52 28.62 -46.96
N ALA D 172 55.83 28.66 -47.18
CA ALA D 172 56.39 28.21 -48.46
C ALA D 172 56.54 26.69 -48.51
N CYS D 173 56.70 26.04 -47.36
CA CYS D 173 56.85 24.59 -47.30
C CYS D 173 55.52 23.85 -47.31
N GLY D 174 54.46 24.47 -47.83
CA GLY D 174 53.17 23.82 -47.90
C GLY D 174 52.45 23.70 -46.58
N ILE D 175 52.75 24.56 -45.61
CA ILE D 175 52.13 24.51 -44.29
C ILE D 175 51.20 25.71 -44.15
N VAL D 176 49.93 25.45 -43.91
CA VAL D 176 48.91 26.49 -43.74
C VAL D 176 48.55 26.55 -42.26
N ILE D 177 48.68 27.73 -41.66
CA ILE D 177 48.39 27.94 -40.25
C ILE D 177 47.03 28.61 -40.14
N ILE D 178 46.10 27.98 -39.43
CA ILE D 178 44.77 28.51 -39.22
C ILE D 178 44.61 28.79 -37.72
N SER D 179 44.45 30.07 -37.38
CA SER D 179 44.30 30.51 -36.00
C SER D 179 42.89 31.04 -35.81
N VAL D 180 42.14 30.42 -34.90
CA VAL D 180 40.71 30.70 -34.75
C VAL D 180 40.39 31.04 -33.30
N TYR D 181 39.30 31.79 -33.14
CA TYR D 181 38.68 32.09 -31.84
C TYR D 181 37.19 31.86 -32.04
N CYS D 182 36.78 30.60 -31.96
CA CYS D 182 35.41 30.22 -32.30
C CYS D 182 34.42 30.80 -31.29
N PRO D 183 33.20 31.12 -31.74
CA PRO D 183 32.19 31.68 -30.82
C PRO D 183 31.83 30.68 -29.72
N ALA D 184 31.43 31.23 -28.58
CA ALA D 184 31.09 30.43 -27.41
C ALA D 184 29.61 30.42 -27.07
N ASN D 185 28.85 31.44 -27.48
CA ASN D 185 27.44 31.59 -27.16
C ASN D 185 27.24 31.59 -25.64
N SER D 186 27.75 32.64 -25.02
CA SER D 186 27.72 32.75 -23.55
C SER D 186 26.31 33.01 -23.03
N ASN D 187 25.50 33.75 -23.78
CA ASN D 187 24.15 34.10 -23.34
C ASN D 187 23.15 32.97 -23.54
N SER D 188 23.57 31.84 -24.11
CA SER D 188 22.72 30.65 -24.28
C SER D 188 21.46 30.99 -25.07
N SER D 189 21.65 31.70 -26.18
CA SER D 189 20.55 32.09 -27.06
C SER D 189 20.44 31.12 -28.23
N GLU D 190 19.21 30.99 -28.74
CA GLU D 190 18.97 30.10 -29.88
C GLU D 190 19.67 30.62 -31.13
N GLU D 191 19.71 31.94 -31.30
CA GLU D 191 20.41 32.51 -32.45
C GLU D 191 21.91 32.40 -32.31
N GLY D 192 22.43 32.48 -31.07
CA GLY D 192 23.86 32.34 -30.85
C GLY D 192 24.35 30.92 -31.02
N GLU D 193 23.48 29.93 -30.78
CA GLU D 193 23.87 28.55 -30.95
C GLU D 193 23.98 28.17 -32.42
N MET D 194 23.06 28.66 -33.24
CA MET D 194 23.15 28.42 -34.68
C MET D 194 24.37 29.11 -35.28
N PHE D 195 24.73 30.28 -34.76
CA PHE D 195 25.95 30.94 -35.22
C PHE D 195 27.20 30.16 -34.79
N ARG D 196 27.15 29.51 -33.63
CA ARG D 196 28.29 28.71 -33.18
C ARG D 196 28.45 27.45 -34.03
N LEU D 197 27.34 26.77 -34.33
CA LEU D 197 27.41 25.53 -35.10
C LEU D 197 27.80 25.79 -36.55
N ARG D 198 27.22 26.85 -37.15
CA ARG D 198 27.57 27.16 -38.54
C ARG D 198 29.03 27.53 -38.68
N PHE D 199 29.58 28.27 -37.71
CA PHE D 199 30.98 28.66 -37.78
C PHE D 199 31.89 27.44 -37.70
N LEU D 200 31.60 26.52 -36.78
CA LEU D 200 32.46 25.36 -36.60
C LEU D 200 32.38 24.42 -37.80
N LYS D 201 31.19 24.30 -38.39
CA LYS D 201 31.03 23.44 -39.57
C LYS D 201 31.83 23.99 -40.76
N VAL D 202 31.66 25.28 -41.06
CA VAL D 202 32.37 25.87 -42.20
C VAL D 202 33.86 25.85 -41.98
N LEU D 203 34.31 26.04 -40.73
CA LEU D 203 35.73 26.00 -40.43
C LEU D 203 36.32 24.62 -40.68
N LEU D 204 35.72 23.59 -40.09
CA LEU D 204 36.26 22.24 -40.25
C LEU D 204 36.12 21.74 -41.68
N ARG D 205 35.08 22.17 -42.39
CA ARG D 205 34.96 21.83 -43.81
C ARG D 205 36.06 22.52 -44.62
N ARG D 206 36.42 23.75 -44.23
CA ARG D 206 37.54 24.43 -44.87
C ARG D 206 38.85 23.69 -44.61
N VAL D 207 38.97 23.04 -43.45
CA VAL D 207 40.17 22.26 -43.17
C VAL D 207 40.19 20.99 -44.03
N ARG D 208 39.03 20.37 -44.23
CA ARG D 208 38.98 19.18 -45.07
C ARG D 208 39.24 19.52 -46.53
N ASN D 209 38.75 20.69 -46.98
CA ASN D 209 38.99 21.10 -48.37
C ASN D 209 40.47 21.33 -48.62
N LEU D 210 41.14 22.03 -47.70
CA LEU D 210 42.57 22.26 -47.84
C LEU D 210 43.39 21.01 -47.57
N ASP D 211 42.81 19.99 -46.94
CA ASP D 211 43.53 18.74 -46.73
C ASP D 211 43.53 17.88 -47.99
N LYS D 212 42.39 17.83 -48.70
CA LYS D 212 42.32 17.09 -49.95
C LYS D 212 43.18 17.71 -51.04
N ILE D 213 43.47 19.01 -50.94
CA ILE D 213 44.35 19.65 -51.91
C ILE D 213 45.80 19.22 -51.70
N GLY D 214 46.22 19.08 -50.45
CA GLY D 214 47.55 18.62 -50.15
C GLY D 214 48.31 19.49 -49.18
N LYS D 215 47.62 20.45 -48.57
CA LYS D 215 48.25 21.38 -47.64
C LYS D 215 48.48 20.71 -46.29
N LYS D 216 49.56 21.11 -45.63
CA LYS D 216 49.85 20.69 -44.25
C LYS D 216 49.24 21.72 -43.31
N ILE D 217 48.15 21.35 -42.66
CA ILE D 217 47.32 22.30 -41.92
C ILE D 217 47.69 22.26 -40.44
N VAL D 218 47.85 23.44 -39.85
CA VAL D 218 48.10 23.60 -38.42
C VAL D 218 46.95 24.43 -37.86
N LEU D 219 45.99 23.76 -37.23
CA LEU D 219 44.83 24.42 -36.63
C LEU D 219 45.08 24.58 -35.14
N MET D 220 45.05 25.82 -34.66
CA MET D 220 45.31 26.09 -33.26
C MET D 220 44.57 27.35 -32.84
N GLY D 221 44.15 27.39 -31.59
CA GLY D 221 43.45 28.54 -31.05
C GLY D 221 42.44 28.10 -30.01
N ASN D 222 41.44 28.95 -29.82
CA ASN D 222 40.36 28.70 -28.88
C ASN D 222 39.11 28.26 -29.65
N VAL D 223 38.78 26.97 -29.54
CA VAL D 223 37.60 26.43 -30.20
C VAL D 223 36.33 26.57 -29.36
N ASN D 224 36.47 26.78 -28.05
CA ASN D 224 35.33 26.83 -27.12
C ASN D 224 34.53 25.53 -27.12
N VAL D 225 35.21 24.41 -27.39
CA VAL D 225 34.58 23.10 -27.44
C VAL D 225 35.48 22.10 -26.73
N CYS D 226 34.88 21.28 -25.86
N CYS D 226 34.87 21.27 -25.89
CA CYS D 226 35.60 20.23 -25.16
CA CYS D 226 35.58 20.23 -25.16
C CYS D 226 35.46 18.93 -25.95
C CYS D 226 35.46 18.91 -25.91
N ARG D 227 36.58 18.22 -26.13
CA ARG D 227 36.59 17.02 -26.95
C ARG D 227 36.29 15.74 -26.15
N ASP D 228 36.90 15.56 -24.99
CA ASP D 228 36.72 14.36 -24.20
C ASP D 228 36.12 14.71 -22.85
N LEU D 229 35.56 13.69 -22.18
CA LEU D 229 35.01 13.89 -20.85
C LEU D 229 36.09 14.27 -19.84
N ILE D 230 37.32 13.75 -20.03
CA ILE D 230 38.41 14.04 -19.10
C ILE D 230 38.89 15.47 -19.17
N ASP D 231 38.51 16.21 -20.21
CA ASP D 231 38.89 17.62 -20.35
C ASP D 231 37.85 18.57 -19.79
N SER D 232 36.92 18.09 -18.98
CA SER D 232 35.83 18.91 -18.46
C SER D 232 35.65 18.60 -16.97
N ALA D 233 36.21 19.46 -16.11
CA ALA D 233 35.99 19.31 -14.69
C ALA D 233 34.53 19.52 -14.32
N ASP D 234 33.82 20.37 -15.07
CA ASP D 234 32.41 20.61 -14.79
C ASP D 234 31.58 19.35 -15.01
N THR D 235 31.83 18.64 -16.12
CA THR D 235 31.04 17.46 -16.43
C THR D 235 31.48 16.26 -15.60
N LEU D 236 32.75 16.20 -15.20
CA LEU D 236 33.19 15.11 -14.34
C LEU D 236 32.51 15.14 -12.98
N GLU D 237 32.36 16.35 -12.41
CA GLU D 237 31.68 16.47 -11.13
C GLU D 237 30.18 16.24 -11.28
N GLN D 238 29.62 16.52 -12.47
CA GLN D 238 28.20 16.30 -12.69
C GLN D 238 27.86 14.81 -12.64
N PHE D 239 28.69 13.97 -13.26
CA PHE D 239 28.49 12.53 -13.26
C PHE D 239 29.04 11.85 -12.01
N SER D 240 29.47 12.63 -11.01
CA SER D 240 30.02 12.10 -9.76
C SER D 240 31.23 11.21 -10.04
N ILE D 241 32.15 11.71 -10.84
CA ILE D 241 33.37 10.97 -11.18
C ILE D 241 34.55 11.63 -10.46
N PRO D 242 35.01 11.08 -9.35
CA PRO D 242 36.14 11.68 -8.64
C PRO D 242 37.45 11.44 -9.38
N ILE D 243 38.42 12.31 -9.09
CA ILE D 243 39.75 12.25 -9.68
C ILE D 243 40.75 12.01 -8.55
N THR D 244 41.30 10.79 -8.49
CA THR D 244 42.29 10.43 -7.49
C THR D 244 43.70 10.38 -8.06
N ASP D 245 43.88 9.73 -9.21
CA ASP D 245 45.18 9.63 -9.85
C ASP D 245 45.27 10.68 -10.94
N PRO D 246 46.19 11.65 -10.84
CA PRO D 246 46.34 12.62 -11.94
C PRO D 246 46.85 12.00 -13.23
N MET D 247 47.40 10.78 -13.19
CA MET D 247 47.84 10.07 -14.37
C MET D 247 47.00 8.84 -14.66
N GLY D 248 45.78 8.79 -14.14
CA GLY D 248 44.89 7.67 -14.37
C GLY D 248 43.81 7.97 -15.38
N GLY D 249 44.20 8.57 -16.50
CA GLY D 249 43.22 8.92 -17.52
C GLY D 249 42.70 7.71 -18.28
N THR D 250 43.60 6.76 -18.60
CA THR D 250 43.16 5.54 -19.28
C THR D 250 42.27 4.70 -18.36
N LYS D 251 42.58 4.69 -17.06
CA LYS D 251 41.74 3.94 -16.11
C LYS D 251 40.40 4.61 -15.88
N LEU D 252 40.29 5.92 -16.12
CA LEU D 252 39.01 6.60 -15.96
C LEU D 252 38.11 6.38 -17.16
N GLU D 253 38.66 6.47 -18.37
CA GLU D 253 37.88 6.24 -19.59
C GLU D 253 37.55 4.78 -19.81
N ALA D 254 38.12 3.87 -19.01
CA ALA D 254 37.78 2.46 -19.10
C ALA D 254 36.64 2.10 -18.16
N GLN D 255 36.67 2.58 -16.92
CA GLN D 255 35.57 2.34 -15.99
C GLN D 255 34.32 3.10 -16.41
N TYR D 256 34.46 4.38 -16.75
CA TYR D 256 33.36 5.20 -17.23
C TYR D 256 33.38 5.28 -18.75
N ARG D 257 33.50 4.11 -19.40
CA ARG D 257 33.54 4.08 -20.86
C ARG D 257 32.20 4.49 -21.46
N ASP D 258 31.09 4.19 -20.77
CA ASP D 258 29.78 4.59 -21.28
C ASP D 258 29.64 6.11 -21.33
N LYS D 259 30.00 6.78 -20.23
CA LYS D 259 29.89 8.23 -20.18
C LYS D 259 30.86 8.92 -21.14
N ALA D 260 32.01 8.30 -21.41
CA ALA D 260 32.99 8.92 -22.30
C ALA D 260 32.54 8.90 -23.75
N ILE D 261 31.78 7.89 -24.16
CA ILE D 261 31.32 7.83 -25.55
C ILE D 261 30.06 8.66 -25.73
N GLN D 262 29.12 8.57 -24.77
CA GLN D 262 27.93 9.43 -24.80
C GLN D 262 28.32 10.90 -24.79
N PHE D 263 29.47 11.23 -24.19
CA PHE D 263 29.93 12.60 -24.15
C PHE D 263 30.22 13.15 -25.54
N ILE D 264 30.63 12.29 -26.47
CA ILE D 264 30.99 12.73 -27.82
C ILE D 264 29.78 12.76 -28.73
N ILE D 265 28.95 11.72 -28.68
CA ILE D 265 27.86 11.56 -29.65
C ILE D 265 26.57 12.14 -29.11
N ASN D 266 26.65 12.95 -28.06
CA ASN D 266 25.46 13.53 -27.47
C ASN D 266 24.80 14.48 -28.45
N PRO D 267 23.54 14.24 -28.85
CA PRO D 267 22.87 15.16 -29.78
C PRO D 267 22.50 16.50 -29.16
N ASP D 268 22.41 16.57 -27.83
CA ASP D 268 22.12 17.85 -27.18
C ASP D 268 23.33 18.78 -27.19
N THR D 269 24.53 18.24 -27.40
CA THR D 269 25.76 19.02 -27.56
C THR D 269 26.41 18.64 -28.88
N PRO D 270 25.81 19.04 -30.01
CA PRO D 270 26.31 18.59 -31.31
C PRO D 270 27.66 19.19 -31.68
N HIS D 271 28.05 20.31 -31.08
CA HIS D 271 29.35 20.90 -31.38
C HIS D 271 30.49 19.97 -30.99
N ARG D 272 30.31 19.20 -29.92
CA ARG D 272 31.35 18.27 -29.49
C ARG D 272 31.48 17.10 -30.46
N ARG D 273 30.36 16.68 -31.07
CA ARG D 273 30.43 15.61 -32.06
C ARG D 273 31.14 16.08 -33.32
N ILE D 274 30.83 17.29 -33.78
CA ILE D 274 31.45 17.82 -34.99
C ILE D 274 32.95 17.98 -34.78
N PHE D 275 33.37 18.36 -33.57
CA PHE D 275 34.78 18.51 -33.28
C PHE D 275 35.52 17.18 -33.39
N ASN D 276 34.95 16.12 -32.83
CA ASN D 276 35.62 14.82 -32.86
C ASN D 276 35.70 14.22 -34.25
N GLN D 277 34.85 14.67 -35.18
CA GLN D 277 34.87 14.12 -36.53
C GLN D 277 36.21 14.39 -37.21
N ILE D 278 36.76 15.60 -37.03
CA ILE D 278 38.03 15.95 -37.66
C ILE D 278 39.23 15.46 -36.88
N LEU D 279 39.04 14.97 -35.66
CA LEU D 279 40.14 14.49 -34.83
C LEU D 279 40.44 13.04 -35.19
N ALA D 280 41.67 12.78 -35.65
CA ALA D 280 42.07 11.42 -35.97
C ALA D 280 42.30 10.59 -34.71
N ASP D 281 42.60 11.22 -33.58
CA ASP D 281 42.79 10.53 -32.32
C ASP D 281 41.54 10.55 -31.44
N SER D 282 40.37 10.63 -32.06
CA SER D 282 39.12 10.61 -31.32
C SER D 282 38.91 9.24 -30.66
N LEU D 283 38.08 9.24 -29.62
CA LEU D 283 37.82 8.03 -28.84
C LEU D 283 36.92 7.04 -29.57
N LEU D 284 36.38 7.40 -30.73
CA LEU D 284 35.54 6.50 -31.50
C LEU D 284 36.38 5.54 -32.33
N PRO D 285 35.83 4.38 -32.68
CA PRO D 285 36.64 3.37 -33.41
C PRO D 285 37.11 3.83 -34.78
N ASP D 286 36.22 4.41 -35.59
CA ASP D 286 36.54 4.77 -36.96
C ASP D 286 37.32 6.08 -37.08
N ALA D 287 37.98 6.50 -36.01
CA ALA D 287 38.70 7.78 -36.04
C ALA D 287 39.82 7.81 -37.05
N SER D 288 40.55 6.70 -37.10
CA SER D 288 41.67 6.56 -37.99
C SER D 288 41.29 6.90 -39.41
N LYS D 289 40.38 6.16 -39.99
CA LYS D 289 40.02 6.45 -41.35
C LYS D 289 39.40 7.82 -41.47
N ARG D 290 38.50 8.12 -40.56
CA ARG D 290 37.79 9.37 -40.56
C ARG D 290 38.48 10.70 -40.26
N GLY D 291 39.39 10.72 -39.31
CA GLY D 291 40.01 11.96 -38.90
C GLY D 291 41.43 12.32 -39.25
N ILE D 292 41.62 13.55 -39.72
CA ILE D 292 42.92 14.04 -40.17
C ILE D 292 43.82 14.81 -39.18
N LEU D 293 43.23 15.44 -38.17
CA LEU D 293 43.99 16.26 -37.24
C LEU D 293 44.34 15.45 -35.98
N ILE D 294 45.45 15.82 -35.36
CA ILE D 294 45.95 15.13 -34.17
C ILE D 294 46.11 16.15 -33.05
N ASP D 295 45.56 15.83 -31.88
CA ASP D 295 45.72 16.68 -30.70
C ASP D 295 47.13 16.55 -30.18
N THR D 296 47.95 17.59 -30.41
CA THR D 296 49.35 17.53 -29.99
C THR D 296 49.48 17.45 -28.48
N THR D 297 48.61 18.17 -27.75
CA THR D 297 48.70 18.15 -26.30
C THR D 297 48.29 16.79 -25.73
N ARG D 298 47.25 16.17 -26.30
CA ARG D 298 46.85 14.85 -25.84
C ARG D 298 47.80 13.75 -26.31
N LEU D 299 48.65 14.04 -27.29
CA LEU D 299 49.56 13.02 -27.79
C LEU D 299 50.83 12.94 -26.95
N ILE D 300 51.49 14.07 -26.74
CA ILE D 300 52.73 14.09 -25.96
C ILE D 300 52.45 13.78 -24.50
N GLN D 301 51.47 14.47 -23.92
CA GLN D 301 51.08 14.24 -22.53
C GLN D 301 50.26 12.98 -22.35
N THR D 302 50.04 12.21 -23.42
CA THR D 302 49.22 11.00 -23.43
C THR D 302 47.79 11.28 -22.99
N ARG D 303 46.95 10.26 -22.97
CA ARG D 303 45.58 10.38 -22.51
C ARG D 303 45.43 10.08 -21.02
N ASN D 304 46.53 10.02 -20.29
CA ASN D 304 46.49 9.72 -18.87
C ASN D 304 46.47 10.97 -18.00
N ARG D 305 47.06 12.07 -18.47
CA ARG D 305 47.15 13.29 -17.68
C ARG D 305 45.76 13.90 -17.51
N LEU D 306 45.18 13.70 -16.33
CA LEU D 306 43.90 14.32 -16.01
C LEU D 306 44.11 15.76 -15.55
N LYS D 307 43.00 16.50 -15.48
CA LYS D 307 43.01 17.92 -15.09
C LYS D 307 43.97 18.74 -15.94
N MET D 308 44.09 18.41 -17.23
CA MET D 308 44.95 19.17 -18.13
C MET D 308 44.19 20.37 -18.68
N TYR D 309 43.60 21.17 -17.79
CA TYR D 309 42.69 22.23 -18.21
C TYR D 309 43.48 23.46 -18.65
N THR D 310 42.87 24.22 -19.56
CA THR D 310 43.47 25.44 -20.07
C THR D 310 42.60 26.67 -19.85
N VAL D 311 41.47 26.55 -19.17
CA VAL D 311 40.61 27.70 -18.89
C VAL D 311 39.87 27.44 -17.58
N TRP D 312 39.76 28.48 -16.75
CA TRP D 312 39.08 28.39 -15.47
C TRP D 312 38.17 29.60 -15.30
N ASN D 313 37.10 29.41 -14.53
CA ASN D 313 36.18 30.50 -14.22
C ASN D 313 36.85 31.40 -13.19
N MET D 314 37.33 32.56 -13.66
CA MET D 314 38.06 33.46 -12.77
C MET D 314 37.16 34.04 -11.69
N LEU D 315 35.91 34.35 -12.03
CA LEU D 315 34.99 34.96 -11.09
C LEU D 315 34.61 34.01 -9.95
N LYS D 316 34.91 32.72 -10.07
CA LYS D 316 34.59 31.75 -9.04
C LYS D 316 35.83 31.17 -8.36
N ASN D 317 37.02 31.67 -8.67
CA ASN D 317 38.26 31.24 -8.03
C ASN D 317 38.52 29.74 -8.25
N LEU D 318 38.25 29.28 -9.46
CA LEU D 318 38.42 27.87 -9.79
C LEU D 318 39.78 27.56 -10.39
N ARG D 319 40.65 28.57 -10.52
CA ARG D 319 41.99 28.34 -11.09
C ARG D 319 42.97 27.78 -10.06
N PRO D 320 42.98 28.26 -8.80
CA PRO D 320 43.85 27.62 -7.81
C PRO D 320 43.56 26.15 -7.60
N SER D 321 42.28 25.77 -7.59
CA SER D 321 41.90 24.37 -7.44
C SER D 321 42.02 23.56 -8.73
N ASN D 322 42.41 24.20 -9.83
CA ASN D 322 42.55 23.55 -11.14
C ASN D 322 41.24 22.86 -11.54
N TYR D 323 40.17 23.66 -11.58
CA TYR D 323 38.84 23.20 -11.92
C TYR D 323 38.37 23.99 -13.15
N GLY D 324 38.48 23.37 -14.31
CA GLY D 324 38.09 24.03 -15.55
C GLY D 324 38.01 23.10 -16.73
N SER D 325 38.16 23.66 -17.93
CA SER D 325 38.07 22.91 -19.18
C SER D 325 39.33 23.13 -20.00
N ARG D 326 39.42 22.40 -21.12
CA ARG D 326 40.54 22.51 -22.06
C ARG D 326 39.95 22.84 -23.43
N ILE D 327 39.79 24.13 -23.71
CA ILE D 327 39.21 24.58 -24.98
C ILE D 327 40.26 25.15 -25.92
N ASP D 328 41.53 25.05 -25.56
CA ASP D 328 42.64 25.58 -26.36
C ASP D 328 43.45 24.41 -26.90
N PHE D 329 43.63 24.36 -28.22
CA PHE D 329 44.25 23.23 -28.87
C PHE D 329 45.30 23.69 -29.86
N ILE D 330 46.17 22.75 -30.23
CA ILE D 330 47.10 22.91 -31.35
C ILE D 330 47.02 21.62 -32.15
N LEU D 331 46.35 21.68 -33.29
CA LEU D 331 46.07 20.49 -34.09
C LEU D 331 46.88 20.54 -35.38
N VAL D 332 47.48 19.42 -35.73
CA VAL D 332 48.30 19.30 -36.94
C VAL D 332 47.78 18.13 -37.77
N SER D 333 48.08 18.18 -39.07
CA SER D 333 47.63 17.15 -40.00
C SER D 333 48.41 15.85 -39.76
N LEU D 334 47.93 14.78 -40.41
CA LEU D 334 48.61 13.49 -40.30
C LEU D 334 49.99 13.52 -40.95
N LYS D 335 50.18 14.38 -41.95
CA LYS D 335 51.48 14.50 -42.60
C LYS D 335 52.53 15.11 -41.68
N LEU D 336 52.11 15.74 -40.58
CA LEU D 336 53.02 16.34 -39.61
C LEU D 336 53.01 15.58 -38.29
N GLU D 337 52.65 14.30 -38.32
CA GLU D 337 52.53 13.52 -37.08
C GLU D 337 53.91 13.20 -36.50
N ARG D 338 54.82 12.69 -37.33
CA ARG D 338 56.14 12.31 -36.85
C ARG D 338 57.01 13.51 -36.49
N CYS D 339 56.54 14.73 -36.77
CA CYS D 339 57.30 15.94 -36.50
C CYS D 339 57.08 16.49 -35.10
N ILE D 340 56.08 15.98 -34.37
CA ILE D 340 55.76 16.48 -33.04
C ILE D 340 56.88 16.06 -32.09
N LYS D 341 57.65 17.04 -31.62
CA LYS D 341 58.75 16.80 -30.69
C LYS D 341 58.37 17.04 -29.24
N ALA D 342 57.55 18.05 -28.97
CA ALA D 342 57.13 18.36 -27.61
C ALA D 342 55.81 19.14 -27.67
N ALA D 343 55.01 18.98 -26.62
CA ALA D 343 53.73 19.67 -26.52
C ALA D 343 53.24 19.60 -25.09
N ASP D 344 52.88 20.76 -24.53
CA ASP D 344 52.41 20.81 -23.15
C ASP D 344 51.67 22.13 -22.96
N ILE D 345 50.97 22.24 -21.84
CA ILE D 345 50.27 23.46 -21.46
C ILE D 345 51.11 24.17 -20.40
N LEU D 346 50.85 25.47 -20.24
CA LEU D 346 51.58 26.31 -19.30
C LEU D 346 50.57 26.97 -18.35
N PRO D 347 50.03 26.21 -17.39
CA PRO D 347 49.04 26.80 -16.47
C PRO D 347 49.64 27.80 -15.50
N ASP D 348 50.97 27.82 -15.33
CA ASP D 348 51.59 28.74 -14.41
C ASP D 348 51.62 30.17 -14.94
N ILE D 349 51.51 30.35 -16.25
CA ILE D 349 51.53 31.68 -16.83
C ILE D 349 50.21 32.39 -16.54
N LEU D 350 50.30 33.61 -16.03
CA LEU D 350 49.14 34.40 -15.68
C LEU D 350 48.88 35.45 -16.76
N GLY D 351 47.88 36.30 -16.52
CA GLY D 351 47.53 37.36 -17.44
C GLY D 351 46.16 37.22 -18.07
N SER D 352 45.47 36.12 -17.84
CA SER D 352 44.16 35.88 -18.44
C SER D 352 43.47 34.76 -17.68
N ASP D 353 42.23 34.45 -18.09
CA ASP D 353 41.52 33.29 -17.58
C ASP D 353 41.92 32.01 -18.31
N HIS D 354 42.68 32.10 -19.39
CA HIS D 354 43.24 30.96 -20.09
C HIS D 354 44.74 30.86 -19.80
N CYS D 355 45.33 29.75 -20.25
CA CYS D 355 46.76 29.57 -20.16
C CYS D 355 47.30 29.14 -21.51
N PRO D 356 48.54 29.53 -21.83
CA PRO D 356 49.08 29.23 -23.17
C PRO D 356 49.27 27.75 -23.41
N VAL D 357 49.36 27.40 -24.69
CA VAL D 357 49.61 26.04 -25.15
C VAL D 357 50.68 26.12 -26.23
N TYR D 358 51.71 25.28 -26.11
CA TYR D 358 52.82 25.30 -27.05
C TYR D 358 53.08 23.89 -27.58
N SER D 359 53.69 23.83 -28.76
CA SER D 359 54.04 22.56 -29.39
C SER D 359 55.26 22.77 -30.29
N ASP D 360 56.25 21.91 -30.13
CA ASP D 360 57.49 21.99 -30.89
C ASP D 360 57.47 20.97 -32.02
N LEU D 361 57.81 21.43 -33.24
CA LEU D 361 57.83 20.59 -34.42
C LEU D 361 59.14 20.78 -35.17
N ASP D 362 59.59 19.74 -35.87
CA ASP D 362 60.87 19.76 -36.64
C ASP D 362 60.60 19.52 -38.14
N GLN D 374 64.25 38.62 -52.45
CA GLN D 374 63.09 39.18 -51.79
C GLN D 374 61.82 38.43 -52.16
N VAL D 375 61.00 38.12 -51.15
CA VAL D 375 59.77 37.39 -51.37
C VAL D 375 58.55 38.31 -51.21
N PRO D 376 57.58 38.17 -52.11
CA PRO D 376 56.34 38.98 -52.11
C PRO D 376 55.64 38.94 -50.76
N ILE D 377 55.15 40.09 -50.31
CA ILE D 377 54.45 40.17 -49.03
C ILE D 377 52.95 40.31 -49.23
N PRO D 378 52.17 39.45 -48.55
CA PRO D 378 50.70 39.46 -48.62
C PRO D 378 50.11 40.81 -48.24
N LYS D 379 49.05 41.21 -48.92
CA LYS D 379 48.38 42.47 -48.64
C LYS D 379 47.63 42.48 -47.31
N PHE D 380 47.55 41.34 -46.62
CA PHE D 380 46.86 41.28 -45.34
C PHE D 380 47.75 41.61 -44.15
N GLU D 381 49.06 41.75 -44.37
CA GLU D 381 49.95 42.13 -43.28
C GLU D 381 49.49 43.44 -42.64
N ALA D 382 49.70 43.54 -41.33
CA ALA D 382 49.20 44.69 -40.58
C ALA D 382 49.76 46.01 -41.08
N ARG D 383 50.93 46.00 -41.72
CA ARG D 383 51.49 47.22 -42.28
C ARG D 383 50.78 47.66 -43.55
N TYR D 384 50.11 46.74 -44.24
CA TYR D 384 49.41 47.02 -45.49
C TYR D 384 47.90 47.00 -45.35
N LYS D 385 47.35 46.05 -44.60
CA LYS D 385 45.91 45.96 -44.43
C LYS D 385 45.37 47.19 -43.69
N TYR D 386 46.02 47.55 -42.58
CA TYR D 386 45.62 48.70 -41.78
C TYR D 386 46.39 49.97 -42.13
N ASN D 387 47.25 49.90 -43.14
CA ASN D 387 47.98 51.06 -43.65
C ASN D 387 48.92 51.84 -42.73
N LEU D 388 50.02 51.22 -42.33
CA LEU D 388 50.91 51.77 -41.32
C LEU D 388 52.08 52.51 -41.98
#